data_2YPT
#
_entry.id   2YPT
#
_cell.length_a   61.320
_cell.length_b   95.540
_cell.length_c   132.030
_cell.angle_alpha   76.26
_cell.angle_beta   79.67
_cell.angle_gamma   72.30
#
_symmetry.space_group_name_H-M   'P 1'
#
loop_
_entity.id
_entity.type
_entity.pdbx_description
1 polymer 'CAAX PRENYL PROTEASE 1 HOMOLOG'
2 polymer PRELAMIN-A/C
3 non-polymer 'ZINC ION'
#
loop_
_entity_poly.entity_id
_entity_poly.type
_entity_poly.pdbx_seq_one_letter_code
_entity_poly.pdbx_strand_id
1 'polypeptide(L)'
;MGMWASLDALWEMPAEKRIFGAVLLFSWTVYLWETFLAQRQRRIYKTTTHVPPELGQIMDSETFEKSRLYQLDKSTFSFW
SGLYSETEGTLILLFGGIPYLWRLSGRFCGYAGFGPEYEITQSLVFLLLATLFSALAGLPWSLYNTFVIEEKHGFNQQTL
GFFMKDAIKKFVVTQCILLPVSSLLLYIIKIGGDYFFIYAWLFTLVVSLVLVTIYADYIAPLFDKFTPLPEGKLKEEIEV
MAKSIDFPLTKVYVVEGSKRSSHSNAYFYGFFKNKRIVLFDTLLEEYSVLNKDIQEDSGMEPRNEEEGNSEEIKAKVKNK
KQGCKNEEVLAVLGHALGHWKLGHTVKNIIISQMNSFLCFFLFAVLIGRKELFAAFGFYDSQPTLIGLLIIFQFIFSPYN
EVLSFCLTVLSRRFEFQADAFAKKLGKAKDLYSALIKLNKDNLGFPVSDWLFSMWHYSHPPLLERLQALKTMKQHAENLY
FQ
;
A,B,D,E
2 'polypeptide(L)' CSIM F,G,H,I
#
# COMPACT_ATOMS: atom_id res chain seq x y z
N GLY A 2 -26.71 -0.86 -51.73
CA GLY A 2 -25.43 -0.21 -51.56
C GLY A 2 -25.43 1.27 -51.89
N MET A 3 -25.97 1.61 -53.08
CA MET A 3 -26.08 2.99 -53.58
C MET A 3 -27.54 3.50 -53.53
N TRP A 4 -28.52 2.61 -53.82
CA TRP A 4 -29.95 2.94 -53.82
C TRP A 4 -30.49 3.18 -52.40
N ALA A 5 -29.86 2.58 -51.37
CA ALA A 5 -30.25 2.72 -49.97
C ALA A 5 -29.69 4.00 -49.34
N SER A 6 -28.60 4.56 -49.91
CA SER A 6 -27.93 5.78 -49.44
C SER A 6 -28.66 7.06 -49.89
N LEU A 7 -29.62 6.93 -50.84
CA LEU A 7 -30.42 8.03 -51.41
C LEU A 7 -31.76 8.25 -50.65
N ASP A 8 -32.08 7.38 -49.67
CA ASP A 8 -33.31 7.46 -48.87
C ASP A 8 -33.27 8.65 -47.90
N ALA A 9 -34.35 9.45 -47.87
CA ALA A 9 -34.49 10.64 -47.03
C ALA A 9 -35.44 10.40 -45.84
N LEU A 10 -35.05 10.88 -44.64
CA LEU A 10 -35.79 10.76 -43.39
C LEU A 10 -36.53 12.05 -43.04
N TRP A 11 -37.84 11.95 -42.73
CA TRP A 11 -38.68 13.10 -42.36
C TRP A 11 -38.76 13.24 -40.82
N GLU A 12 -37.82 12.59 -40.10
CA GLU A 12 -37.72 12.57 -38.64
C GLU A 12 -36.29 12.82 -38.14
N MET A 13 -35.26 12.52 -38.97
CA MET A 13 -33.85 12.68 -38.58
C MET A 13 -33.01 13.50 -39.60
N PRO A 14 -31.97 14.27 -39.16
CA PRO A 14 -31.16 15.04 -40.13
C PRO A 14 -30.07 14.20 -40.79
N ALA A 15 -29.39 14.75 -41.82
CA ALA A 15 -28.36 14.04 -42.58
C ALA A 15 -26.93 14.36 -42.10
N GLU A 16 -26.48 15.62 -42.27
CA GLU A 16 -25.13 16.07 -41.90
C GLU A 16 -24.93 16.07 -40.38
N LYS A 17 -25.99 16.37 -39.61
CA LYS A 17 -25.96 16.40 -38.14
C LYS A 17 -25.84 14.99 -37.56
N ARG A 18 -26.39 13.97 -38.25
CA ARG A 18 -26.37 12.57 -37.83
C ARG A 18 -24.98 11.94 -37.93
N ILE A 19 -24.21 12.25 -39.02
CA ILE A 19 -22.86 11.71 -39.25
C ILE A 19 -21.83 12.39 -38.33
N PHE A 20 -22.06 13.66 -37.95
CA PHE A 20 -21.17 14.38 -37.04
C PHE A 20 -21.28 13.77 -35.64
N GLY A 21 -22.50 13.52 -35.19
CA GLY A 21 -22.80 12.92 -33.89
C GLY A 21 -22.27 11.50 -33.79
N ALA A 22 -22.33 10.74 -34.90
CA ALA A 22 -21.84 9.37 -35.02
C ALA A 22 -20.33 9.30 -34.73
N VAL A 23 -19.57 10.30 -35.23
CA VAL A 23 -18.12 10.45 -35.04
C VAL A 23 -17.81 10.62 -33.54
N LEU A 24 -18.51 11.57 -32.88
CA LEU A 24 -18.36 11.89 -31.47
C LEU A 24 -18.84 10.78 -30.56
N LEU A 25 -19.94 10.09 -30.94
CA LEU A 25 -20.49 8.97 -30.18
C LEU A 25 -19.51 7.80 -30.15
N PHE A 26 -18.81 7.56 -31.27
CA PHE A 26 -17.81 6.50 -31.38
C PHE A 26 -16.56 6.86 -30.59
N SER A 27 -16.10 8.12 -30.72
CA SER A 27 -14.91 8.65 -30.04
C SER A 27 -15.05 8.55 -28.52
N TRP A 28 -16.28 8.67 -27.99
CA TRP A 28 -16.56 8.60 -26.56
C TRP A 28 -16.75 7.16 -26.08
N THR A 29 -17.36 6.27 -26.88
CA THR A 29 -17.54 4.86 -26.49
C THR A 29 -16.18 4.16 -26.42
N VAL A 30 -15.28 4.45 -27.40
CA VAL A 30 -13.92 3.93 -27.47
C VAL A 30 -13.17 4.43 -26.23
N TYR A 31 -13.32 5.73 -25.90
CA TYR A 31 -12.72 6.35 -24.72
C TYR A 31 -13.21 5.65 -23.44
N LEU A 32 -14.54 5.48 -23.29
CA LEU A 32 -15.16 4.83 -22.12
C LEU A 32 -14.74 3.36 -22.00
N TRP A 33 -14.50 2.69 -23.15
CA TRP A 33 -14.02 1.31 -23.18
C TRP A 33 -12.59 1.24 -22.64
N GLU A 34 -11.74 2.17 -23.09
CA GLU A 34 -10.34 2.29 -22.68
C GLU A 34 -10.23 2.74 -21.22
N THR A 35 -11.21 3.57 -20.75
CA THR A 35 -11.26 4.06 -19.37
C THR A 35 -11.70 2.92 -18.44
N PHE A 36 -12.65 2.06 -18.90
CA PHE A 36 -13.10 0.89 -18.15
C PHE A 36 -11.91 -0.07 -17.94
N LEU A 37 -11.10 -0.26 -19.00
CA LEU A 37 -9.89 -1.07 -19.01
C LEU A 37 -8.84 -0.47 -18.09
N ALA A 38 -8.69 0.87 -18.12
CA ALA A 38 -7.76 1.61 -17.27
C ALA A 38 -8.15 1.46 -15.80
N GLN A 39 -9.47 1.49 -15.50
CA GLN A 39 -10.03 1.32 -14.16
C GLN A 39 -9.79 -0.12 -13.67
N ARG A 40 -9.96 -1.09 -14.58
CA ARG A 40 -9.77 -2.53 -14.34
C ARG A 40 -8.31 -2.83 -13.95
N GLN A 41 -7.34 -2.19 -14.62
CA GLN A 41 -5.92 -2.39 -14.34
C GLN A 41 -5.44 -1.54 -13.16
N ARG A 42 -6.11 -0.41 -12.87
CA ARG A 42 -5.79 0.45 -11.72
C ARG A 42 -6.12 -0.29 -10.42
N ARG A 43 -7.19 -1.12 -10.47
CA ARG A 43 -7.64 -1.95 -9.35
C ARG A 43 -6.58 -3.00 -9.00
N ILE A 44 -5.91 -3.58 -10.03
CA ILE A 44 -4.84 -4.57 -9.88
C ILE A 44 -3.66 -3.98 -9.08
N TYR A 45 -3.27 -2.73 -9.40
CA TYR A 45 -2.18 -2.02 -8.71
C TYR A 45 -2.53 -1.76 -7.24
N LYS A 46 -3.80 -1.43 -6.95
CA LYS A 46 -4.30 -1.13 -5.61
C LYS A 46 -4.56 -2.40 -4.78
N THR A 47 -5.02 -3.50 -5.42
CA THR A 47 -5.34 -4.75 -4.73
C THR A 47 -4.08 -5.59 -4.46
N THR A 48 -3.31 -5.94 -5.51
CA THR A 48 -2.11 -6.78 -5.38
C THR A 48 -0.97 -5.98 -4.69
N THR A 49 -1.01 -5.94 -3.35
CA THR A 49 -0.04 -5.27 -2.49
C THR A 49 1.07 -6.26 -2.06
N HIS A 50 0.74 -7.57 -2.03
CA HIS A 50 1.66 -8.65 -1.68
C HIS A 50 2.26 -9.26 -2.96
N VAL A 51 3.55 -9.64 -2.90
CA VAL A 51 4.29 -10.23 -4.04
C VAL A 51 3.76 -11.66 -4.32
N PRO A 52 3.39 -11.99 -5.60
CA PRO A 52 2.86 -13.36 -5.87
C PRO A 52 3.93 -14.45 -5.74
N PRO A 53 3.57 -15.72 -5.42
CA PRO A 53 4.60 -16.78 -5.29
C PRO A 53 5.28 -17.13 -6.62
N GLU A 54 4.54 -17.03 -7.73
CA GLU A 54 5.05 -17.29 -9.09
C GLU A 54 6.03 -16.19 -9.50
N LEU A 55 5.68 -14.92 -9.19
CA LEU A 55 6.49 -13.73 -9.48
C LEU A 55 7.40 -13.37 -8.26
N GLY A 56 7.73 -14.38 -7.44
CA GLY A 56 8.57 -14.25 -6.25
C GLY A 56 10.04 -14.12 -6.55
N GLN A 57 10.53 -14.86 -7.58
CA GLN A 57 11.92 -14.82 -8.02
C GLN A 57 12.17 -13.63 -8.96
N ILE A 58 11.10 -13.10 -9.59
CA ILE A 58 11.14 -11.99 -10.55
C ILE A 58 11.45 -10.65 -9.84
N MET A 59 10.80 -10.34 -8.69
CA MET A 59 11.07 -9.10 -7.96
C MET A 59 10.87 -9.24 -6.46
N ASP A 60 11.77 -8.62 -5.66
CA ASP A 60 11.72 -8.60 -4.19
C ASP A 60 10.65 -7.59 -3.73
N SER A 61 10.20 -7.69 -2.46
CA SER A 61 9.17 -6.85 -1.84
C SER A 61 9.45 -5.33 -1.97
N GLU A 62 10.74 -4.93 -1.86
CA GLU A 62 11.13 -3.52 -1.97
C GLU A 62 10.98 -3.02 -3.40
N THR A 63 11.47 -3.79 -4.38
CA THR A 63 11.40 -3.48 -5.82
C THR A 63 9.93 -3.52 -6.29
N PHE A 64 9.15 -4.49 -5.79
CA PHE A 64 7.73 -4.67 -6.13
C PHE A 64 6.87 -3.48 -5.66
N GLU A 65 7.09 -2.99 -4.42
CA GLU A 65 6.35 -1.85 -3.88
C GLU A 65 6.78 -0.55 -4.57
N LYS A 66 8.08 -0.46 -4.96
CA LYS A 66 8.62 0.69 -5.69
C LYS A 66 7.98 0.76 -7.07
N SER A 67 7.72 -0.41 -7.69
CA SER A 67 7.06 -0.56 -8.98
C SER A 67 5.56 -0.31 -8.86
N ARG A 68 4.93 -0.79 -7.76
CA ARG A 68 3.50 -0.65 -7.45
C ARG A 68 3.11 0.83 -7.38
N LEU A 69 3.88 1.62 -6.59
CA LEU A 69 3.69 3.05 -6.39
C LEU A 69 3.87 3.82 -7.70
N TYR A 70 4.91 3.46 -8.48
CA TYR A 70 5.27 4.10 -9.76
C TYR A 70 4.18 3.92 -10.81
N GLN A 71 3.67 2.70 -10.97
CA GLN A 71 2.61 2.40 -11.94
C GLN A 71 1.27 3.00 -11.50
N LEU A 72 1.07 3.20 -10.17
CA LEU A 72 -0.14 3.80 -9.61
C LEU A 72 -0.19 5.30 -9.95
N ASP A 73 0.96 6.01 -9.78
CA ASP A 73 1.11 7.44 -10.08
C ASP A 73 0.96 7.68 -11.57
N LYS A 74 1.45 6.74 -12.39
CA LYS A 74 1.39 6.77 -13.85
C LYS A 74 -0.06 6.62 -14.32
N SER A 75 -0.83 5.72 -13.66
CA SER A 75 -2.24 5.43 -13.96
C SER A 75 -3.13 6.66 -13.69
N THR A 76 -2.90 7.33 -12.54
CA THR A 76 -3.65 8.53 -12.12
C THR A 76 -3.46 9.65 -13.15
N PHE A 77 -2.19 9.91 -13.55
CA PHE A 77 -1.84 10.93 -14.54
C PHE A 77 -2.44 10.58 -15.89
N SER A 78 -2.32 9.30 -16.30
CA SER A 78 -2.83 8.75 -17.56
C SER A 78 -4.32 9.05 -17.74
N PHE A 79 -5.09 9.00 -16.64
CA PHE A 79 -6.53 9.27 -16.67
C PHE A 79 -6.83 10.76 -16.95
N TRP A 80 -6.36 11.67 -16.09
CA TRP A 80 -6.60 13.11 -16.17
C TRP A 80 -6.00 13.74 -17.43
N SER A 81 -4.80 13.30 -17.86
CA SER A 81 -4.18 13.80 -19.09
C SER A 81 -4.99 13.30 -20.31
N GLY A 82 -5.52 12.07 -20.19
CA GLY A 82 -6.37 11.45 -21.21
C GLY A 82 -7.76 12.05 -21.25
N LEU A 83 -8.31 12.39 -20.08
CA LEU A 83 -9.64 12.99 -19.93
C LEU A 83 -9.64 14.40 -20.51
N TYR A 84 -8.57 15.19 -20.24
CA TYR A 84 -8.41 16.55 -20.74
C TYR A 84 -8.42 16.55 -22.27
N SER A 85 -7.69 15.60 -22.87
CA SER A 85 -7.57 15.41 -24.33
C SER A 85 -8.95 15.12 -24.94
N GLU A 86 -9.67 14.12 -24.39
CA GLU A 86 -10.98 13.71 -24.87
C GLU A 86 -12.02 14.82 -24.70
N THR A 87 -11.89 15.64 -23.64
CA THR A 87 -12.80 16.78 -23.42
C THR A 87 -12.46 17.87 -24.44
N GLU A 88 -11.14 18.18 -24.61
CA GLU A 88 -10.67 19.19 -25.54
C GLU A 88 -11.12 18.92 -26.97
N GLY A 89 -10.94 17.68 -27.43
CA GLY A 89 -11.34 17.26 -28.76
C GLY A 89 -12.80 17.49 -29.02
N THR A 90 -13.64 17.02 -28.09
CA THR A 90 -15.10 17.15 -28.12
C THR A 90 -15.49 18.64 -28.12
N LEU A 91 -14.90 19.46 -27.22
CA LEU A 91 -15.20 20.90 -27.11
C LEU A 91 -14.80 21.70 -28.35
N ILE A 92 -13.62 21.42 -28.95
CA ILE A 92 -13.15 22.11 -30.16
C ILE A 92 -14.13 21.82 -31.31
N LEU A 93 -14.53 20.53 -31.47
CA LEU A 93 -15.47 20.08 -32.50
C LEU A 93 -16.85 20.74 -32.35
N LEU A 94 -17.42 20.71 -31.11
CA LEU A 94 -18.74 21.27 -30.77
C LEU A 94 -18.76 22.80 -30.88
N PHE A 95 -17.69 23.46 -30.39
CA PHE A 95 -17.55 24.92 -30.43
C PHE A 95 -17.29 25.41 -31.88
N GLY A 96 -16.81 24.51 -32.74
CA GLY A 96 -16.50 24.80 -34.14
C GLY A 96 -15.18 25.55 -34.29
N GLY A 97 -14.14 25.01 -33.66
CA GLY A 97 -12.79 25.58 -33.67
C GLY A 97 -12.10 25.51 -35.02
N ILE A 98 -12.02 24.29 -35.59
CA ILE A 98 -11.39 23.97 -36.89
C ILE A 98 -11.90 24.88 -38.06
N PRO A 99 -13.24 25.05 -38.32
CA PRO A 99 -13.65 25.93 -39.42
C PRO A 99 -13.30 27.40 -39.19
N TYR A 100 -13.39 27.88 -37.93
CA TYR A 100 -13.07 29.25 -37.56
C TYR A 100 -11.57 29.50 -37.64
N LEU A 101 -10.74 28.50 -37.29
CA LEU A 101 -9.28 28.62 -37.41
C LEU A 101 -8.92 28.71 -38.89
N TRP A 102 -9.64 27.94 -39.75
CA TRP A 102 -9.46 27.93 -41.20
C TRP A 102 -9.73 29.32 -41.78
N ARG A 103 -10.76 30.02 -41.25
CA ARG A 103 -11.12 31.38 -41.67
C ARG A 103 -10.01 32.37 -41.30
N LEU A 104 -9.43 32.20 -40.09
CA LEU A 104 -8.37 33.03 -39.52
C LEU A 104 -7.03 32.83 -40.22
N SER A 105 -6.82 31.68 -40.85
CA SER A 105 -5.60 31.38 -41.60
C SER A 105 -5.81 31.71 -43.11
N GLY A 106 -6.63 32.73 -43.39
CA GLY A 106 -6.93 33.17 -44.75
C GLY A 106 -6.34 34.52 -45.08
N ARG A 107 -7.13 35.37 -45.79
CA ARG A 107 -6.82 36.72 -46.25
C ARG A 107 -5.56 36.75 -47.12
N PRO A 116 -4.81 27.35 -56.98
CA PRO A 116 -4.41 26.24 -56.11
C PRO A 116 -3.36 26.65 -55.08
N GLU A 117 -2.48 27.61 -55.44
CA GLU A 117 -1.41 28.14 -54.58
C GLU A 117 -1.97 28.78 -53.31
N TYR A 118 -3.09 29.53 -53.43
CA TYR A 118 -3.75 30.22 -52.32
C TYR A 118 -4.30 29.21 -51.28
N GLU A 119 -4.92 28.11 -51.74
CA GLU A 119 -5.48 27.08 -50.87
C GLU A 119 -4.39 26.29 -50.16
N ILE A 120 -3.26 26.01 -50.85
CA ILE A 120 -2.12 25.29 -50.28
C ILE A 120 -1.44 26.18 -49.21
N THR A 121 -1.35 27.50 -49.45
CA THR A 121 -0.77 28.47 -48.49
C THR A 121 -1.67 28.55 -47.25
N GLN A 122 -3.01 28.69 -47.44
CA GLN A 122 -4.01 28.73 -46.37
C GLN A 122 -3.91 27.44 -45.53
N SER A 123 -3.75 26.28 -46.21
CA SER A 123 -3.57 24.98 -45.58
C SER A 123 -2.30 24.95 -44.75
N LEU A 124 -1.21 25.53 -45.30
CA LEU A 124 0.12 25.57 -44.68
C LEU A 124 0.15 26.42 -43.41
N VAL A 125 -0.45 27.63 -43.45
CA VAL A 125 -0.51 28.50 -42.27
C VAL A 125 -1.50 27.91 -41.21
N PHE A 126 -2.60 27.23 -41.67
CA PHE A 126 -3.57 26.54 -40.80
C PHE A 126 -2.86 25.43 -40.03
N LEU A 127 -1.96 24.70 -40.71
CA LEU A 127 -1.16 23.60 -40.17
C LEU A 127 -0.21 24.12 -39.10
N LEU A 128 0.51 25.22 -39.40
CA LEU A 128 1.47 25.89 -38.52
C LEU A 128 0.81 26.37 -37.20
N LEU A 129 -0.42 26.92 -37.29
CA LEU A 129 -1.19 27.40 -36.15
C LEU A 129 -1.75 26.23 -35.34
N ALA A 130 -2.34 25.23 -36.02
CA ALA A 130 -2.91 24.05 -35.38
C ALA A 130 -1.87 23.32 -34.54
N THR A 131 -0.66 23.06 -35.09
CA THR A 131 0.44 22.38 -34.37
C THR A 131 1.03 23.28 -33.27
N LEU A 132 0.96 24.63 -33.43
CA LEU A 132 1.44 25.56 -32.42
C LEU A 132 0.56 25.42 -31.17
N PHE A 133 -0.78 25.44 -31.34
CA PHE A 133 -1.74 25.30 -30.23
C PHE A 133 -1.58 23.91 -29.60
N SER A 134 -1.46 22.85 -30.44
CA SER A 134 -1.26 21.47 -30.02
C SER A 134 -0.05 21.30 -29.10
N ALA A 135 1.09 21.89 -29.49
CA ALA A 135 2.35 21.82 -28.75
C ALA A 135 2.26 22.55 -27.41
N LEU A 136 1.75 23.80 -27.41
CA LEU A 136 1.64 24.64 -26.22
C LEU A 136 0.65 24.09 -25.18
N ALA A 137 -0.50 23.56 -25.62
CA ALA A 137 -1.54 23.04 -24.73
C ALA A 137 -1.12 21.76 -24.01
N GLY A 138 -0.27 20.97 -24.65
CA GLY A 138 0.22 19.68 -24.15
C GLY A 138 1.55 19.73 -23.38
N LEU A 139 2.28 20.84 -23.54
CA LEU A 139 3.57 21.09 -22.88
C LEU A 139 3.46 21.08 -21.33
N PRO A 140 2.41 21.65 -20.64
CA PRO A 140 2.38 21.56 -19.17
C PRO A 140 2.19 20.12 -18.67
N TRP A 141 1.45 19.30 -19.42
CA TRP A 141 1.20 17.88 -19.10
C TRP A 141 2.50 17.09 -19.21
N SER A 142 3.26 17.35 -20.31
CA SER A 142 4.57 16.77 -20.62
C SER A 142 5.60 17.14 -19.55
N LEU A 143 5.57 18.39 -19.10
CA LEU A 143 6.43 18.94 -18.06
C LEU A 143 6.12 18.28 -16.72
N TYR A 144 4.84 17.96 -16.46
CA TYR A 144 4.42 17.29 -15.23
C TYR A 144 4.93 15.85 -15.19
N ASN A 145 4.77 15.11 -16.30
CA ASN A 145 5.20 13.72 -16.37
C ASN A 145 6.69 13.57 -16.07
N THR A 146 7.56 14.35 -16.74
CA THR A 146 9.01 14.23 -16.56
C THR A 146 9.46 14.79 -15.21
N PHE A 147 8.97 15.98 -14.80
CA PHE A 147 9.46 16.62 -13.57
C PHE A 147 8.66 16.29 -12.29
N VAL A 148 7.56 15.52 -12.38
CA VAL A 148 6.85 15.16 -11.17
C VAL A 148 6.80 13.63 -11.06
N ILE A 149 6.27 12.90 -12.07
CA ILE A 149 6.19 11.43 -12.02
C ILE A 149 7.59 10.80 -12.16
N GLU A 150 8.30 11.06 -13.27
CA GLU A 150 9.63 10.48 -13.53
C GLU A 150 10.66 10.98 -12.52
N GLU A 151 10.45 12.18 -11.95
CA GLU A 151 11.37 12.73 -10.96
C GLU A 151 11.11 12.15 -9.57
N LYS A 152 9.83 11.95 -9.17
CA LYS A 152 9.44 11.39 -7.86
C LYS A 152 9.96 9.97 -7.71
N HIS A 153 9.90 9.18 -8.80
CA HIS A 153 10.32 7.77 -8.80
C HIS A 153 11.76 7.61 -9.34
N GLY A 154 12.53 8.70 -9.25
CA GLY A 154 13.95 8.81 -9.58
C GLY A 154 14.44 8.35 -10.93
N PHE A 155 13.59 8.41 -11.96
CA PHE A 155 13.98 8.00 -13.31
C PHE A 155 14.62 9.16 -14.07
N ASN A 156 13.95 10.33 -14.07
CA ASN A 156 14.38 11.55 -14.79
C ASN A 156 15.75 12.04 -14.36
N GLN A 157 16.55 12.43 -15.37
CA GLN A 157 17.91 12.96 -15.25
C GLN A 157 17.99 14.31 -15.97
N GLN A 158 16.88 14.71 -16.62
CA GLN A 158 16.72 15.96 -17.35
C GLN A 158 16.65 17.18 -16.45
N THR A 159 17.15 18.31 -16.94
CA THR A 159 17.04 19.62 -16.29
C THR A 159 15.94 20.38 -17.03
N LEU A 160 15.38 21.45 -16.41
CA LEU A 160 14.31 22.23 -17.03
C LEU A 160 14.78 22.88 -18.34
N GLY A 161 16.06 23.24 -18.40
CA GLY A 161 16.69 23.83 -19.57
C GLY A 161 16.76 22.88 -20.74
N PHE A 162 17.21 21.63 -20.47
CA PHE A 162 17.32 20.57 -21.48
C PHE A 162 15.94 20.23 -22.03
N PHE A 163 14.93 20.12 -21.15
CA PHE A 163 13.55 19.82 -21.52
C PHE A 163 13.01 20.90 -22.46
N MET A 164 13.22 22.18 -22.10
CA MET A 164 12.77 23.33 -22.87
C MET A 164 13.48 23.43 -24.21
N LYS A 165 14.83 23.35 -24.21
CA LYS A 165 15.65 23.41 -25.43
C LYS A 165 15.29 22.29 -26.40
N ASP A 166 14.99 21.09 -25.87
CA ASP A 166 14.62 19.91 -26.66
C ASP A 166 13.21 20.06 -27.26
N ALA A 167 12.26 20.64 -26.49
CA ALA A 167 10.88 20.87 -26.94
C ALA A 167 10.83 21.78 -28.17
N ILE A 168 11.65 22.86 -28.16
CA ILE A 168 11.75 23.83 -29.26
C ILE A 168 12.46 23.14 -30.44
N LYS A 169 13.58 22.43 -30.16
CA LYS A 169 14.36 21.67 -31.15
C LYS A 169 13.45 20.74 -31.95
N LYS A 170 12.67 19.89 -31.24
CA LYS A 170 11.73 18.93 -31.82
C LYS A 170 10.61 19.62 -32.60
N PHE A 171 10.01 20.71 -32.04
CA PHE A 171 8.95 21.47 -32.69
C PHE A 171 9.43 22.10 -34.00
N VAL A 172 10.65 22.68 -34.01
CA VAL A 172 11.25 23.33 -35.19
C VAL A 172 11.48 22.28 -36.30
N VAL A 173 12.12 21.16 -35.97
CA VAL A 173 12.43 20.06 -36.89
C VAL A 173 11.11 19.45 -37.43
N THR A 174 10.04 19.41 -36.61
CA THR A 174 8.70 18.90 -36.99
C THR A 174 8.17 19.70 -38.19
N GLN A 175 8.15 21.05 -38.08
CA GLN A 175 7.66 21.97 -39.11
C GLN A 175 8.49 21.87 -40.40
N CYS A 176 9.82 21.75 -40.26
CA CYS A 176 10.77 21.64 -41.38
C CYS A 176 10.56 20.35 -42.21
N ILE A 177 9.86 19.35 -41.64
CA ILE A 177 9.54 18.10 -42.32
C ILE A 177 8.07 18.16 -42.78
N LEU A 178 7.17 18.61 -41.88
CA LEU A 178 5.72 18.74 -42.06
C LEU A 178 5.34 19.66 -43.23
N LEU A 179 5.83 20.90 -43.24
CA LEU A 179 5.51 21.92 -44.25
C LEU A 179 5.87 21.49 -45.70
N PRO A 180 7.10 21.02 -46.05
CA PRO A 180 7.36 20.66 -47.45
C PRO A 180 6.58 19.42 -47.89
N VAL A 181 6.50 18.36 -47.04
CA VAL A 181 5.80 17.11 -47.35
C VAL A 181 4.29 17.39 -47.58
N SER A 182 3.65 18.22 -46.73
CA SER A 182 2.23 18.56 -46.85
C SER A 182 1.93 19.38 -48.10
N SER A 183 2.72 20.44 -48.36
CA SER A 183 2.56 21.31 -49.53
C SER A 183 2.69 20.52 -50.85
N LEU A 184 3.61 19.54 -50.90
CA LEU A 184 3.81 18.68 -52.07
C LEU A 184 2.69 17.64 -52.18
N LEU A 185 2.18 17.12 -51.04
CA LEU A 185 1.09 16.15 -50.98
C LEU A 185 -0.23 16.78 -51.47
N LEU A 186 -0.56 17.99 -50.98
CA LEU A 186 -1.76 18.76 -51.35
C LEU A 186 -1.76 19.10 -52.85
N TYR A 187 -0.57 19.37 -53.40
CA TYR A 187 -0.33 19.70 -54.81
C TYR A 187 -0.75 18.52 -55.71
N ILE A 188 -0.33 17.29 -55.35
CA ILE A 188 -0.61 16.05 -56.09
C ILE A 188 -2.14 15.77 -56.13
N ILE A 189 -2.85 15.98 -55.01
CA ILE A 189 -4.30 15.74 -54.92
C ILE A 189 -5.07 16.78 -55.76
N LYS A 190 -4.71 18.07 -55.64
CA LYS A 190 -5.36 19.18 -56.35
C LYS A 190 -5.06 19.17 -57.87
N ILE A 191 -3.79 18.95 -58.27
CA ILE A 191 -3.38 18.95 -59.68
C ILE A 191 -3.76 17.62 -60.37
N GLY A 192 -3.29 16.51 -59.82
CA GLY A 192 -3.54 15.17 -60.36
C GLY A 192 -4.99 14.73 -60.33
N GLY A 193 -5.31 13.75 -61.17
CA GLY A 193 -6.65 13.20 -61.30
C GLY A 193 -6.91 12.50 -62.62
N ASP A 194 -8.00 11.71 -62.75
CA ASP A 194 -9.01 11.43 -61.72
C ASP A 194 -8.54 10.33 -60.74
N TYR A 195 -7.37 9.72 -61.03
CA TYR A 195 -6.76 8.67 -60.23
C TYR A 195 -5.60 9.26 -59.40
N PHE A 196 -5.87 10.40 -58.72
CA PHE A 196 -4.93 11.15 -57.88
C PHE A 196 -4.47 10.36 -56.65
N PHE A 197 -5.32 9.42 -56.17
CA PHE A 197 -5.04 8.61 -54.99
C PHE A 197 -3.82 7.69 -55.18
N ILE A 198 -3.51 7.28 -56.44
CA ILE A 198 -2.38 6.40 -56.75
C ILE A 198 -1.04 7.18 -56.66
N TYR A 199 -0.98 8.43 -57.20
CA TYR A 199 0.22 9.27 -57.14
C TYR A 199 0.47 9.80 -55.71
N ALA A 200 -0.63 10.12 -54.98
CA ALA A 200 -0.60 10.59 -53.59
C ALA A 200 -0.11 9.49 -52.66
N TRP A 201 -0.52 8.24 -52.93
CA TRP A 201 -0.11 7.05 -52.17
C TRP A 201 1.36 6.72 -52.45
N LEU A 202 1.80 6.85 -53.71
CA LEU A 202 3.18 6.59 -54.13
C LEU A 202 4.12 7.66 -53.61
N PHE A 203 3.63 8.92 -53.43
CA PHE A 203 4.41 10.03 -52.87
C PHE A 203 4.71 9.76 -51.39
N THR A 204 3.67 9.34 -50.62
CA THR A 204 3.79 9.00 -49.21
C THR A 204 4.68 7.76 -49.05
N LEU A 205 4.65 6.83 -50.03
CA LEU A 205 5.46 5.61 -50.07
C LEU A 205 6.95 5.97 -50.17
N VAL A 206 7.29 6.98 -51.02
CA VAL A 206 8.67 7.46 -51.22
C VAL A 206 9.11 8.24 -49.97
N VAL A 207 8.29 9.20 -49.51
CA VAL A 207 8.53 10.05 -48.34
C VAL A 207 8.75 9.17 -47.09
N SER A 208 8.00 8.05 -46.95
CA SER A 208 8.15 7.12 -45.82
C SER A 208 9.53 6.47 -45.80
N LEU A 209 9.93 5.80 -46.91
CA LEU A 209 11.21 5.11 -47.05
C LEU A 209 12.42 6.07 -46.97
N VAL A 210 12.26 7.32 -47.43
CA VAL A 210 13.33 8.34 -47.39
C VAL A 210 13.55 8.78 -45.94
N LEU A 211 12.47 9.17 -45.23
CA LEU A 211 12.52 9.62 -43.83
C LEU A 211 12.98 8.50 -42.87
N VAL A 212 12.75 7.22 -43.22
CA VAL A 212 13.14 6.06 -42.41
C VAL A 212 14.69 5.96 -42.41
N THR A 213 15.32 6.13 -43.59
CA THR A 213 16.78 6.04 -43.76
C THR A 213 17.49 7.31 -43.22
N ILE A 214 16.86 8.50 -43.38
CA ILE A 214 17.44 9.77 -42.95
C ILE A 214 17.44 9.92 -41.41
N TYR A 215 16.29 9.65 -40.75
CA TYR A 215 16.04 9.81 -39.29
C TYR A 215 17.24 9.47 -38.38
N ALA A 216 17.60 8.18 -38.23
CA ALA A 216 18.67 7.69 -37.36
C ALA A 216 20.06 8.26 -37.69
N ASP A 217 20.28 8.65 -38.96
CA ASP A 217 21.57 9.16 -39.43
C ASP A 217 21.69 10.69 -39.34
N TYR A 218 20.57 11.45 -39.45
CA TYR A 218 20.64 12.91 -39.46
C TYR A 218 19.71 13.60 -38.45
N ILE A 219 18.42 13.20 -38.38
CA ILE A 219 17.42 13.81 -37.48
C ILE A 219 17.67 13.40 -36.01
N ALA A 220 17.79 12.09 -35.73
CA ALA A 220 18.00 11.52 -34.38
C ALA A 220 19.30 12.01 -33.67
N PRO A 221 20.50 12.11 -34.30
CA PRO A 221 21.69 12.57 -33.55
C PRO A 221 21.67 14.05 -33.10
N LEU A 222 20.59 14.80 -33.43
CA LEU A 222 20.43 16.21 -33.03
C LEU A 222 19.90 16.33 -31.60
N PHE A 223 18.92 15.47 -31.23
CA PHE A 223 18.27 15.47 -29.93
C PHE A 223 19.05 14.64 -28.91
N ASP A 224 19.60 13.48 -29.32
CA ASP A 224 20.36 12.59 -28.43
C ASP A 224 21.77 12.33 -28.96
N LYS A 225 22.76 12.26 -28.03
CA LYS A 225 24.17 12.04 -28.37
C LYS A 225 24.41 10.59 -28.79
N PHE A 226 24.72 10.39 -30.08
CA PHE A 226 25.00 9.09 -30.67
C PHE A 226 26.51 8.90 -30.82
N THR A 227 27.05 7.83 -30.21
CA THR A 227 28.46 7.48 -30.26
C THR A 227 28.64 5.98 -30.54
N PRO A 228 29.61 5.57 -31.39
CA PRO A 228 29.81 4.13 -31.65
C PRO A 228 30.34 3.40 -30.42
N LEU A 229 29.94 2.12 -30.27
CA LEU A 229 30.31 1.24 -29.16
C LEU A 229 31.84 1.09 -29.05
N PRO A 230 32.43 1.34 -27.86
CA PRO A 230 33.90 1.21 -27.72
C PRO A 230 34.36 -0.24 -27.79
N GLU A 231 35.58 -0.46 -28.32
CA GLU A 231 36.19 -1.78 -28.48
C GLU A 231 36.43 -2.45 -27.13
N GLY A 232 35.96 -3.69 -27.00
CA GLY A 232 36.08 -4.49 -25.78
C GLY A 232 35.57 -5.90 -25.95
N LYS A 233 35.24 -6.57 -24.82
CA LYS A 233 34.72 -7.93 -24.79
C LYS A 233 33.31 -8.02 -25.39
N LEU A 234 32.50 -6.96 -25.17
CA LEU A 234 31.14 -6.85 -25.70
C LEU A 234 31.16 -6.55 -27.20
N LYS A 235 32.04 -5.63 -27.64
CA LYS A 235 32.19 -5.21 -29.04
C LYS A 235 32.70 -6.35 -29.93
N GLU A 236 33.61 -7.19 -29.41
CA GLU A 236 34.18 -8.33 -30.13
C GLU A 236 33.16 -9.47 -30.27
N GLU A 237 32.44 -9.80 -29.19
CA GLU A 237 31.43 -10.87 -29.15
C GLU A 237 30.22 -10.55 -30.03
N ILE A 238 29.89 -9.25 -30.20
CA ILE A 238 28.78 -8.78 -31.03
C ILE A 238 29.11 -9.00 -32.51
N GLU A 239 30.38 -8.76 -32.93
CA GLU A 239 30.87 -8.96 -34.29
C GLU A 239 30.89 -10.44 -34.66
N VAL A 240 31.18 -11.31 -33.67
CA VAL A 240 31.19 -12.79 -33.79
C VAL A 240 29.75 -13.26 -34.04
N MET A 241 28.79 -12.69 -33.28
CA MET A 241 27.35 -12.98 -33.39
C MET A 241 26.79 -12.42 -34.72
N ALA A 242 27.25 -11.23 -35.14
CA ALA A 242 26.84 -10.55 -36.40
C ALA A 242 27.27 -11.36 -37.63
N LYS A 243 28.49 -11.93 -37.60
CA LYS A 243 29.03 -12.76 -38.68
C LYS A 243 28.32 -14.10 -38.72
N SER A 244 27.91 -14.63 -37.54
CA SER A 244 27.22 -15.90 -37.37
C SER A 244 25.80 -15.88 -37.98
N ILE A 245 25.06 -14.77 -37.80
CA ILE A 245 23.70 -14.59 -38.32
C ILE A 245 23.71 -13.96 -39.72
N ASP A 246 24.93 -13.66 -40.26
CA ASP A 246 25.20 -13.03 -41.57
C ASP A 246 24.55 -11.62 -41.66
N PHE A 247 24.49 -10.92 -40.51
CA PHE A 247 23.94 -9.57 -40.41
C PHE A 247 24.97 -8.56 -40.94
N PRO A 248 24.64 -7.75 -41.98
CA PRO A 248 25.63 -6.79 -42.51
C PRO A 248 25.82 -5.59 -41.57
N LEU A 249 26.58 -5.82 -40.48
CA LEU A 249 26.86 -4.83 -39.46
C LEU A 249 27.93 -3.84 -39.93
N THR A 250 27.61 -2.54 -39.79
CA THR A 250 28.51 -1.42 -40.13
C THR A 250 29.17 -0.97 -38.82
N LYS A 251 28.35 -0.72 -37.78
CA LYS A 251 28.77 -0.31 -36.43
C LYS A 251 27.66 -0.53 -35.41
N VAL A 252 28.03 -0.61 -34.12
CA VAL A 252 27.10 -0.74 -32.98
C VAL A 252 27.12 0.63 -32.28
N TYR A 253 25.93 1.18 -31.96
CA TYR A 253 25.82 2.49 -31.33
C TYR A 253 25.39 2.42 -29.86
N VAL A 254 26.01 3.29 -29.03
CA VAL A 254 25.69 3.43 -27.60
C VAL A 254 25.09 4.83 -27.41
N VAL A 255 23.74 4.91 -27.45
CA VAL A 255 22.95 6.14 -27.31
C VAL A 255 23.00 6.63 -25.87
N GLU A 256 23.38 7.91 -25.68
CA GLU A 256 23.48 8.56 -24.37
C GLU A 256 22.06 8.87 -23.84
N GLY A 257 21.39 7.81 -23.40
CA GLY A 257 20.04 7.86 -22.85
C GLY A 257 20.02 8.17 -21.37
N SER A 258 21.20 8.20 -20.73
CA SER A 258 21.38 8.51 -19.31
C SER A 258 21.22 10.01 -19.05
N LYS A 259 21.32 10.84 -20.10
CA LYS A 259 21.15 12.30 -20.03
C LYS A 259 19.68 12.68 -19.82
N ARG A 260 18.75 11.77 -20.21
CA ARG A 260 17.31 11.95 -20.08
C ARG A 260 16.71 11.19 -18.91
N SER A 261 16.86 9.83 -18.88
CA SER A 261 16.29 8.98 -17.84
C SER A 261 17.07 7.68 -17.58
N SER A 262 16.76 7.00 -16.47
CA SER A 262 17.37 5.74 -16.02
C SER A 262 16.76 4.51 -16.74
N HIS A 263 15.78 4.73 -17.65
CA HIS A 263 15.11 3.67 -18.41
C HIS A 263 16.06 3.04 -19.43
N SER A 264 15.95 1.69 -19.60
CA SER A 264 16.78 0.89 -20.50
C SER A 264 15.96 0.23 -21.63
N ASN A 265 16.52 0.21 -22.87
CA ASN A 265 15.91 -0.39 -24.07
C ASN A 265 16.97 -0.57 -25.20
N ALA A 266 16.59 -1.14 -26.37
CA ALA A 266 17.45 -1.36 -27.53
C ALA A 266 16.64 -1.46 -28.83
N TYR A 267 17.25 -1.07 -29.98
CA TYR A 267 16.63 -1.10 -31.31
C TYR A 267 17.68 -1.37 -32.42
N PHE A 268 17.24 -1.43 -33.70
CA PHE A 268 18.13 -1.66 -34.86
C PHE A 268 17.60 -0.93 -36.10
N TYR A 269 18.51 -0.49 -36.99
CA TYR A 269 18.16 0.22 -38.21
C TYR A 269 19.12 -0.11 -39.38
N GLY A 270 18.74 0.31 -40.58
CA GLY A 270 19.55 0.12 -41.79
C GLY A 270 18.78 0.27 -43.09
N PHE A 271 19.43 -0.14 -44.20
CA PHE A 271 18.86 -0.08 -45.56
C PHE A 271 19.05 -1.40 -46.28
N LYS A 275 23.50 -1.45 -42.36
CA LYS A 275 22.74 -1.77 -41.15
C LYS A 275 23.58 -1.50 -39.89
N ARG A 276 22.95 -0.90 -38.85
CA ARG A 276 23.59 -0.56 -37.58
C ARG A 276 22.67 -0.82 -36.37
N ILE A 277 23.27 -1.33 -35.27
CA ILE A 277 22.59 -1.66 -34.01
C ILE A 277 22.55 -0.42 -33.07
N VAL A 278 21.45 -0.28 -32.28
CA VAL A 278 21.27 0.83 -31.34
C VAL A 278 20.97 0.26 -29.92
N LEU A 279 21.86 0.55 -28.95
CA LEU A 279 21.72 0.10 -27.57
C LEU A 279 21.92 1.26 -26.59
N PHE A 280 21.05 1.35 -25.56
CA PHE A 280 21.10 2.38 -24.52
C PHE A 280 22.32 2.22 -23.63
N ASP A 281 22.90 3.34 -23.14
CA ASP A 281 24.05 3.31 -22.24
C ASP A 281 23.61 2.84 -20.84
N THR A 282 22.31 2.96 -20.52
CA THR A 282 21.70 2.54 -19.26
C THR A 282 21.57 1.00 -19.23
N LEU A 283 21.43 0.37 -20.42
CA LEU A 283 21.32 -1.08 -20.59
C LEU A 283 22.69 -1.75 -20.47
N LEU A 284 23.75 -1.08 -20.94
CA LEU A 284 25.12 -1.59 -20.96
C LEU A 284 25.86 -1.44 -19.62
N GLU A 285 25.64 -0.33 -18.89
CA GLU A 285 26.29 -0.03 -17.61
C GLU A 285 25.93 -1.05 -16.53
N GLN A 322 22.51 -1.78 -12.10
CA GLN A 322 22.86 -0.66 -12.97
C GLN A 322 22.24 -0.83 -14.37
N GLY A 323 22.45 -2.00 -14.97
CA GLY A 323 21.93 -2.34 -16.29
C GLY A 323 21.92 -3.84 -16.53
N CYS A 324 22.61 -4.29 -17.59
CA CYS A 324 22.71 -5.71 -17.96
C CYS A 324 24.16 -6.09 -18.26
N LYS A 325 24.56 -7.32 -17.88
CA LYS A 325 25.89 -7.88 -18.13
C LYS A 325 26.06 -8.17 -19.62
N ASN A 326 27.31 -8.20 -20.12
CA ASN A 326 27.64 -8.44 -21.53
C ASN A 326 26.95 -9.70 -22.11
N GLU A 327 26.81 -10.76 -21.29
CA GLU A 327 26.14 -12.01 -21.68
C GLU A 327 24.64 -11.79 -21.90
N GLU A 328 24.00 -10.92 -21.07
CA GLU A 328 22.59 -10.57 -21.16
C GLU A 328 22.33 -9.65 -22.33
N VAL A 329 23.27 -8.71 -22.61
CA VAL A 329 23.20 -7.73 -23.70
C VAL A 329 23.16 -8.47 -25.06
N LEU A 330 24.04 -9.48 -25.23
CA LEU A 330 24.13 -10.30 -26.44
C LEU A 330 22.82 -11.08 -26.70
N ALA A 331 22.16 -11.54 -25.62
CA ALA A 331 20.88 -12.25 -25.67
C ALA A 331 19.76 -11.31 -26.12
N VAL A 332 19.81 -10.02 -25.65
CA VAL A 332 18.87 -8.96 -26.01
C VAL A 332 19.08 -8.62 -27.49
N LEU A 333 20.34 -8.67 -27.97
CA LEU A 333 20.69 -8.44 -29.37
C LEU A 333 20.13 -9.56 -30.26
N GLY A 334 20.28 -10.81 -29.80
CA GLY A 334 19.77 -12.00 -30.45
C GLY A 334 18.28 -11.96 -30.72
N HIS A 335 17.53 -11.31 -29.81
CA HIS A 335 16.08 -11.09 -29.90
C HIS A 335 15.81 -10.07 -31.01
N ALA A 336 16.51 -8.91 -30.96
CA ALA A 336 16.41 -7.80 -31.93
C ALA A 336 16.83 -8.24 -33.33
N LEU A 337 17.86 -9.10 -33.43
CA LEU A 337 18.35 -9.66 -34.69
C LEU A 337 17.31 -10.61 -35.29
N GLY A 338 16.42 -11.11 -34.43
CA GLY A 338 15.32 -12.00 -34.79
C GLY A 338 14.30 -11.33 -35.68
N HIS A 339 13.97 -10.04 -35.41
CA HIS A 339 13.02 -9.24 -36.20
C HIS A 339 13.54 -9.01 -37.62
N TRP A 340 14.87 -8.95 -37.78
CA TRP A 340 15.55 -8.80 -39.06
C TRP A 340 15.48 -10.12 -39.84
N LYS A 341 15.89 -11.24 -39.21
CA LYS A 341 15.95 -12.59 -39.79
C LYS A 341 14.55 -13.17 -40.09
N LEU A 342 13.56 -12.96 -39.20
CA LEU A 342 12.19 -13.45 -39.38
C LEU A 342 11.36 -12.53 -40.30
N GLY A 343 11.97 -11.43 -40.76
CA GLY A 343 11.37 -10.46 -41.65
C GLY A 343 10.20 -9.68 -41.08
N HIS A 344 10.21 -9.44 -39.75
CA HIS A 344 9.16 -8.69 -39.05
C HIS A 344 9.17 -7.23 -39.50
N THR A 345 10.37 -6.69 -39.79
CA THR A 345 10.60 -5.32 -40.26
C THR A 345 9.92 -5.11 -41.63
N VAL A 346 10.22 -5.99 -42.61
CA VAL A 346 9.69 -5.96 -43.97
C VAL A 346 8.18 -6.17 -44.01
N LYS A 347 7.66 -7.11 -43.16
CA LYS A 347 6.23 -7.42 -43.07
C LYS A 347 5.43 -6.21 -42.58
N ASN A 348 5.99 -5.45 -41.61
CA ASN A 348 5.36 -4.25 -41.04
C ASN A 348 5.23 -3.11 -42.06
N ILE A 349 6.19 -2.99 -43.00
CA ILE A 349 6.17 -1.97 -44.06
C ILE A 349 5.09 -2.33 -45.09
N ILE A 350 5.00 -3.64 -45.46
CA ILE A 350 4.03 -4.18 -46.41
C ILE A 350 2.60 -3.93 -45.90
N ILE A 351 2.37 -4.04 -44.58
CA ILE A 351 1.06 -3.78 -43.96
C ILE A 351 0.74 -2.27 -44.03
N SER A 352 1.71 -1.41 -43.63
CA SER A 352 1.58 0.04 -43.59
C SER A 352 1.27 0.66 -44.95
N GLN A 353 1.87 0.13 -46.04
CA GLN A 353 1.64 0.65 -47.39
C GLN A 353 0.35 0.08 -48.00
N MET A 354 -0.10 -1.08 -47.50
CA MET A 354 -1.35 -1.72 -47.92
C MET A 354 -2.54 -0.96 -47.30
N ASN A 355 -2.34 -0.49 -46.06
CA ASN A 355 -3.30 0.28 -45.27
C ASN A 355 -3.52 1.66 -45.91
N SER A 356 -2.42 2.37 -46.28
CA SER A 356 -2.47 3.71 -46.90
C SER A 356 -3.09 3.67 -48.29
N PHE A 357 -2.94 2.55 -49.04
CA PHE A 357 -3.55 2.40 -50.36
C PHE A 357 -5.07 2.27 -50.21
N LEU A 358 -5.52 1.43 -49.27
CA LEU A 358 -6.93 1.21 -48.96
C LEU A 358 -7.57 2.52 -48.47
N CYS A 359 -6.83 3.29 -47.65
CA CYS A 359 -7.24 4.58 -47.10
C CYS A 359 -7.38 5.65 -48.19
N PHE A 360 -6.35 5.83 -49.06
CA PHE A 360 -6.37 6.82 -50.14
C PHE A 360 -7.45 6.50 -51.17
N PHE A 361 -7.76 5.21 -51.38
CA PHE A 361 -8.80 4.78 -52.31
C PHE A 361 -10.18 5.21 -51.78
N LEU A 362 -10.47 4.90 -50.50
CA LEU A 362 -11.74 5.26 -49.85
C LEU A 362 -11.86 6.78 -49.67
N PHE A 363 -10.70 7.48 -49.57
CA PHE A 363 -10.63 8.94 -49.49
C PHE A 363 -11.10 9.55 -50.81
N ALA A 364 -10.58 9.03 -51.94
CA ALA A 364 -10.92 9.45 -53.30
C ALA A 364 -12.41 9.24 -53.59
N VAL A 365 -13.01 8.21 -52.95
CA VAL A 365 -14.44 7.85 -53.06
C VAL A 365 -15.30 8.82 -52.21
N LEU A 366 -14.82 9.18 -51.00
CA LEU A 366 -15.56 10.03 -50.06
C LEU A 366 -15.25 11.54 -50.14
N ILE A 367 -14.17 11.97 -50.85
CA ILE A 367 -13.79 13.40 -50.95
C ILE A 367 -14.89 14.21 -51.70
N GLY A 368 -15.57 13.58 -52.65
CA GLY A 368 -16.64 14.19 -53.44
C GLY A 368 -17.90 14.52 -52.67
N ARG A 369 -18.14 13.79 -51.55
CA ARG A 369 -19.31 13.98 -50.68
C ARG A 369 -19.18 15.26 -49.86
N LYS A 370 -20.12 16.20 -50.07
CA LYS A 370 -20.16 17.50 -49.40
C LYS A 370 -20.85 17.41 -48.03
N GLU A 371 -21.52 16.26 -47.76
CA GLU A 371 -22.24 15.99 -46.51
C GLU A 371 -21.29 15.86 -45.32
N LEU A 372 -20.11 15.24 -45.53
CA LEU A 372 -19.11 15.03 -44.48
C LEU A 372 -18.42 16.34 -44.07
N PHE A 373 -18.31 17.31 -44.99
CA PHE A 373 -17.72 18.64 -44.72
C PHE A 373 -18.69 19.50 -43.91
N ALA A 374 -19.97 19.51 -44.33
CA ALA A 374 -21.07 20.25 -43.69
C ALA A 374 -21.33 19.77 -42.27
N ALA A 375 -21.01 18.48 -42.00
CA ALA A 375 -21.15 17.84 -40.69
C ALA A 375 -20.28 18.54 -39.65
N PHE A 376 -19.02 18.87 -40.01
CA PHE A 376 -18.04 19.49 -39.13
C PHE A 376 -18.03 21.04 -39.20
N GLY A 377 -18.95 21.63 -39.96
CA GLY A 377 -19.09 23.08 -40.05
C GLY A 377 -18.59 23.78 -41.31
N PHE A 378 -18.14 23.01 -42.32
CA PHE A 378 -17.64 23.55 -43.58
C PHE A 378 -18.76 23.53 -44.63
N TYR A 379 -19.39 24.70 -44.86
CA TYR A 379 -20.51 24.83 -45.78
C TYR A 379 -20.12 25.59 -47.06
N ASP A 380 -19.40 26.73 -46.90
CA ASP A 380 -18.98 27.61 -47.99
C ASP A 380 -17.94 26.97 -48.94
N SER A 381 -17.05 26.12 -48.41
CA SER A 381 -16.01 25.47 -49.21
C SER A 381 -15.66 24.06 -48.72
N GLN A 382 -15.04 23.25 -49.60
CA GLN A 382 -14.59 21.90 -49.31
C GLN A 382 -13.04 21.86 -49.45
N PRO A 383 -12.27 22.29 -48.40
CA PRO A 383 -10.81 22.31 -48.51
C PRO A 383 -10.17 20.92 -48.53
N THR A 384 -9.04 20.77 -49.25
CA THR A 384 -8.31 19.52 -49.43
C THR A 384 -7.73 19.01 -48.10
N LEU A 385 -6.98 19.86 -47.36
CA LEU A 385 -6.36 19.52 -46.07
C LEU A 385 -7.41 19.12 -45.04
N ILE A 386 -8.55 19.83 -45.02
CA ILE A 386 -9.69 19.57 -44.14
C ILE A 386 -10.31 18.22 -44.50
N GLY A 387 -10.38 17.91 -45.80
CA GLY A 387 -10.88 16.64 -46.31
C GLY A 387 -10.05 15.47 -45.82
N LEU A 388 -8.71 15.67 -45.78
CA LEU A 388 -7.75 14.70 -45.28
C LEU A 388 -7.95 14.50 -43.78
N LEU A 389 -8.29 15.57 -43.05
CA LEU A 389 -8.53 15.53 -41.61
C LEU A 389 -9.83 14.82 -41.26
N ILE A 390 -10.94 15.21 -41.90
CA ILE A 390 -12.28 14.65 -41.64
C ILE A 390 -12.35 13.15 -41.98
N ILE A 391 -11.94 12.75 -43.20
CA ILE A 391 -12.04 11.36 -43.64
C ILE A 391 -11.00 10.45 -42.92
N PHE A 392 -9.72 10.84 -42.89
CA PHE A 392 -8.66 10.03 -42.28
C PHE A 392 -8.71 9.97 -40.75
N GLN A 393 -9.02 11.09 -40.07
CA GLN A 393 -9.01 11.10 -38.60
C GLN A 393 -10.39 10.92 -37.93
N PHE A 394 -11.52 11.05 -38.69
CA PHE A 394 -12.83 10.90 -38.05
C PHE A 394 -13.68 9.79 -38.68
N ILE A 395 -13.83 9.78 -40.01
CA ILE A 395 -14.67 8.78 -40.72
C ILE A 395 -14.00 7.39 -40.64
N PHE A 396 -12.66 7.33 -40.78
CA PHE A 396 -11.90 6.08 -40.72
C PHE A 396 -11.64 5.61 -39.28
N SER A 397 -12.02 6.42 -38.25
CA SER A 397 -11.85 6.09 -36.82
C SER A 397 -12.23 4.62 -36.48
N PRO A 398 -13.41 4.06 -36.87
CA PRO A 398 -13.68 2.65 -36.54
C PRO A 398 -12.65 1.69 -37.16
N TYR A 399 -12.26 1.90 -38.44
CA TYR A 399 -11.26 1.08 -39.15
C TYR A 399 -9.89 1.22 -38.49
N ASN A 400 -9.47 2.48 -38.21
CA ASN A 400 -8.20 2.80 -37.58
C ASN A 400 -8.06 2.12 -36.21
N GLU A 401 -9.16 2.01 -35.44
CA GLU A 401 -9.18 1.38 -34.12
C GLU A 401 -9.05 -0.14 -34.21
N VAL A 402 -9.72 -0.75 -35.21
CA VAL A 402 -9.68 -2.21 -35.44
C VAL A 402 -8.27 -2.58 -35.92
N LEU A 403 -7.75 -1.87 -36.94
CA LEU A 403 -6.40 -2.08 -37.52
C LEU A 403 -5.32 -1.96 -36.44
N SER A 404 -5.43 -0.97 -35.53
CA SER A 404 -4.49 -0.75 -34.43
C SER A 404 -4.51 -1.91 -33.44
N PHE A 405 -5.70 -2.47 -33.17
CA PHE A 405 -5.87 -3.62 -32.27
C PHE A 405 -5.25 -4.86 -32.91
N CYS A 406 -5.46 -5.05 -34.22
CA CYS A 406 -4.92 -6.17 -34.99
C CYS A 406 -3.39 -6.09 -35.05
N LEU A 407 -2.84 -4.87 -35.22
CA LEU A 407 -1.39 -4.67 -35.28
C LEU A 407 -0.73 -4.84 -33.88
N THR A 408 -1.49 -4.61 -32.78
CA THR A 408 -1.03 -4.80 -31.41
C THR A 408 -0.95 -6.31 -31.13
N VAL A 409 -1.94 -7.08 -31.63
CA VAL A 409 -2.01 -8.54 -31.52
C VAL A 409 -0.82 -9.14 -32.29
N LEU A 410 -0.54 -8.61 -33.50
CA LEU A 410 0.56 -9.02 -34.38
C LEU A 410 1.91 -8.72 -33.72
N SER A 411 2.05 -7.53 -33.08
CA SER A 411 3.27 -7.10 -32.39
C SER A 411 3.66 -8.08 -31.28
N ARG A 412 2.67 -8.59 -30.51
CA ARG A 412 2.87 -9.56 -29.44
C ARG A 412 3.37 -10.90 -30.00
N ARG A 413 2.77 -11.35 -31.12
CA ARG A 413 3.14 -12.58 -31.82
C ARG A 413 4.55 -12.47 -32.42
N PHE A 414 4.90 -11.26 -32.91
CA PHE A 414 6.20 -10.93 -33.50
C PHE A 414 7.29 -10.91 -32.43
N GLU A 415 6.93 -10.53 -31.19
CA GLU A 415 7.86 -10.49 -30.05
C GLU A 415 8.17 -11.90 -29.56
N PHE A 416 7.14 -12.79 -29.52
CA PHE A 416 7.29 -14.19 -29.13
C PHE A 416 8.18 -14.94 -30.10
N GLN A 417 8.06 -14.63 -31.41
CA GLN A 417 8.84 -15.21 -32.50
C GLN A 417 10.31 -14.81 -32.38
N ALA A 418 10.57 -13.55 -31.99
CA ALA A 418 11.91 -13.00 -31.77
C ALA A 418 12.56 -13.59 -30.52
N ASP A 419 11.73 -13.93 -29.50
CA ASP A 419 12.18 -14.57 -28.24
C ASP A 419 12.53 -16.03 -28.50
N ALA A 420 11.75 -16.70 -29.39
CA ALA A 420 11.95 -18.08 -29.83
C ALA A 420 13.23 -18.20 -30.66
N PHE A 421 13.56 -17.13 -31.41
CA PHE A 421 14.78 -17.03 -32.24
C PHE A 421 16.00 -16.90 -31.34
N ALA A 422 15.87 -16.18 -30.20
CA ALA A 422 16.94 -15.98 -29.22
C ALA A 422 17.25 -17.32 -28.52
N LYS A 423 16.21 -18.14 -28.29
CA LYS A 423 16.31 -19.48 -27.70
C LYS A 423 16.96 -20.43 -28.70
N LYS A 424 16.68 -20.22 -30.00
CA LYS A 424 17.24 -21.00 -31.12
C LYS A 424 18.73 -20.70 -31.30
N LEU A 425 19.20 -19.53 -30.81
CA LEU A 425 20.60 -19.12 -30.84
C LEU A 425 21.37 -19.70 -29.64
N GLY A 426 20.61 -20.15 -28.63
CA GLY A 426 21.15 -20.75 -27.40
C GLY A 426 21.22 -19.81 -26.22
N LYS A 427 20.95 -18.51 -26.43
CA LYS A 427 21.00 -17.47 -25.40
C LYS A 427 19.64 -17.31 -24.67
N ALA A 428 18.91 -18.44 -24.48
CA ALA A 428 17.60 -18.49 -23.81
C ALA A 428 17.72 -18.19 -22.31
N LYS A 429 18.73 -18.77 -21.63
CA LYS A 429 18.99 -18.59 -20.20
C LYS A 429 19.45 -17.15 -19.89
N ASP A 430 20.22 -16.55 -20.81
CA ASP A 430 20.74 -15.18 -20.68
C ASP A 430 19.62 -14.14 -20.94
N LEU A 431 18.67 -14.44 -21.85
CA LEU A 431 17.54 -13.55 -22.16
C LEU A 431 16.51 -13.58 -21.02
N TYR A 432 16.34 -14.76 -20.38
CA TYR A 432 15.45 -14.98 -19.23
C TYR A 432 15.88 -14.07 -18.08
N SER A 433 17.20 -14.00 -17.81
CA SER A 433 17.80 -13.16 -16.77
C SER A 433 17.73 -11.68 -17.15
N ALA A 434 17.92 -11.37 -18.46
CA ALA A 434 17.90 -10.01 -19.01
C ALA A 434 16.52 -9.37 -18.90
N LEU A 435 15.45 -10.08 -19.33
CA LEU A 435 14.06 -9.63 -19.30
C LEU A 435 13.60 -9.23 -17.89
N ILE A 436 14.01 -9.99 -16.87
CA ILE A 436 13.69 -9.72 -15.47
C ILE A 436 14.48 -8.48 -15.01
N LYS A 437 15.81 -8.44 -15.31
CA LYS A 437 16.71 -7.35 -14.94
C LYS A 437 16.27 -6.01 -15.57
N LEU A 438 15.80 -6.04 -16.84
CA LEU A 438 15.30 -4.85 -17.55
C LEU A 438 13.99 -4.39 -16.93
N ASN A 439 13.16 -5.36 -16.49
CA ASN A 439 11.87 -5.10 -15.84
C ASN A 439 12.10 -4.37 -14.50
N LYS A 440 13.09 -4.86 -13.70
CA LYS A 440 13.47 -4.28 -12.42
C LYS A 440 14.02 -2.86 -12.61
N ASP A 441 14.80 -2.64 -13.71
CA ASP A 441 15.40 -1.36 -14.07
C ASP A 441 14.37 -0.29 -14.45
N ASN A 442 13.26 -0.71 -15.12
CA ASN A 442 12.19 0.17 -15.58
C ASN A 442 10.95 0.10 -14.67
N LEU A 443 11.07 -0.55 -13.49
CA LEU A 443 10.02 -0.74 -12.47
C LEU A 443 8.67 -1.19 -13.10
N GLY A 444 8.73 -2.23 -13.92
CA GLY A 444 7.56 -2.81 -14.57
C GLY A 444 6.82 -3.76 -13.66
N PHE A 445 5.51 -3.52 -13.49
CA PHE A 445 4.66 -4.36 -12.63
C PHE A 445 4.41 -5.71 -13.31
N PRO A 446 4.75 -6.85 -12.66
CA PRO A 446 4.56 -8.16 -13.31
C PRO A 446 3.09 -8.56 -13.52
N VAL A 447 2.20 -8.16 -12.59
CA VAL A 447 0.76 -8.47 -12.65
C VAL A 447 0.07 -7.44 -13.54
N SER A 448 -0.85 -7.91 -14.41
CA SER A 448 -1.61 -7.05 -15.33
C SER A 448 -2.95 -7.68 -15.68
N ASP A 449 -4.00 -6.84 -15.80
CA ASP A 449 -5.34 -7.28 -16.17
C ASP A 449 -5.31 -7.78 -17.63
N TRP A 450 -5.80 -9.02 -17.86
CA TRP A 450 -5.80 -9.69 -19.17
C TRP A 450 -6.49 -8.86 -20.26
N LEU A 451 -7.64 -8.25 -19.94
CA LEU A 451 -8.42 -7.43 -20.88
C LEU A 451 -7.66 -6.14 -21.27
N PHE A 452 -6.85 -5.59 -20.34
CA PHE A 452 -6.04 -4.38 -20.54
C PHE A 452 -4.83 -4.67 -21.44
N SER A 453 -4.06 -5.72 -21.10
CA SER A 453 -2.85 -6.13 -21.82
C SER A 453 -3.16 -6.64 -23.23
N MET A 454 -4.35 -7.25 -23.44
CA MET A 454 -4.79 -7.74 -24.75
C MET A 454 -5.06 -6.60 -25.73
N TRP A 455 -5.60 -5.48 -25.22
CA TRP A 455 -5.98 -4.32 -26.00
C TRP A 455 -4.83 -3.31 -26.18
N HIS A 456 -4.02 -3.07 -25.13
CA HIS A 456 -2.97 -2.04 -25.17
C HIS A 456 -1.54 -2.58 -25.38
N TYR A 457 -1.08 -3.55 -24.56
CA TYR A 457 0.29 -4.08 -24.57
C TYR A 457 0.73 -4.62 -25.93
N SER A 458 1.71 -3.93 -26.55
CA SER A 458 2.32 -4.31 -27.82
C SER A 458 3.29 -5.47 -27.60
N HIS A 459 3.85 -5.54 -26.38
CA HIS A 459 4.75 -6.58 -25.90
C HIS A 459 3.99 -7.49 -24.93
N PRO A 460 4.08 -8.84 -25.07
CA PRO A 460 3.36 -9.72 -24.13
C PRO A 460 3.87 -9.61 -22.68
N PRO A 461 3.06 -9.97 -21.65
CA PRO A 461 3.54 -9.84 -20.25
C PRO A 461 4.81 -10.62 -19.95
N LEU A 462 5.60 -10.13 -18.97
CA LEU A 462 6.88 -10.70 -18.56
C LEU A 462 6.75 -12.19 -18.24
N LEU A 463 5.74 -12.57 -17.43
CA LEU A 463 5.48 -13.96 -17.02
C LEU A 463 5.19 -14.88 -18.23
N GLU A 464 4.51 -14.35 -19.26
CA GLU A 464 4.18 -15.07 -20.50
C GLU A 464 5.45 -15.30 -21.34
N ARG A 465 6.31 -14.27 -21.44
CA ARG A 465 7.58 -14.32 -22.19
C ARG A 465 8.61 -15.23 -21.52
N LEU A 466 8.67 -15.21 -20.16
CA LEU A 466 9.60 -16.03 -19.38
C LEU A 466 9.25 -17.51 -19.46
N GLN A 467 7.95 -17.85 -19.42
CA GLN A 467 7.45 -19.23 -19.48
C GLN A 467 7.74 -19.87 -20.84
N ALA A 468 7.66 -19.09 -21.94
CA ALA A 468 7.96 -19.54 -23.30
C ALA A 468 9.44 -19.85 -23.46
N LEU A 469 10.31 -19.08 -22.76
CA LEU A 469 11.77 -19.25 -22.77
C LEU A 469 12.19 -20.46 -21.90
N LYS A 470 11.48 -20.68 -20.78
CA LYS A 470 11.71 -21.79 -19.84
C LYS A 470 11.38 -23.13 -20.50
N THR A 471 10.34 -23.15 -21.36
CA THR A 471 9.89 -24.33 -22.11
C THR A 471 10.93 -24.68 -23.19
N MET A 472 11.42 -23.65 -23.93
CA MET A 472 12.42 -23.78 -24.99
C MET A 472 13.80 -24.12 -24.41
N LEU B 10 27.62 46.01 -17.28
CA LEU B 10 28.04 44.82 -16.54
C LEU B 10 28.72 43.80 -17.47
N TRP B 11 29.93 43.36 -17.08
CA TRP B 11 30.72 42.36 -17.80
C TRP B 11 30.47 40.94 -17.23
N GLU B 12 29.35 40.78 -16.48
CA GLU B 12 28.94 39.53 -15.83
C GLU B 12 27.46 39.23 -16.03
N MET B 13 26.62 40.27 -16.28
CA MET B 13 25.16 40.09 -16.45
C MET B 13 24.60 40.74 -17.74
N PRO B 14 23.55 40.14 -18.39
CA PRO B 14 22.98 40.75 -19.60
C PRO B 14 21.93 41.84 -19.29
N ALA B 15 21.46 42.56 -20.32
CA ALA B 15 20.50 43.66 -20.15
C ALA B 15 19.04 43.23 -20.42
N GLU B 16 18.72 42.86 -21.69
CA GLU B 16 17.38 42.44 -22.10
C GLU B 16 16.96 41.13 -21.46
N LYS B 17 17.92 40.20 -21.25
CA LYS B 17 17.67 38.90 -20.64
C LYS B 17 17.36 39.03 -19.15
N ARG B 18 17.92 40.06 -18.49
CA ARG B 18 17.72 40.34 -17.06
C ARG B 18 16.30 40.84 -16.75
N ILE B 19 15.73 41.74 -17.59
CA ILE B 19 14.38 42.29 -17.39
C ILE B 19 13.30 41.24 -17.72
N PHE B 20 13.59 40.31 -18.63
CA PHE B 20 12.67 39.22 -18.97
C PHE B 20 12.54 38.25 -17.79
N GLY B 21 13.69 37.91 -17.19
CA GLY B 21 13.77 37.02 -16.03
C GLY B 21 13.11 37.61 -14.80
N ALA B 22 13.24 38.94 -14.64
CA ALA B 22 12.65 39.72 -13.54
C ALA B 22 11.12 39.61 -13.55
N VAL B 23 10.52 39.63 -14.76
CA VAL B 23 9.08 39.51 -15.01
C VAL B 23 8.59 38.13 -14.53
N LEU B 24 9.27 37.04 -14.96
CA LEU B 24 8.95 35.67 -14.62
C LEU B 24 9.23 35.36 -13.15
N LEU B 25 10.30 35.94 -12.57
CA LEU B 25 10.65 35.75 -11.16
C LEU B 25 9.58 36.35 -10.26
N PHE B 26 9.01 37.50 -10.66
CA PHE B 26 7.95 38.17 -9.92
C PHE B 26 6.64 37.41 -10.04
N SER B 27 6.31 36.97 -11.26
CA SER B 27 5.09 36.22 -11.57
C SER B 27 5.00 34.92 -10.77
N TRP B 28 6.17 34.30 -10.47
CA TRP B 28 6.24 33.06 -9.71
C TRP B 28 6.25 33.29 -8.20
N THR B 29 6.89 34.37 -7.71
CA THR B 29 6.91 34.67 -6.27
C THR B 29 5.50 35.07 -5.80
N VAL B 30 4.77 35.84 -6.63
CA VAL B 30 3.38 36.27 -6.37
C VAL B 30 2.51 35.02 -6.34
N TYR B 31 2.73 34.08 -7.31
CA TYR B 31 2.03 32.81 -7.39
C TYR B 31 2.28 31.97 -6.13
N LEU B 32 3.57 31.82 -5.73
CA LEU B 32 3.97 31.05 -4.55
C LEU B 32 3.43 31.68 -3.26
N TRP B 33 3.30 33.01 -3.22
CA TRP B 33 2.72 33.74 -2.08
C TRP B 33 1.23 33.39 -1.96
N GLU B 34 0.52 33.43 -3.10
CA GLU B 34 -0.91 33.12 -3.20
C GLU B 34 -1.17 31.63 -2.94
N THR B 35 -0.22 30.75 -3.33
CA THR B 35 -0.30 29.30 -3.12
C THR B 35 -0.07 29.00 -1.63
N PHE B 36 0.86 29.71 -0.98
CA PHE B 36 1.12 29.58 0.46
C PHE B 36 -0.15 29.93 1.25
N LEU B 37 -0.83 31.01 0.81
CA LEU B 37 -2.09 31.50 1.37
C LEU B 37 -3.19 30.48 1.14
N ALA B 38 -3.23 29.89 -0.08
CA ALA B 38 -4.21 28.87 -0.45
C ALA B 38 -4.01 27.61 0.40
N GLN B 39 -2.75 27.24 0.67
CA GLN B 39 -2.37 26.10 1.52
C GLN B 39 -2.79 26.36 2.96
N ARG B 40 -2.59 27.60 3.44
CA ARG B 40 -2.91 28.07 4.79
C ARG B 40 -4.42 27.98 5.05
N GLN B 41 -5.26 28.35 4.06
CA GLN B 41 -6.72 28.31 4.19
C GLN B 41 -7.27 26.90 3.92
N ARG B 42 -6.55 26.08 3.13
CA ARG B 42 -6.95 24.69 2.84
C ARG B 42 -6.83 23.86 4.12
N ARG B 43 -5.85 24.21 4.98
CA ARG B 43 -5.60 23.57 6.27
C ARG B 43 -6.77 23.82 7.21
N ILE B 44 -7.36 25.05 7.16
CA ILE B 44 -8.50 25.47 7.98
C ILE B 44 -9.71 24.56 7.67
N TYR B 45 -9.98 24.30 6.36
CA TYR B 45 -11.09 23.45 5.90
C TYR B 45 -10.91 22.00 6.37
N LYS B 46 -9.67 21.50 6.39
CA LYS B 46 -9.33 20.13 6.78
C LYS B 46 -9.26 19.95 8.30
N THR B 47 -8.82 20.98 9.04
CA THR B 47 -8.68 20.93 10.50
C THR B 47 -10.04 21.17 11.20
N THR B 48 -10.69 22.34 10.95
CA THR B 48 -11.96 22.69 11.58
C THR B 48 -13.11 21.81 11.03
N THR B 49 -13.24 20.60 11.60
CA THR B 49 -14.27 19.62 11.25
C THR B 49 -15.50 19.79 12.18
N HIS B 50 -15.28 20.32 13.41
CA HIS B 50 -16.32 20.58 14.41
C HIS B 50 -16.77 22.05 14.30
N VAL B 51 -18.08 22.31 14.51
CA VAL B 51 -18.66 23.65 14.43
C VAL B 51 -18.17 24.53 15.61
N PRO B 52 -17.66 25.77 15.34
CA PRO B 52 -17.18 26.62 16.45
C PRO B 52 -18.32 27.13 17.35
N PRO B 53 -18.05 27.47 18.64
CA PRO B 53 -19.13 27.96 19.52
C PRO B 53 -19.66 29.34 19.11
N GLU B 54 -18.80 30.20 18.52
CA GLU B 54 -19.16 31.54 18.06
C GLU B 54 -20.11 31.47 16.85
N LEU B 55 -19.79 30.61 15.86
CA LEU B 55 -20.60 30.41 14.65
C LEU B 55 -21.63 29.26 14.83
N GLY B 56 -21.90 28.90 16.09
CA GLY B 56 -22.83 27.85 16.47
C GLY B 56 -24.27 28.14 16.12
N GLN B 57 -24.70 29.40 16.31
CA GLN B 57 -26.06 29.85 16.00
C GLN B 57 -26.20 30.21 14.52
N ILE B 58 -25.07 30.49 13.84
CA ILE B 58 -25.00 30.87 12.42
C ILE B 58 -25.30 29.67 11.49
N MET B 59 -24.64 28.50 11.70
CA MET B 59 -24.82 27.31 10.87
C MET B 59 -24.80 26.02 11.69
N ASP B 60 -25.70 25.08 11.35
CA ASP B 60 -25.81 23.77 12.01
C ASP B 60 -24.76 22.80 11.46
N SER B 61 -24.49 21.69 12.18
CA SER B 61 -23.48 20.67 11.84
C SER B 61 -23.66 20.09 10.43
N GLU B 62 -24.92 19.89 9.97
CA GLU B 62 -25.22 19.36 8.65
C GLU B 62 -24.84 20.36 7.56
N THR B 63 -25.24 21.64 7.73
CA THR B 63 -24.96 22.74 6.80
C THR B 63 -23.46 23.05 6.78
N PHE B 64 -22.80 22.99 7.97
CA PHE B 64 -21.37 23.25 8.14
C PHE B 64 -20.52 22.20 7.40
N GLU B 65 -20.86 20.89 7.53
CA GLU B 65 -20.12 19.81 6.85
C GLU B 65 -20.39 19.83 5.35
N LYS B 66 -21.60 20.27 4.94
CA LYS B 66 -21.98 20.43 3.52
C LYS B 66 -21.14 21.55 2.90
N SER B 67 -20.88 22.61 3.69
CA SER B 67 -20.08 23.78 3.33
C SER B 67 -18.58 23.43 3.36
N ARG B 68 -18.16 22.61 4.34
CA ARG B 68 -16.77 22.16 4.52
C ARG B 68 -16.29 21.35 3.31
N LEU B 69 -17.09 20.36 2.86
CA LEU B 69 -16.81 19.50 1.72
C LEU B 69 -16.82 20.28 0.40
N TYR B 70 -17.73 21.27 0.26
CA TYR B 70 -17.88 22.13 -0.92
C TYR B 70 -16.67 23.04 -1.10
N GLN B 71 -16.23 23.71 -0.02
CA GLN B 71 -15.08 24.63 -0.06
C GLN B 71 -13.77 23.86 -0.21
N LEU B 72 -13.73 22.58 0.23
CA LEU B 72 -12.56 21.70 0.11
C LEU B 72 -12.35 21.29 -1.36
N ASP B 73 -13.44 20.91 -2.06
CA ASP B 73 -13.45 20.53 -3.47
C ASP B 73 -13.11 21.73 -4.36
N LYS B 74 -13.57 22.93 -3.95
CA LYS B 74 -13.31 24.19 -4.64
C LYS B 74 -11.83 24.57 -4.52
N SER B 75 -11.22 24.34 -3.33
CA SER B 75 -9.82 24.64 -3.05
C SER B 75 -8.87 23.75 -3.89
N THR B 76 -9.20 22.45 -3.99
CA THR B 76 -8.42 21.46 -4.76
C THR B 76 -8.40 21.85 -6.24
N PHE B 77 -9.58 22.19 -6.81
CA PHE B 77 -9.72 22.63 -8.21
C PHE B 77 -8.97 23.93 -8.43
N SER B 78 -9.15 24.90 -7.51
CA SER B 78 -8.52 26.22 -7.53
C SER B 78 -7.00 26.12 -7.69
N PHE B 79 -6.37 25.11 -7.05
CA PHE B 79 -4.94 24.88 -7.11
C PHE B 79 -4.48 24.43 -8.51
N TRP B 80 -5.00 23.28 -8.98
CA TRP B 80 -4.64 22.67 -10.26
C TRP B 80 -5.01 23.53 -11.46
N SER B 81 -6.17 24.22 -11.44
CA SER B 81 -6.58 25.13 -12.50
C SER B 81 -5.66 26.36 -12.50
N GLY B 82 -5.24 26.78 -11.31
CA GLY B 82 -4.32 27.89 -11.10
C GLY B 82 -2.90 27.54 -11.48
N LEU B 83 -2.47 26.30 -11.16
CA LEU B 83 -1.14 25.79 -11.47
C LEU B 83 -0.96 25.63 -12.97
N TYR B 84 -1.99 25.12 -13.68
CA TYR B 84 -1.98 24.94 -15.14
C TYR B 84 -1.77 26.28 -15.83
N SER B 85 -2.49 27.33 -15.35
CA SER B 85 -2.41 28.70 -15.86
C SER B 85 -1.00 29.25 -15.72
N GLU B 86 -0.44 29.17 -14.48
CA GLU B 86 0.90 29.64 -14.14
C GLU B 86 1.99 28.89 -14.93
N THR B 87 1.78 27.59 -15.20
CA THR B 87 2.72 26.79 -15.99
C THR B 87 2.60 27.20 -17.46
N GLU B 88 1.36 27.34 -17.97
CA GLU B 88 1.10 27.74 -19.34
C GLU B 88 1.71 29.07 -19.69
N GLY B 89 1.51 30.07 -18.83
CA GLY B 89 2.04 31.42 -19.00
C GLY B 89 3.56 31.39 -19.13
N THR B 90 4.21 30.71 -18.18
CA THR B 90 5.66 30.54 -18.12
C THR B 90 6.17 29.83 -19.38
N LEU B 91 5.54 28.70 -19.76
CA LEU B 91 5.93 27.90 -20.95
C LEU B 91 5.78 28.68 -22.26
N ILE B 92 4.67 29.42 -22.45
CA ILE B 92 4.42 30.22 -23.66
C ILE B 92 5.52 31.28 -23.80
N LEU B 93 5.86 31.98 -22.70
CA LEU B 93 6.89 33.02 -22.71
C LEU B 93 8.29 32.44 -23.00
N LEU B 94 8.68 31.33 -22.31
CA LEU B 94 9.97 30.65 -22.49
C LEU B 94 10.12 30.04 -23.88
N PHE B 95 9.05 29.37 -24.37
CA PHE B 95 9.00 28.73 -25.68
C PHE B 95 8.98 29.79 -26.82
N GLY B 96 8.57 31.02 -26.48
CA GLY B 96 8.47 32.13 -27.41
C GLY B 96 7.26 32.03 -28.29
N GLY B 97 6.10 31.82 -27.68
CA GLY B 97 4.81 31.67 -28.34
C GLY B 97 4.31 32.95 -28.99
N ILE B 98 4.22 34.04 -28.19
CA ILE B 98 3.75 35.38 -28.58
C ILE B 98 4.49 35.92 -29.85
N PRO B 99 5.85 35.96 -29.95
CA PRO B 99 6.48 36.48 -31.17
C PRO B 99 6.21 35.61 -32.40
N TYR B 100 6.17 34.27 -32.23
CA TYR B 100 5.91 33.31 -33.30
C TYR B 100 4.45 33.40 -33.75
N LEU B 101 3.50 33.63 -32.82
CA LEU B 101 2.08 33.80 -33.15
C LEU B 101 1.90 35.10 -33.94
N TRP B 102 2.72 36.14 -33.62
CA TRP B 102 2.73 37.43 -34.30
C TRP B 102 3.18 37.26 -35.75
N ARG B 103 4.19 36.38 -36.00
CA ARG B 103 4.71 36.08 -37.33
C ARG B 103 3.66 35.37 -38.17
N LEU B 104 2.90 34.41 -37.57
CA LEU B 104 1.86 33.61 -38.23
C LEU B 104 0.61 34.43 -38.56
N SER B 105 0.42 35.55 -37.86
CA SER B 105 -0.70 36.45 -38.10
C SER B 105 -0.27 37.59 -39.07
N GLY B 106 0.64 37.26 -39.98
CA GLY B 106 1.16 38.17 -41.00
C GLY B 106 0.76 37.79 -42.42
N ARG B 107 1.71 37.94 -43.38
CA ARG B 107 1.58 37.66 -44.81
C ARG B 107 0.43 38.44 -45.45
N PRO B 116 0.33 51.97 -41.66
CA PRO B 116 -0.27 51.73 -40.35
C PRO B 116 -1.40 50.70 -40.40
N GLU B 117 -2.13 50.63 -41.54
CA GLU B 117 -3.23 49.69 -41.77
C GLU B 117 -2.77 48.23 -41.70
N TYR B 118 -1.56 47.94 -42.25
CA TYR B 118 -0.97 46.61 -42.29
C TYR B 118 -0.60 46.08 -40.89
N GLU B 119 -0.14 46.98 -39.99
CA GLU B 119 0.23 46.63 -38.62
C GLU B 119 -1.03 46.42 -37.75
N ILE B 120 -2.06 47.25 -37.94
CA ILE B 120 -3.32 47.17 -37.17
C ILE B 120 -4.09 45.89 -37.60
N THR B 121 -4.03 45.51 -38.90
CA THR B 121 -4.67 44.29 -39.40
C THR B 121 -3.98 43.07 -38.76
N GLN B 122 -2.62 43.10 -38.71
CA GLN B 122 -1.79 42.07 -38.09
C GLN B 122 -2.12 41.99 -36.59
N SER B 123 -2.29 43.17 -35.94
CA SER B 123 -2.67 43.27 -34.52
C SER B 123 -4.06 42.67 -34.29
N LEU B 124 -4.97 42.86 -35.26
CA LEU B 124 -6.36 42.39 -35.19
C LEU B 124 -6.48 40.88 -35.36
N VAL B 125 -5.79 40.29 -36.36
CA VAL B 125 -5.81 38.85 -36.59
C VAL B 125 -5.07 38.11 -35.46
N PHE B 126 -3.95 38.69 -34.93
CA PHE B 126 -3.20 38.12 -33.81
C PHE B 126 -4.12 38.01 -32.59
N LEU B 127 -4.87 39.09 -32.31
CA LEU B 127 -5.83 39.22 -31.22
C LEU B 127 -6.92 38.14 -31.31
N LEU B 128 -7.46 37.92 -32.53
CA LEU B 128 -8.50 36.93 -32.83
C LEU B 128 -8.04 35.50 -32.53
N LEU B 129 -6.77 35.20 -32.88
CA LEU B 129 -6.14 33.90 -32.67
C LEU B 129 -5.83 33.68 -31.19
N ALA B 130 -5.28 34.72 -30.52
CA ALA B 130 -4.93 34.69 -29.10
C ALA B 130 -6.14 34.40 -28.24
N THR B 131 -7.29 35.06 -28.50
CA THR B 131 -8.54 34.87 -27.75
C THR B 131 -9.20 33.53 -28.09
N LEU B 132 -8.94 33.00 -29.30
CA LEU B 132 -9.48 31.69 -29.71
C LEU B 132 -8.79 30.60 -28.89
N PHE B 133 -7.45 30.63 -28.79
CA PHE B 133 -6.66 29.67 -28.00
C PHE B 133 -7.04 29.80 -26.52
N SER B 134 -7.16 31.06 -26.02
CA SER B 134 -7.52 31.37 -24.62
C SER B 134 -8.83 30.73 -24.24
N ALA B 135 -9.87 30.86 -25.10
CA ALA B 135 -11.21 30.32 -24.87
C ALA B 135 -11.23 28.79 -24.87
N LEU B 136 -10.61 28.17 -25.90
CA LEU B 136 -10.59 26.72 -26.08
C LEU B 136 -9.78 26.00 -24.98
N ALA B 137 -8.63 26.56 -24.57
CA ALA B 137 -7.76 25.96 -23.55
C ALA B 137 -8.37 25.96 -22.15
N GLY B 138 -9.21 26.95 -21.87
CA GLY B 138 -9.87 27.13 -20.58
C GLY B 138 -11.25 26.53 -20.46
N LEU B 139 -11.87 26.19 -21.60
CA LEU B 139 -13.20 25.59 -21.67
C LEU B 139 -13.28 24.22 -20.94
N PRO B 140 -12.29 23.27 -20.98
CA PRO B 140 -12.44 22.02 -20.22
C PRO B 140 -12.45 22.24 -18.71
N TRP B 141 -11.68 23.24 -18.22
CA TRP B 141 -11.59 23.61 -16.81
C TRP B 141 -12.92 24.18 -16.34
N SER B 142 -13.52 25.07 -17.17
CA SER B 142 -14.82 25.71 -16.96
C SER B 142 -15.95 24.67 -16.92
N LEU B 143 -15.87 23.68 -17.82
CA LEU B 143 -16.81 22.57 -17.94
C LEU B 143 -16.74 21.68 -16.69
N TYR B 144 -15.53 21.51 -16.13
CA TYR B 144 -15.31 20.72 -14.93
C TYR B 144 -15.92 21.40 -13.72
N ASN B 145 -15.68 22.71 -13.55
CA ASN B 145 -16.21 23.46 -12.40
C ASN B 145 -17.74 23.37 -12.33
N THR B 146 -18.45 23.66 -13.43
CA THR B 146 -19.91 23.66 -13.43
C THR B 146 -20.50 22.25 -13.35
N PHE B 147 -19.97 21.29 -14.15
CA PHE B 147 -20.55 19.95 -14.21
C PHE B 147 -19.95 18.92 -13.23
N VAL B 148 -18.90 19.28 -12.46
CA VAL B 148 -18.38 18.32 -11.49
C VAL B 148 -18.46 18.94 -10.09
N ILE B 149 -17.88 20.14 -9.86
CA ILE B 149 -17.90 20.77 -8.52
C ILE B 149 -19.32 21.31 -8.21
N GLU B 150 -19.87 22.22 -9.04
CA GLU B 150 -21.19 22.81 -8.82
C GLU B 150 -22.31 21.77 -8.92
N GLU B 151 -22.08 20.68 -9.69
CA GLU B 151 -23.06 19.62 -9.84
C GLU B 151 -23.05 18.65 -8.65
N LYS B 152 -21.84 18.29 -8.14
CA LYS B 152 -21.66 17.38 -7.00
C LYS B 152 -22.31 17.95 -5.73
N HIS B 153 -22.16 19.28 -5.53
CA HIS B 153 -22.68 19.97 -4.36
C HIS B 153 -24.06 20.63 -4.64
N GLY B 154 -24.75 20.11 -5.66
CA GLY B 154 -26.10 20.46 -6.09
C GLY B 154 -26.45 21.90 -6.35
N PHE B 155 -25.47 22.73 -6.77
CA PHE B 155 -25.70 24.13 -7.08
C PHE B 155 -26.15 24.30 -8.53
N ASN B 156 -25.41 23.68 -9.48
CA ASN B 156 -25.64 23.77 -10.93
C ASN B 156 -27.01 23.28 -11.35
N GLN B 157 -27.64 24.05 -12.24
CA GLN B 157 -28.97 23.80 -12.83
C GLN B 157 -28.85 23.80 -14.37
N GLN B 158 -27.64 24.10 -14.88
CA GLN B 158 -27.29 24.15 -16.30
C GLN B 158 -27.25 22.77 -16.94
N THR B 159 -27.59 22.73 -18.22
CA THR B 159 -27.48 21.53 -19.06
C THR B 159 -26.24 21.73 -19.93
N LEU B 160 -25.69 20.64 -20.51
CA LEU B 160 -24.49 20.73 -21.35
C LEU B 160 -24.73 21.61 -22.57
N GLY B 161 -25.96 21.59 -23.08
CA GLY B 161 -26.39 22.38 -24.23
C GLY B 161 -26.38 23.87 -23.94
N PHE B 162 -26.94 24.26 -22.78
CA PHE B 162 -27.01 25.65 -22.33
C PHE B 162 -25.61 26.19 -22.11
N PHE B 163 -24.73 25.39 -21.47
CA PHE B 163 -23.33 25.75 -21.21
C PHE B 163 -22.60 26.02 -22.52
N MET B 164 -22.75 25.11 -23.51
CA MET B 164 -22.12 25.21 -24.82
C MET B 164 -22.65 26.40 -25.62
N LYS B 165 -23.99 26.55 -25.72
CA LYS B 165 -24.64 27.64 -26.44
C LYS B 165 -24.25 29.00 -25.86
N ASP B 166 -24.13 29.08 -24.53
CA ASP B 166 -23.74 30.30 -23.81
C ASP B 166 -22.26 30.65 -24.05
N ALA B 167 -21.37 29.62 -24.09
CA ALA B 167 -19.94 29.79 -24.30
C ALA B 167 -19.65 30.43 -25.66
N ILE B 168 -20.36 29.98 -26.71
CA ILE B 168 -20.25 30.50 -28.08
C ILE B 168 -20.84 31.91 -28.11
N LYS B 169 -22.06 32.09 -27.55
CA LYS B 169 -22.76 33.38 -27.46
C LYS B 169 -21.84 34.44 -26.88
N LYS B 170 -21.25 34.16 -25.69
CA LYS B 170 -20.34 35.05 -24.98
C LYS B 170 -19.09 35.34 -25.81
N PHE B 171 -18.42 34.28 -26.35
CA PHE B 171 -17.23 34.41 -27.18
C PHE B 171 -17.48 35.33 -28.39
N VAL B 172 -18.63 35.16 -29.08
CA VAL B 172 -19.02 35.93 -30.26
C VAL B 172 -19.17 37.42 -29.87
N VAL B 173 -19.97 37.71 -28.83
CA VAL B 173 -20.22 39.06 -28.32
C VAL B 173 -18.89 39.74 -27.87
N THR B 174 -17.97 38.97 -27.25
CA THR B 174 -16.67 39.46 -26.79
C THR B 174 -15.86 40.04 -27.96
N GLN B 175 -15.73 39.26 -29.06
CA GLN B 175 -14.99 39.64 -30.27
C GLN B 175 -15.59 40.90 -30.91
N CYS B 176 -16.94 40.97 -30.98
CA CYS B 176 -17.70 42.08 -31.58
C CYS B 176 -17.52 43.40 -30.81
N ILE B 177 -17.02 43.35 -29.57
CA ILE B 177 -16.74 44.52 -28.75
C ILE B 177 -15.23 44.80 -28.82
N LEU B 178 -14.42 43.73 -28.69
CA LEU B 178 -12.96 43.76 -28.66
C LEU B 178 -12.37 44.35 -29.94
N LEU B 179 -12.62 43.72 -31.11
CA LEU B 179 -12.09 44.11 -32.42
C LEU B 179 -12.32 45.61 -32.79
N PRO B 180 -13.54 46.21 -32.71
CA PRO B 180 -13.66 47.63 -33.08
C PRO B 180 -12.96 48.57 -32.09
N VAL B 181 -13.02 48.27 -30.77
CA VAL B 181 -12.39 49.06 -29.71
C VAL B 181 -10.85 48.99 -29.85
N SER B 182 -10.30 47.76 -30.06
CA SER B 182 -8.87 47.49 -30.21
C SER B 182 -8.27 48.23 -31.39
N SER B 183 -8.87 48.09 -32.60
CA SER B 183 -8.44 48.74 -33.83
C SER B 183 -8.39 50.27 -33.67
N LEU B 184 -9.44 50.87 -33.07
CA LEU B 184 -9.53 52.32 -32.83
C LEU B 184 -8.50 52.77 -31.80
N LEU B 185 -8.26 51.96 -30.74
CA LEU B 185 -7.27 52.25 -29.68
C LEU B 185 -5.86 52.28 -30.28
N LEU B 186 -5.56 51.30 -31.16
CA LEU B 186 -4.26 51.20 -31.87
C LEU B 186 -4.09 52.36 -32.85
N TYR B 187 -5.20 52.77 -33.50
CA TYR B 187 -5.25 53.86 -34.47
C TYR B 187 -4.82 55.18 -33.81
N ILE B 188 -5.36 55.48 -32.61
CA ILE B 188 -5.07 56.70 -31.85
C ILE B 188 -3.58 56.76 -31.43
N ILE B 189 -3.00 55.63 -31.00
CA ILE B 189 -1.59 55.55 -30.58
C ILE B 189 -0.65 55.76 -31.78
N LYS B 190 -0.93 55.07 -32.91
CA LYS B 190 -0.12 55.12 -34.13
C LYS B 190 -0.23 56.47 -34.85
N ILE B 191 -1.46 57.01 -35.01
CA ILE B 191 -1.71 58.28 -35.71
C ILE B 191 -1.35 59.48 -34.81
N GLY B 192 -1.96 59.56 -33.63
CA GLY B 192 -1.75 60.64 -32.69
C GLY B 192 -0.35 60.73 -32.11
N GLY B 193 0.00 61.92 -31.61
CA GLY B 193 1.30 62.18 -31.03
C GLY B 193 1.67 63.66 -31.02
N ASP B 194 2.72 64.06 -30.25
CA ASP B 194 3.57 63.20 -29.41
C ASP B 194 2.90 62.92 -28.04
N TYR B 195 1.75 63.57 -27.78
CA TYR B 195 0.95 63.43 -26.56
C TYR B 195 -0.25 62.50 -26.81
N PHE B 196 0.02 61.33 -27.45
CA PHE B 196 -0.97 60.31 -27.83
C PHE B 196 -1.63 59.65 -26.60
N PHE B 197 -0.93 59.60 -25.45
CA PHE B 197 -1.41 58.95 -24.22
C PHE B 197 -2.62 59.67 -23.58
N ILE B 198 -2.92 60.92 -24.00
CA ILE B 198 -4.06 61.67 -23.47
C ILE B 198 -5.31 61.28 -24.27
N TYR B 199 -5.21 61.27 -25.62
CA TYR B 199 -6.33 60.91 -26.50
C TYR B 199 -6.71 59.43 -26.32
N ALA B 200 -5.70 58.54 -26.13
CA ALA B 200 -5.90 57.10 -25.91
C ALA B 200 -6.54 56.81 -24.54
N TRP B 201 -6.22 57.66 -23.53
CA TRP B 201 -6.79 57.55 -22.19
C TRP B 201 -8.23 58.08 -22.21
N LEU B 202 -8.47 59.19 -22.96
CA LEU B 202 -9.79 59.78 -23.10
C LEU B 202 -10.72 58.89 -23.93
N PHE B 203 -10.15 58.11 -24.88
CA PHE B 203 -10.91 57.15 -25.71
C PHE B 203 -11.42 56.02 -24.83
N THR B 204 -10.53 55.46 -23.97
CA THR B 204 -10.87 54.38 -23.03
C THR B 204 -11.87 54.89 -21.99
N LEU B 205 -11.79 56.19 -21.63
CA LEU B 205 -12.69 56.87 -20.70
C LEU B 205 -14.12 56.92 -21.26
N VAL B 206 -14.25 57.20 -22.58
CA VAL B 206 -15.54 57.27 -23.28
C VAL B 206 -16.09 55.84 -23.44
N VAL B 207 -15.25 54.92 -23.97
CA VAL B 207 -15.58 53.51 -24.21
C VAL B 207 -16.05 52.84 -22.89
N SER B 208 -15.42 53.19 -21.73
CA SER B 208 -15.79 52.65 -20.42
C SER B 208 -17.22 53.07 -20.04
N LEU B 209 -17.51 54.39 -20.02
CA LEU B 209 -18.82 54.94 -19.65
C LEU B 209 -19.94 54.51 -20.63
N VAL B 210 -19.62 54.31 -21.92
CA VAL B 210 -20.58 53.89 -22.95
C VAL B 210 -20.97 52.41 -22.69
N LEU B 211 -19.97 51.52 -22.56
CA LEU B 211 -20.16 50.08 -22.32
C LEU B 211 -20.84 49.80 -20.96
N VAL B 212 -20.67 50.70 -19.96
CA VAL B 212 -21.27 50.57 -18.64
C VAL B 212 -22.81 50.73 -18.76
N THR B 213 -23.26 51.73 -19.53
CA THR B 213 -24.68 52.04 -19.75
C THR B 213 -25.33 51.02 -20.70
N ILE B 214 -24.61 50.55 -21.74
CA ILE B 214 -25.11 49.61 -22.74
C ILE B 214 -25.30 48.19 -22.16
N TYR B 215 -24.27 47.65 -21.46
CA TYR B 215 -24.19 46.28 -20.90
C TYR B 215 -25.52 45.73 -20.34
N ALA B 216 -26.01 46.23 -19.19
CA ALA B 216 -27.22 45.77 -18.50
C ALA B 216 -28.49 45.89 -19.35
N ASP B 217 -28.53 46.84 -20.30
CA ASP B 217 -29.70 47.10 -21.14
C ASP B 217 -29.69 46.30 -22.45
N TYR B 218 -28.51 45.97 -23.02
CA TYR B 218 -28.45 45.29 -24.32
C TYR B 218 -27.59 44.01 -24.33
N ILE B 219 -26.36 44.05 -23.77
CA ILE B 219 -25.44 42.91 -23.76
C ILE B 219 -25.88 41.82 -22.77
N ALA B 220 -26.10 42.17 -21.48
CA ALA B 220 -26.50 41.26 -20.39
C ALA B 220 -27.80 40.46 -20.66
N PRO B 221 -28.91 41.03 -21.19
CA PRO B 221 -30.12 40.21 -21.40
C PRO B 221 -30.00 39.11 -22.46
N LEU B 222 -28.91 39.11 -23.26
CA LEU B 222 -28.65 38.10 -24.31
C LEU B 222 -28.26 36.74 -23.71
N PHE B 223 -27.66 36.75 -22.52
CA PHE B 223 -27.18 35.56 -21.84
C PHE B 223 -28.14 35.09 -20.74
N ASP B 224 -28.78 36.02 -20.02
CA ASP B 224 -29.71 35.72 -18.94
C ASP B 224 -31.08 36.39 -19.13
N LYS B 225 -32.17 35.70 -18.75
CA LYS B 225 -33.54 36.19 -18.90
C LYS B 225 -33.83 37.27 -17.84
N PHE B 226 -33.99 38.52 -18.32
CA PHE B 226 -34.29 39.69 -17.50
C PHE B 226 -35.78 40.01 -17.57
N THR B 227 -36.45 40.05 -16.41
CA THR B 227 -37.88 40.36 -16.30
C THR B 227 -38.12 41.33 -15.15
N PRO B 228 -38.99 42.36 -15.31
CA PRO B 228 -39.25 43.29 -14.19
C PRO B 228 -39.99 42.61 -13.04
N LEU B 229 -39.73 43.05 -11.79
CA LEU B 229 -40.30 42.51 -10.56
C LEU B 229 -41.83 42.60 -10.57
N PRO B 230 -42.56 41.48 -10.33
CA PRO B 230 -44.03 41.53 -10.35
C PRO B 230 -44.60 42.32 -9.17
N GLU B 231 -45.76 42.97 -9.39
CA GLU B 231 -46.44 43.79 -8.39
C GLU B 231 -46.91 42.94 -7.21
N GLY B 232 -46.56 43.38 -6.00
CA GLY B 232 -46.90 42.71 -4.75
C GLY B 232 -46.49 43.46 -3.52
N LYS B 233 -46.36 42.76 -2.38
CA LYS B 233 -45.96 43.33 -1.08
C LYS B 233 -44.50 43.78 -1.10
N LEU B 234 -43.64 43.03 -1.83
CA LEU B 234 -42.22 43.34 -1.98
C LEU B 234 -42.02 44.52 -2.93
N LYS B 235 -42.76 44.54 -4.06
CA LYS B 235 -42.69 45.60 -5.09
C LYS B 235 -43.17 46.95 -4.56
N GLU B 236 -44.20 46.96 -3.70
CA GLU B 236 -44.77 48.17 -3.11
C GLU B 236 -43.84 48.76 -2.04
N GLU B 237 -43.29 47.89 -1.15
CA GLU B 237 -42.39 48.29 -0.06
C GLU B 237 -41.04 48.82 -0.58
N ILE B 238 -40.59 48.33 -1.77
CA ILE B 238 -39.35 48.75 -2.42
C ILE B 238 -39.50 50.18 -2.94
N GLU B 239 -40.67 50.53 -3.51
CA GLU B 239 -41.00 51.87 -4.03
C GLU B 239 -41.08 52.89 -2.90
N VAL B 240 -41.58 52.45 -1.72
CA VAL B 240 -41.69 53.25 -0.49
C VAL B 240 -40.26 53.58 0.00
N MET B 241 -39.36 52.57 -0.01
CA MET B 241 -37.95 52.70 0.37
C MET B 241 -37.18 53.56 -0.64
N ALA B 242 -37.49 53.40 -1.96
CA ALA B 242 -36.86 54.15 -3.05
C ALA B 242 -37.19 55.64 -2.98
N LYS B 243 -38.45 55.99 -2.63
CA LYS B 243 -38.91 57.36 -2.48
C LYS B 243 -38.31 57.99 -1.22
N SER B 244 -38.11 57.16 -0.17
CA SER B 244 -37.56 57.57 1.13
C SER B 244 -36.09 58.00 1.01
N ILE B 245 -35.27 57.25 0.23
CA ILE B 245 -33.85 57.52 0.02
C ILE B 245 -33.63 58.46 -1.19
N ASP B 246 -34.73 58.87 -1.87
CA ASP B 246 -34.77 59.74 -3.06
C ASP B 246 -34.00 59.09 -4.24
N PHE B 247 -34.03 57.74 -4.32
CA PHE B 247 -33.39 56.98 -5.38
C PHE B 247 -34.25 57.04 -6.66
N PRO B 248 -33.71 57.54 -7.80
CA PRO B 248 -34.54 57.63 -9.02
C PRO B 248 -34.75 56.26 -9.67
N LEU B 249 -35.67 55.47 -9.07
CA LEU B 249 -36.02 54.12 -9.51
C LEU B 249 -36.92 54.17 -10.74
N THR B 250 -36.54 53.41 -11.79
CA THR B 250 -37.28 53.26 -13.04
C THR B 250 -38.08 51.95 -12.91
N LYS B 251 -37.38 50.85 -12.55
CA LYS B 251 -37.95 49.51 -12.36
C LYS B 251 -37.00 48.62 -11.56
N VAL B 252 -37.55 47.55 -10.93
CA VAL B 252 -36.80 46.54 -10.18
C VAL B 252 -36.79 45.28 -11.04
N TYR B 253 -35.61 44.65 -11.22
CA TYR B 253 -35.49 43.46 -12.07
C TYR B 253 -35.26 42.18 -11.29
N VAL B 254 -35.91 41.09 -11.75
CA VAL B 254 -35.79 39.75 -11.18
C VAL B 254 -35.10 38.86 -12.24
N VAL B 255 -33.76 38.75 -12.14
CA VAL B 255 -32.90 38.01 -13.07
C VAL B 255 -33.10 36.50 -12.83
N GLU B 256 -33.41 35.76 -13.91
CA GLU B 256 -33.61 34.32 -13.90
C GLU B 256 -32.26 33.60 -13.74
N GLY B 257 -31.73 33.66 -12.52
CA GLY B 257 -30.46 33.05 -12.13
C GLY B 257 -30.60 31.60 -11.73
N SER B 258 -31.86 31.11 -11.60
CA SER B 258 -32.20 29.73 -11.25
C SER B 258 -31.94 28.78 -12.42
N LYS B 259 -31.85 29.32 -13.66
CA LYS B 259 -31.58 28.56 -14.88
C LYS B 259 -30.13 28.08 -14.92
N ARG B 260 -29.24 28.78 -14.18
CA ARG B 260 -27.81 28.48 -14.10
C ARG B 260 -27.44 27.76 -12.80
N SER B 261 -27.69 28.39 -11.62
CA SER B 261 -27.32 27.83 -10.32
C SER B 261 -28.23 28.27 -9.17
N SER B 262 -28.10 27.59 -8.01
CA SER B 262 -28.86 27.84 -6.77
C SER B 262 -28.26 29.01 -5.95
N HIS B 263 -27.16 29.62 -6.43
CA HIS B 263 -26.48 30.74 -5.76
C HIS B 263 -27.32 32.02 -5.80
N SER B 264 -27.31 32.78 -4.68
CA SER B 264 -28.08 34.02 -4.51
C SER B 264 -27.18 35.25 -4.34
N ASN B 265 -27.57 36.39 -4.97
CA ASN B 265 -26.86 37.69 -4.92
C ASN B 265 -27.78 38.84 -5.42
N ALA B 266 -27.28 40.10 -5.40
CA ALA B 266 -28.01 41.30 -5.85
C ALA B 266 -27.05 42.43 -6.24
N TYR B 267 -27.46 43.29 -7.19
CA TYR B 267 -26.69 44.44 -7.69
C TYR B 267 -27.61 45.62 -8.11
N PHE B 268 -27.01 46.74 -8.58
CA PHE B 268 -27.75 47.93 -9.02
C PHE B 268 -27.00 48.65 -10.16
N TYR B 269 -27.75 49.27 -11.09
CA TYR B 269 -27.18 49.97 -12.24
C TYR B 269 -28.02 51.20 -12.63
N GLY B 270 -27.47 52.03 -13.53
CA GLY B 270 -28.12 53.24 -14.03
C GLY B 270 -27.18 54.26 -14.65
N PHE B 271 -27.70 55.49 -14.85
CA PHE B 271 -26.96 56.61 -15.43
C PHE B 271 -27.14 57.87 -14.59
N LYS B 275 -32.05 54.82 -13.38
CA LYS B 275 -31.49 53.84 -12.46
C LYS B 275 -32.46 52.68 -12.22
N ARG B 276 -31.93 51.44 -12.19
CA ARG B 276 -32.71 50.22 -11.98
C ARG B 276 -31.98 49.20 -11.07
N ILE B 277 -32.75 48.53 -10.20
CA ILE B 277 -32.27 47.52 -9.24
C ILE B 277 -32.26 46.12 -9.88
N VAL B 278 -31.26 45.27 -9.50
CA VAL B 278 -31.11 43.90 -10.02
C VAL B 278 -31.04 42.89 -8.85
N LEU B 279 -32.03 41.98 -8.76
CA LEU B 279 -32.10 40.96 -7.71
C LEU B 279 -32.35 39.58 -8.31
N PHE B 280 -31.61 38.56 -7.81
CA PHE B 280 -31.72 37.16 -8.24
C PHE B 280 -33.06 36.55 -7.84
N ASP B 281 -33.59 35.64 -8.68
CA ASP B 281 -34.85 34.95 -8.38
C ASP B 281 -34.64 33.91 -7.27
N THR B 282 -33.38 33.47 -7.08
CA THR B 282 -32.97 32.52 -6.03
C THR B 282 -32.96 33.20 -4.66
N LEU B 283 -32.73 34.53 -4.63
CA LEU B 283 -32.70 35.36 -3.42
C LEU B 283 -34.14 35.67 -2.95
N LEU B 284 -35.07 35.85 -3.91
CA LEU B 284 -36.47 36.22 -3.64
C LEU B 284 -37.35 35.02 -3.25
N GLU B 285 -37.13 33.83 -3.86
CA GLU B 285 -37.92 32.61 -3.62
C GLU B 285 -37.78 32.12 -2.17
N GLN B 322 -35.01 28.30 0.94
CA GLN B 322 -35.16 28.57 -0.49
C GLN B 322 -34.38 29.83 -0.91
N GLY B 323 -34.60 30.92 -0.18
CA GLY B 323 -33.96 32.21 -0.42
C GLY B 323 -34.02 33.12 0.79
N CYS B 324 -34.62 34.32 0.62
CA CYS B 324 -34.78 35.33 1.68
C CYS B 324 -36.21 35.87 1.68
N LYS B 325 -36.75 36.15 2.88
CA LYS B 325 -38.08 36.74 3.08
C LYS B 325 -38.08 38.20 2.61
N ASN B 326 -39.26 38.76 2.27
CA ASN B 326 -39.41 40.14 1.78
C ASN B 326 -38.76 41.18 2.71
N GLU B 327 -38.81 40.95 4.04
CA GLU B 327 -38.19 41.82 5.06
C GLU B 327 -36.66 41.79 4.95
N GLU B 328 -36.07 40.60 4.66
CA GLU B 328 -34.64 40.40 4.49
C GLU B 328 -34.15 40.97 3.16
N VAL B 329 -34.97 40.86 2.10
CA VAL B 329 -34.69 41.35 0.74
C VAL B 329 -34.53 42.89 0.77
N LEU B 330 -35.45 43.59 1.47
CA LEU B 330 -35.45 45.05 1.63
C LEU B 330 -34.19 45.53 2.36
N ALA B 331 -33.71 44.73 3.34
CA ALA B 331 -32.50 45.01 4.12
C ALA B 331 -31.25 44.88 3.24
N VAL B 332 -31.26 43.88 2.32
CA VAL B 332 -30.20 43.61 1.35
C VAL B 332 -30.18 44.78 0.34
N LEU B 333 -31.37 45.33 -0.01
CA LEU B 333 -31.52 46.48 -0.89
C LEU B 333 -30.95 47.73 -0.24
N GLY B 334 -31.26 47.92 1.05
CA GLY B 334 -30.77 49.03 1.87
C GLY B 334 -29.25 49.13 1.92
N HIS B 335 -28.58 47.97 1.85
CA HIS B 335 -27.12 47.83 1.82
C HIS B 335 -26.63 48.31 0.45
N ALA B 336 -27.22 47.77 -0.64
CA ALA B 336 -26.90 48.09 -2.04
C ALA B 336 -27.16 49.56 -2.36
N LEU B 337 -28.25 50.14 -1.77
CA LEU B 337 -28.62 51.55 -1.93
C LEU B 337 -27.58 52.43 -1.23
N GLY B 338 -26.87 51.85 -0.27
CA GLY B 338 -25.80 52.49 0.50
C GLY B 338 -24.63 52.89 -0.36
N HIS B 339 -24.24 52.02 -1.32
CA HIS B 339 -23.12 52.26 -2.26
C HIS B 339 -23.43 53.45 -3.19
N TRP B 340 -24.72 53.67 -3.49
CA TRP B 340 -25.20 54.77 -4.31
C TRP B 340 -25.15 56.08 -3.49
N LYS B 341 -25.73 56.08 -2.27
CA LYS B 341 -25.82 57.22 -1.35
C LYS B 341 -24.45 57.66 -0.81
N LEU B 342 -23.57 56.69 -0.45
CA LEU B 342 -22.24 56.98 0.09
C LEU B 342 -21.21 57.28 -1.02
N GLY B 343 -21.67 57.22 -2.29
CA GLY B 343 -20.87 57.50 -3.46
C GLY B 343 -19.73 56.54 -3.73
N HIS B 344 -19.89 55.26 -3.32
CA HIS B 344 -18.90 54.21 -3.53
C HIS B 344 -18.73 53.91 -5.01
N THR B 345 -19.83 54.01 -5.78
CA THR B 345 -19.90 53.81 -7.24
C THR B 345 -19.03 54.85 -7.95
N VAL B 346 -19.26 56.15 -7.66
CA VAL B 346 -18.56 57.30 -8.25
C VAL B 346 -17.07 57.29 -7.87
N LYS B 347 -16.74 56.96 -6.61
CA LYS B 347 -15.36 56.90 -6.10
C LYS B 347 -14.55 55.83 -6.85
N ASN B 348 -15.16 54.67 -7.14
CA ASN B 348 -14.54 53.55 -7.85
C ASN B 348 -14.19 53.91 -9.30
N ILE B 349 -15.02 54.75 -9.97
CA ILE B 349 -14.78 55.21 -11.35
C ILE B 349 -13.61 56.19 -11.37
N ILE B 350 -13.56 57.11 -10.37
CA ILE B 350 -12.51 58.13 -10.20
C ILE B 350 -11.14 57.46 -10.01
N ILE B 351 -11.09 56.31 -9.29
CA ILE B 351 -9.86 55.54 -9.06
C ILE B 351 -9.43 54.87 -10.38
N SER B 352 -10.38 54.20 -11.08
CA SER B 352 -10.15 53.47 -12.33
C SER B 352 -9.61 54.35 -13.46
N GLN B 353 -10.10 55.61 -13.56
CA GLN B 353 -9.65 56.55 -14.60
C GLN B 353 -8.34 57.23 -14.22
N MET B 354 -8.04 57.31 -12.91
CA MET B 354 -6.80 57.87 -12.37
C MET B 354 -5.67 56.88 -12.61
N ASN B 355 -5.99 55.57 -12.49
CA ASN B 355 -5.08 54.44 -12.68
C ASN B 355 -4.68 54.33 -14.16
N SER B 356 -5.66 54.42 -15.09
CA SER B 356 -5.42 54.33 -16.54
C SER B 356 -4.61 55.52 -17.07
N PHE B 357 -4.77 56.71 -16.45
CA PHE B 357 -4.00 57.90 -16.85
C PHE B 357 -2.53 57.72 -16.46
N LEU B 358 -2.28 57.23 -15.24
CA LEU B 358 -0.94 56.94 -14.72
C LEU B 358 -0.27 55.86 -15.55
N CYS B 359 -1.05 54.84 -15.97
CA CYS B 359 -0.61 53.71 -16.79
C CYS B 359 -0.23 54.16 -18.21
N PHE B 360 -1.13 54.92 -18.90
CA PHE B 360 -0.89 55.41 -20.26
C PHE B 360 0.29 56.38 -20.31
N PHE B 361 0.52 57.14 -19.23
CA PHE B 361 1.64 58.08 -19.12
C PHE B 361 2.96 57.30 -19.08
N LEU B 362 3.06 56.30 -18.19
CA LEU B 362 4.26 55.45 -18.03
C LEU B 362 4.47 54.58 -19.27
N PHE B 363 3.39 54.26 -20.01
CA PHE B 363 3.42 53.50 -21.27
C PHE B 363 4.10 54.35 -22.34
N ALA B 364 3.69 55.64 -22.47
CA ALA B 364 4.24 56.61 -23.41
C ALA B 364 5.73 56.85 -23.16
N VAL B 365 6.16 56.72 -21.88
CA VAL B 365 7.54 56.88 -21.42
C VAL B 365 8.37 55.62 -21.77
N LEU B 366 7.78 54.41 -21.62
CA LEU B 366 8.45 53.14 -21.84
C LEU B 366 8.28 52.53 -23.25
N ILE B 367 7.35 53.03 -24.09
CA ILE B 367 7.10 52.49 -25.44
C ILE B 367 8.35 52.70 -26.36
N GLY B 368 9.09 53.77 -26.14
CA GLY B 368 10.29 54.11 -26.89
C GLY B 368 11.47 53.18 -26.66
N ARG B 369 11.51 52.51 -25.48
CA ARG B 369 12.57 51.58 -25.11
C ARG B 369 12.44 50.27 -25.89
N LYS B 370 13.47 49.94 -26.67
CA LYS B 370 13.53 48.73 -27.50
C LYS B 370 14.03 47.51 -26.69
N GLU B 371 14.57 47.76 -25.48
CA GLU B 371 15.09 46.74 -24.57
C GLU B 371 13.99 45.83 -24.03
N LEU B 372 12.79 46.39 -23.73
CA LEU B 372 11.65 45.65 -23.19
C LEU B 372 11.03 44.71 -24.25
N PHE B 373 11.12 45.08 -25.55
CA PHE B 373 10.62 44.26 -26.67
C PHE B 373 11.54 43.07 -26.92
N ALA B 374 12.87 43.34 -26.95
CA ALA B 374 13.94 42.35 -27.16
C ALA B 374 13.96 41.30 -26.05
N ALA B 375 13.51 41.68 -24.84
CA ALA B 375 13.42 40.84 -23.66
C ALA B 375 12.50 39.65 -23.91
N PHE B 376 11.33 39.90 -24.55
CA PHE B 376 10.30 38.90 -24.81
C PHE B 376 10.42 38.23 -26.20
N GLY B 377 11.47 38.56 -26.96
CA GLY B 377 11.74 37.95 -28.26
C GLY B 377 11.46 38.77 -29.49
N PHE B 378 11.08 40.06 -29.34
CA PHE B 378 10.80 40.95 -30.46
C PHE B 378 12.04 41.78 -30.78
N TYR B 379 12.77 41.40 -31.83
CA TYR B 379 14.02 42.08 -32.21
C TYR B 379 13.87 42.88 -33.51
N ASP B 380 13.26 42.28 -34.54
CA ASP B 380 13.07 42.88 -35.87
C ASP B 380 12.08 44.06 -35.88
N SER B 381 11.06 44.03 -35.00
CA SER B 381 10.05 45.10 -34.95
C SER B 381 9.54 45.36 -33.54
N GLN B 382 8.98 46.56 -33.31
CA GLN B 382 8.38 46.98 -32.05
C GLN B 382 6.89 47.25 -32.29
N PRO B 383 6.02 46.20 -32.28
CA PRO B 383 4.58 46.41 -32.57
C PRO B 383 3.85 47.10 -31.42
N THR B 384 2.82 47.91 -31.78
CA THR B 384 2.02 48.70 -30.84
C THR B 384 1.21 47.81 -29.88
N LEU B 385 0.45 46.82 -30.41
CA LEU B 385 -0.35 45.90 -29.59
C LEU B 385 0.53 45.10 -28.63
N ILE B 386 1.72 44.69 -29.10
CA ILE B 386 2.72 43.94 -28.34
C ILE B 386 3.28 44.82 -27.22
N GLY B 387 3.45 46.11 -27.50
CA GLY B 387 3.90 47.11 -26.55
C GLY B 387 2.91 47.27 -25.41
N LEU B 388 1.60 47.24 -25.76
CA LEU B 388 0.50 47.33 -24.80
C LEU B 388 0.49 46.09 -23.90
N LEU B 389 0.81 44.90 -24.46
CA LEU B 389 0.84 43.65 -23.70
C LEU B 389 2.04 43.60 -22.75
N ILE B 390 3.26 43.87 -23.26
CA ILE B 390 4.51 43.81 -22.49
C ILE B 390 4.51 44.81 -21.31
N ILE B 391 4.22 46.10 -21.56
CA ILE B 391 4.24 47.14 -20.53
C ILE B 391 3.06 46.99 -19.55
N PHE B 392 1.81 46.88 -20.05
CA PHE B 392 0.62 46.80 -19.20
C PHE B 392 0.47 45.48 -18.44
N GLN B 393 0.79 44.34 -19.07
CA GLN B 393 0.59 43.04 -18.40
C GLN B 393 1.86 42.45 -17.76
N PHE B 394 3.07 42.96 -18.06
CA PHE B 394 4.28 42.37 -17.47
C PHE B 394 5.12 43.36 -16.67
N ILE B 395 5.43 44.55 -17.24
CA ILE B 395 6.25 45.58 -16.58
C ILE B 395 5.48 46.20 -15.41
N PHE B 396 4.17 46.44 -15.59
CA PHE B 396 3.29 47.04 -14.57
C PHE B 396 2.82 46.01 -13.52
N SER B 397 3.16 44.70 -13.69
CA SER B 397 2.77 43.61 -12.78
C SER B 397 2.96 43.97 -11.28
N PRO B 398 4.13 44.51 -10.81
CA PRO B 398 4.24 44.87 -9.39
C PRO B 398 3.22 45.94 -8.97
N TYR B 399 3.02 46.99 -9.79
CA TYR B 399 2.07 48.08 -9.52
C TYR B 399 0.64 47.55 -9.50
N ASN B 400 0.28 46.76 -10.52
CA ASN B 400 -1.05 46.17 -10.67
C ASN B 400 -1.40 45.32 -9.45
N GLU B 401 -0.43 44.54 -8.92
CA GLU B 401 -0.62 43.68 -7.74
C GLU B 401 -0.85 44.48 -6.46
N VAL B 402 -0.11 45.59 -6.29
CA VAL B 402 -0.23 46.49 -5.12
C VAL B 402 -1.59 47.20 -5.19
N LEU B 403 -1.92 47.81 -6.35
CA LEU B 403 -3.18 48.52 -6.60
C LEU B 403 -4.39 47.61 -6.34
N SER B 404 -4.32 46.34 -6.79
CA SER B 404 -5.38 45.34 -6.60
C SER B 404 -5.58 45.01 -5.13
N PHE B 405 -4.47 44.93 -4.35
CA PHE B 405 -4.53 44.67 -2.92
C PHE B 405 -5.15 45.87 -2.18
N CYS B 406 -4.77 47.09 -2.60
CA CYS B 406 -5.29 48.33 -2.03
C CYS B 406 -6.78 48.48 -2.31
N LEU B 407 -7.22 48.11 -3.53
CA LEU B 407 -8.62 48.18 -3.92
C LEU B 407 -9.47 47.09 -3.22
N THR B 408 -8.85 45.96 -2.82
CA THR B 408 -9.50 44.87 -2.09
C THR B 408 -9.74 45.34 -0.64
N VAL B 409 -8.75 46.06 -0.06
CA VAL B 409 -8.80 46.65 1.29
C VAL B 409 -9.93 47.69 1.31
N LEU B 410 -10.00 48.54 0.25
CA LEU B 410 -11.01 49.58 0.07
C LEU B 410 -12.41 48.97 -0.07
N SER B 411 -12.53 47.88 -0.85
CA SER B 411 -13.80 47.15 -1.07
C SER B 411 -14.41 46.67 0.26
N ARG B 412 -13.56 46.16 1.19
CA ARG B 412 -13.98 45.69 2.51
C ARG B 412 -14.52 46.85 3.35
N ARG B 413 -13.81 48.01 3.30
CA ARG B 413 -14.19 49.23 4.03
C ARG B 413 -15.49 49.81 3.45
N PHE B 414 -15.67 49.71 2.12
CA PHE B 414 -16.86 50.16 1.39
C PHE B 414 -18.08 49.30 1.72
N GLU B 415 -17.86 48.00 2.00
CA GLU B 415 -18.91 47.05 2.36
C GLU B 415 -19.40 47.32 3.79
N PHE B 416 -18.47 47.61 4.72
CA PHE B 416 -18.77 47.95 6.12
C PHE B 416 -19.59 49.23 6.22
N GLN B 417 -19.28 50.21 5.34
CA GLN B 417 -19.97 51.51 5.25
C GLN B 417 -21.41 51.31 4.76
N ALA B 418 -21.60 50.37 3.81
CA ALA B 418 -22.89 50.01 3.23
C ALA B 418 -23.75 49.21 4.22
N ASP B 419 -23.10 48.47 5.14
CA ASP B 419 -23.77 47.70 6.19
C ASP B 419 -24.21 48.65 7.31
N ALA B 420 -23.38 49.69 7.58
CA ALA B 420 -23.64 50.74 8.56
C ALA B 420 -24.81 51.62 8.12
N PHE B 421 -24.95 51.81 6.78
CA PHE B 421 -26.03 52.59 6.16
C PHE B 421 -27.35 51.82 6.29
N ALA B 422 -27.31 50.48 6.18
CA ALA B 422 -28.47 49.59 6.32
C ALA B 422 -28.99 49.62 7.77
N LYS B 423 -28.06 49.73 8.74
CA LYS B 423 -28.36 49.85 10.17
C LYS B 423 -28.95 51.22 10.47
N LYS B 424 -28.49 52.25 9.73
CA LYS B 424 -28.96 53.64 9.82
C LYS B 424 -30.38 53.76 9.28
N LEU B 425 -30.81 52.83 8.39
CA LEU B 425 -32.15 52.76 7.83
C LEU B 425 -33.11 52.02 8.77
N GLY B 426 -32.55 51.30 9.73
CA GLY B 426 -33.29 50.54 10.73
C GLY B 426 -33.43 49.06 10.45
N LYS B 427 -33.02 48.61 9.24
CA LYS B 427 -33.11 47.23 8.81
C LYS B 427 -31.85 46.42 9.19
N ALA B 428 -31.25 46.72 10.36
CA ALA B 428 -30.05 46.06 10.89
C ALA B 428 -30.34 44.61 11.30
N LYS B 429 -31.49 44.37 11.99
CA LYS B 429 -31.92 43.05 12.45
C LYS B 429 -32.29 42.13 11.27
N ASP B 430 -32.87 42.72 10.20
CA ASP B 430 -33.27 42.00 9.00
C ASP B 430 -32.04 41.63 8.14
N LEU B 431 -31.01 42.51 8.08
CA LEU B 431 -29.77 42.28 7.33
C LEU B 431 -28.91 41.21 8.03
N TYR B 432 -28.93 41.18 9.38
CA TYR B 432 -28.23 40.21 10.23
C TYR B 432 -28.72 38.80 9.89
N SER B 433 -30.06 38.64 9.78
CA SER B 433 -30.71 37.38 9.43
C SER B 433 -30.46 37.02 7.97
N ALA B 434 -30.45 38.03 7.07
CA ALA B 434 -30.24 37.86 5.62
C ALA B 434 -28.84 37.34 5.31
N LEU B 435 -27.78 37.98 5.88
CA LEU B 435 -26.37 37.62 5.69
C LEU B 435 -26.08 36.17 6.08
N ILE B 436 -26.72 35.68 7.17
CA ILE B 436 -26.61 34.30 7.67
C ILE B 436 -27.33 33.35 6.69
N LYS B 437 -28.55 33.70 6.27
CA LYS B 437 -29.40 32.93 5.35
C LYS B 437 -28.75 32.82 3.95
N LEU B 438 -28.10 33.90 3.46
CA LEU B 438 -27.40 33.93 2.17
C LEU B 438 -26.13 33.10 2.22
N ASN B 439 -25.49 33.02 3.41
CA ASN B 439 -24.28 32.24 3.65
C ASN B 439 -24.61 30.74 3.58
N LYS B 440 -25.76 30.33 4.13
CA LYS B 440 -26.25 28.94 4.11
C LYS B 440 -26.64 28.56 2.67
N ASP B 441 -27.26 29.51 1.93
CA ASP B 441 -27.70 29.37 0.54
C ASP B 441 -26.54 29.09 -0.41
N ASN B 442 -25.39 29.77 -0.18
CA ASN B 442 -24.19 29.67 -1.02
C ASN B 442 -23.09 28.81 -0.38
N LEU B 443 -23.43 28.09 0.71
CA LEU B 443 -22.54 27.19 1.49
C LEU B 443 -21.17 27.84 1.77
N GLY B 444 -21.20 29.04 2.33
CA GLY B 444 -20.00 29.80 2.69
C GLY B 444 -19.47 29.36 4.04
N PHE B 445 -18.19 28.99 4.09
CA PHE B 445 -17.52 28.55 5.33
C PHE B 445 -17.29 29.76 6.25
N PRO B 446 -17.80 29.73 7.50
CA PRO B 446 -17.63 30.90 8.39
C PRO B 446 -16.19 31.15 8.84
N VAL B 447 -15.39 30.09 9.02
CA VAL B 447 -13.98 30.17 9.45
C VAL B 447 -13.10 30.43 8.21
N SER B 448 -12.12 31.33 8.36
CA SER B 448 -11.20 31.71 7.28
C SER B 448 -9.88 32.19 7.85
N ASP B 449 -8.75 31.84 7.20
CA ASP B 449 -7.41 32.26 7.58
C ASP B 449 -7.29 33.78 7.36
N TRP B 450 -6.88 34.51 8.41
CA TRP B 450 -6.75 35.98 8.41
C TRP B 450 -5.87 36.51 7.27
N LEU B 451 -4.72 35.85 7.02
CA LEU B 451 -3.78 36.24 5.97
C LEU B 451 -4.37 36.05 4.56
N PHE B 452 -5.25 35.03 4.39
CA PHE B 452 -5.93 34.71 3.13
C PHE B 452 -7.03 35.73 2.83
N SER B 453 -7.93 35.98 3.81
CA SER B 453 -9.05 36.90 3.69
C SER B 453 -8.59 38.36 3.53
N MET B 454 -7.44 38.73 4.13
CA MET B 454 -6.87 40.08 4.03
C MET B 454 -6.39 40.39 2.59
N TRP B 455 -5.84 39.37 1.92
CA TRP B 455 -5.28 39.48 0.57
C TRP B 455 -6.32 39.26 -0.53
N HIS B 456 -7.23 38.29 -0.37
CA HIS B 456 -8.20 37.93 -1.41
C HIS B 456 -9.62 38.49 -1.22
N TYR B 457 -10.25 38.25 -0.06
CA TYR B 457 -11.64 38.61 0.24
C TYR B 457 -11.95 40.11 0.03
N SER B 458 -12.79 40.41 -0.98
CA SER B 458 -13.25 41.76 -1.31
C SER B 458 -14.32 42.18 -0.31
N HIS B 459 -15.05 41.19 0.23
CA HIS B 459 -16.07 41.33 1.26
C HIS B 459 -15.53 40.85 2.61
N PRO B 460 -15.70 41.61 3.71
CA PRO B 460 -15.17 41.13 5.01
C PRO B 460 -15.88 39.86 5.51
N PRO B 461 -15.24 39.04 6.41
CA PRO B 461 -15.88 37.78 6.85
C PRO B 461 -17.25 37.98 7.50
N LEU B 462 -18.11 36.93 7.41
CA LEU B 462 -19.48 36.92 7.94
C LEU B 462 -19.53 37.35 9.41
N LEU B 463 -18.66 36.75 10.26
CA LEU B 463 -18.57 37.03 11.70
C LEU B 463 -18.21 38.50 11.97
N GLU B 464 -17.35 39.11 11.12
CA GLU B 464 -16.93 40.52 11.24
C GLU B 464 -18.09 41.45 10.85
N ARG B 465 -18.86 41.09 9.80
CA ARG B 465 -20.00 41.83 9.30
C ARG B 465 -21.19 41.79 10.26
N LEU B 466 -21.42 40.62 10.90
CA LEU B 466 -22.51 40.39 11.85
C LEU B 466 -22.29 41.15 13.16
N GLN B 467 -21.03 41.18 13.65
CA GLN B 467 -20.65 41.85 14.91
C GLN B 467 -20.80 43.37 14.80
N ALA B 468 -20.52 43.95 13.61
CA ALA B 468 -20.67 45.38 13.33
C ALA B 468 -22.15 45.78 13.32
N LEU B 469 -23.03 44.87 12.87
CA LEU B 469 -24.49 45.06 12.82
C LEU B 469 -25.11 44.92 14.21
N LYS B 470 -24.58 43.98 15.03
CA LYS B 470 -25.03 43.72 16.40
C LYS B 470 -24.73 44.91 17.32
N THR B 471 -23.58 45.59 17.08
CA THR B 471 -23.12 46.77 17.82
C THR B 471 -24.04 47.96 17.48
N MET B 472 -24.34 48.17 16.18
CA MET B 472 -25.21 49.23 15.66
C MET B 472 -26.67 48.99 16.03
N LEU C 10 41.72 -22.63 38.58
CA LEU C 10 41.68 -21.32 37.95
C LEU C 10 41.13 -20.27 38.91
N TRP C 11 41.86 -19.14 39.08
CA TRP C 11 41.47 -18.01 39.93
C TRP C 11 40.76 -16.93 39.09
N GLU C 12 40.29 -17.31 37.88
CA GLU C 12 39.62 -16.43 36.92
C GLU C 12 38.37 -17.08 36.31
N MET C 13 38.27 -18.43 36.32
CA MET C 13 37.12 -19.14 35.74
C MET C 13 36.49 -20.19 36.70
N PRO C 14 35.13 -20.39 36.65
CA PRO C 14 34.49 -21.40 37.53
C PRO C 14 34.55 -22.82 36.96
N ALA C 15 34.11 -23.84 37.72
CA ALA C 15 34.16 -25.24 37.32
C ALA C 15 32.82 -25.75 36.73
N GLU C 16 31.76 -25.83 37.56
CA GLU C 16 30.44 -26.32 37.16
C GLU C 16 29.78 -25.38 36.16
N LYS C 17 30.01 -24.06 36.28
CA LYS C 17 29.44 -23.05 35.39
C LYS C 17 30.07 -23.11 33.99
N ARG C 18 31.36 -23.55 33.91
CA ARG C 18 32.11 -23.68 32.66
C ARG C 18 31.60 -24.84 31.78
N ILE C 19 31.29 -26.01 32.39
CA ILE C 19 30.80 -27.20 31.67
C ILE C 19 29.34 -27.00 31.21
N PHE C 20 28.55 -26.19 31.93
CA PHE C 20 27.18 -25.86 31.54
C PHE C 20 27.22 -24.97 30.29
N GLY C 21 28.13 -24.00 30.28
CA GLY C 21 28.32 -23.07 29.18
C GLY C 21 28.81 -23.76 27.92
N ALA C 22 29.66 -24.79 28.09
CA ALA C 22 30.24 -25.62 27.03
C ALA C 22 29.15 -26.40 26.27
N VAL C 23 28.14 -26.91 27.01
CA VAL C 23 27.00 -27.65 26.49
C VAL C 23 26.16 -26.74 25.56
N LEU C 24 25.81 -25.54 26.06
CA LEU C 24 25.02 -24.54 25.35
C LEU C 24 25.78 -23.94 24.18
N LEU C 25 27.11 -23.72 24.31
CA LEU C 25 27.95 -23.18 23.24
C LEU C 25 28.01 -24.15 22.07
N PHE C 26 28.06 -25.47 22.36
CA PHE C 26 28.09 -26.51 21.34
C PHE C 26 26.74 -26.63 20.66
N SER C 27 25.65 -26.63 21.46
CA SER C 27 24.28 -26.74 20.99
C SER C 27 23.91 -25.61 20.02
N TRP C 28 24.51 -24.41 20.21
CA TRP C 28 24.26 -23.26 19.37
C TRP C 28 25.15 -23.24 18.12
N THR C 29 26.42 -23.70 18.21
CA THR C 29 27.32 -23.75 17.05
C THR C 29 26.82 -24.79 16.04
N VAL C 30 26.33 -25.95 16.54
CA VAL C 30 25.76 -27.03 15.74
C VAL C 30 24.50 -26.49 15.04
N TYR C 31 23.66 -25.75 15.81
CA TYR C 31 22.46 -25.11 15.29
C TYR C 31 22.82 -24.11 14.19
N LEU C 32 23.80 -23.21 14.44
CA LEU C 32 24.24 -22.19 13.48
C LEU C 32 24.87 -22.83 12.24
N TRP C 33 25.52 -24.01 12.40
CA TRP C 33 26.09 -24.77 11.28
C TRP C 33 24.98 -25.29 10.38
N GLU C 34 23.94 -25.87 11.02
CA GLU C 34 22.78 -26.43 10.34
C GLU C 34 21.93 -25.32 9.71
N THR C 35 21.92 -24.12 10.33
CA THR C 35 21.19 -22.93 9.84
C THR C 35 21.94 -22.35 8.63
N PHE C 36 23.29 -22.34 8.68
CA PHE C 36 24.13 -21.88 7.56
C PHE C 36 23.87 -22.79 6.36
N LEU C 37 23.77 -24.10 6.62
CA LEU C 37 23.47 -25.15 5.65
C LEU C 37 22.08 -24.96 5.07
N ALA C 38 21.09 -24.67 5.94
CA ALA C 38 19.70 -24.42 5.58
C ALA C 38 19.60 -23.19 4.70
N GLN C 39 20.38 -22.13 5.01
CA GLN C 39 20.45 -20.88 4.24
C GLN C 39 21.07 -21.14 2.86
N ARG C 40 22.12 -21.99 2.82
CA ARG C 40 22.85 -22.39 1.62
C ARG C 40 21.93 -23.12 0.63
N GLN C 41 21.04 -24.02 1.13
CA GLN C 41 20.10 -24.77 0.29
C GLN C 41 18.86 -23.96 -0.04
N ARG C 42 18.49 -22.99 0.82
CA ARG C 42 17.34 -22.11 0.58
C ARG C 42 17.65 -21.22 -0.62
N ARG C 43 18.93 -20.84 -0.78
CA ARG C 43 19.43 -20.03 -1.90
C ARG C 43 19.28 -20.78 -3.21
N ILE C 44 19.52 -22.13 -3.20
CA ILE C 44 19.39 -23.01 -4.36
C ILE C 44 17.95 -23.01 -4.87
N TYR C 45 16.97 -23.09 -3.96
CA TYR C 45 15.54 -23.06 -4.30
C TYR C 45 15.13 -21.73 -4.93
N LYS C 46 15.72 -20.61 -4.46
CA LYS C 46 15.44 -19.25 -4.94
C LYS C 46 16.19 -18.91 -6.23
N THR C 47 17.43 -19.42 -6.41
CA THR C 47 18.25 -19.14 -7.58
C THR C 47 17.87 -20.01 -8.77
N THR C 48 17.91 -21.36 -8.61
CA THR C 48 17.60 -22.29 -9.70
C THR C 48 16.10 -22.28 -10.03
N THR C 49 15.69 -21.31 -10.86
CA THR C 49 14.31 -21.11 -11.32
C THR C 49 14.11 -21.82 -12.68
N HIS C 50 15.21 -22.00 -13.46
CA HIS C 50 15.26 -22.69 -14.75
C HIS C 50 15.59 -24.17 -14.56
N VAL C 51 14.94 -25.07 -15.34
CA VAL C 51 15.15 -26.53 -15.28
C VAL C 51 16.55 -26.87 -15.85
N PRO C 52 17.39 -27.66 -15.13
CA PRO C 52 18.74 -27.97 -15.64
C PRO C 52 18.72 -28.88 -16.88
N PRO C 53 19.76 -28.82 -17.77
CA PRO C 53 19.75 -29.69 -18.96
C PRO C 53 19.90 -31.17 -18.65
N GLU C 54 20.62 -31.51 -17.56
CA GLU C 54 20.84 -32.89 -17.10
C GLU C 54 19.53 -33.51 -16.60
N LEU C 55 18.79 -32.77 -15.74
CA LEU C 55 17.51 -33.18 -15.16
C LEU C 55 16.32 -32.69 -16.03
N GLY C 56 16.58 -32.43 -17.31
CA GLY C 56 15.59 -31.98 -18.29
C GLY C 56 14.56 -33.03 -18.64
N GLN C 57 15.02 -34.30 -18.80
CA GLN C 57 14.17 -35.44 -19.13
C GLN C 57 13.49 -36.01 -17.87
N ILE C 58 14.08 -35.76 -16.68
CA ILE C 58 13.59 -36.23 -15.38
C ILE C 58 12.32 -35.48 -14.95
N MET C 59 12.31 -34.13 -15.10
CA MET C 59 11.20 -33.27 -14.68
C MET C 59 10.83 -32.23 -15.73
N ASP C 60 9.53 -31.88 -15.81
CA ASP C 60 9.05 -30.82 -16.69
C ASP C 60 8.98 -29.50 -15.90
N SER C 61 8.93 -28.35 -16.61
CA SER C 61 8.89 -26.99 -16.04
C SER C 61 7.75 -26.79 -15.03
N GLU C 62 6.57 -27.38 -15.29
CA GLU C 62 5.41 -27.28 -14.41
C GLU C 62 5.64 -28.03 -13.09
N THR C 63 6.13 -29.28 -13.17
CA THR C 63 6.44 -30.15 -12.03
C THR C 63 7.61 -29.57 -11.23
N PHE C 64 8.64 -29.02 -11.93
CA PHE C 64 9.83 -28.42 -11.33
C PHE C 64 9.48 -27.19 -10.49
N GLU C 65 8.60 -26.30 -11.00
CA GLU C 65 8.17 -25.09 -10.29
C GLU C 65 7.24 -25.45 -9.13
N LYS C 66 6.42 -26.51 -9.28
CA LYS C 66 5.52 -27.01 -8.24
C LYS C 66 6.34 -27.54 -7.06
N SER C 67 7.50 -28.16 -7.38
CA SER C 67 8.49 -28.72 -6.46
C SER C 67 9.35 -27.61 -5.83
N ARG C 68 9.65 -26.54 -6.58
CA ARG C 68 10.45 -25.39 -6.16
C ARG C 68 9.75 -24.63 -5.02
N LEU C 69 8.47 -24.29 -5.19
CA LEU C 69 7.69 -23.57 -4.19
C LEU C 69 7.37 -24.43 -2.97
N TYR C 70 7.12 -25.75 -3.17
CA TYR C 70 6.82 -26.69 -2.08
C TYR C 70 8.02 -26.81 -1.13
N GLN C 71 9.23 -26.98 -1.68
CA GLN C 71 10.46 -27.09 -0.89
C GLN C 71 10.83 -25.75 -0.26
N LEU C 72 10.39 -24.62 -0.88
CA LEU C 72 10.64 -23.27 -0.38
C LEU C 72 9.79 -23.01 0.88
N ASP C 73 8.50 -23.40 0.86
CA ASP C 73 7.55 -23.27 1.98
C ASP C 73 7.99 -24.16 3.14
N LYS C 74 8.55 -25.35 2.81
CA LYS C 74 9.05 -26.32 3.78
C LYS C 74 10.30 -25.76 4.49
N SER C 75 11.19 -25.07 3.73
CA SER C 75 12.42 -24.46 4.23
C SER C 75 12.14 -23.32 5.22
N THR C 76 11.15 -22.47 4.89
CA THR C 76 10.72 -21.33 5.72
C THR C 76 10.21 -21.82 7.07
N PHE C 77 9.32 -22.85 7.05
CA PHE C 77 8.75 -23.47 8.25
C PHE C 77 9.84 -24.13 9.07
N SER C 78 10.73 -24.89 8.40
CA SER C 78 11.86 -25.62 8.99
C SER C 78 12.73 -24.69 9.84
N PHE C 79 12.92 -23.44 9.41
CA PHE C 79 13.71 -22.44 10.12
C PHE C 79 13.05 -22.01 11.43
N TRP C 80 11.83 -21.42 11.35
CA TRP C 80 11.07 -20.90 12.49
C TRP C 80 10.69 -21.98 13.51
N SER C 81 10.31 -23.19 13.04
CA SER C 81 9.98 -24.31 13.93
C SER C 81 11.26 -24.78 14.63
N GLY C 82 12.38 -24.74 13.90
CA GLY C 82 13.69 -25.10 14.40
C GLY C 82 14.26 -24.06 15.36
N LEU C 83 14.03 -22.76 15.05
CA LEU C 83 14.48 -21.63 15.85
C LEU C 83 13.76 -21.61 17.20
N TYR C 84 12.42 -21.87 17.19
CA TYR C 84 11.59 -21.91 18.39
C TYR C 84 12.10 -22.98 19.34
N SER C 85 12.43 -24.18 18.81
CA SER C 85 12.95 -25.32 19.54
C SER C 85 14.29 -24.99 20.20
N GLU C 86 15.24 -24.41 19.43
CA GLU C 86 16.57 -24.04 19.92
C GLU C 86 16.48 -22.94 20.98
N THR C 87 15.53 -22.00 20.82
CA THR C 87 15.32 -20.92 21.79
C THR C 87 14.72 -21.52 23.06
N GLU C 88 13.69 -22.38 22.91
CA GLU C 88 13.02 -23.04 24.03
C GLU C 88 13.99 -23.85 24.89
N GLY C 89 14.82 -24.66 24.24
CA GLY C 89 15.83 -25.50 24.90
C GLY C 89 16.76 -24.66 25.74
N THR C 90 17.32 -23.61 25.13
CA THR C 90 18.25 -22.66 25.76
C THR C 90 17.54 -21.98 26.95
N LEU C 91 16.31 -21.46 26.75
CA LEU C 91 15.54 -20.77 27.79
C LEU C 91 15.19 -21.66 28.98
N ILE C 92 14.74 -22.92 28.73
CA ILE C 92 14.39 -23.87 29.79
C ILE C 92 15.63 -24.14 30.66
N LEU C 93 16.80 -24.37 30.03
CA LEU C 93 18.06 -24.64 30.74
C LEU C 93 18.49 -23.42 31.58
N LEU C 94 18.53 -22.21 30.97
CA LEU C 94 18.93 -20.95 31.61
C LEU C 94 17.97 -20.55 32.74
N PHE C 95 16.65 -20.70 32.50
CA PHE C 95 15.61 -20.38 33.49
C PHE C 95 15.61 -21.42 34.63
N GLY C 96 16.16 -22.60 34.37
CA GLY C 96 16.24 -23.70 35.33
C GLY C 96 14.92 -24.43 35.47
N GLY C 97 14.34 -24.81 34.33
CA GLY C 97 13.06 -25.50 34.25
C GLY C 97 13.09 -26.92 34.80
N ILE C 98 14.02 -27.75 34.27
CA ILE C 98 14.22 -29.17 34.63
C ILE C 98 14.39 -29.37 36.17
N PRO C 99 15.28 -28.65 36.93
CA PRO C 99 15.36 -28.90 38.38
C PRO C 99 14.09 -28.51 39.13
N TYR C 100 13.42 -27.42 38.72
CA TYR C 100 12.19 -26.92 39.33
C TYR C 100 11.03 -27.86 39.00
N LEU C 101 11.00 -28.44 37.78
CA LEU C 101 9.99 -29.41 37.36
C LEU C 101 10.15 -30.70 38.16
N TRP C 102 11.42 -31.04 38.53
CA TRP C 102 11.77 -32.20 39.34
C TRP C 102 11.22 -32.02 40.76
N ARG C 103 11.29 -30.78 41.30
CA ARG C 103 10.81 -30.43 42.63
C ARG C 103 9.29 -30.56 42.70
N LEU C 104 8.57 -30.09 41.65
CA LEU C 104 7.10 -30.14 41.58
C LEU C 104 6.55 -31.58 41.38
N SER C 105 7.41 -32.51 40.95
CA SER C 105 7.02 -33.91 40.75
C SER C 105 7.35 -34.75 42.00
N GLY C 106 7.60 -34.08 43.13
CA GLY C 106 7.90 -34.72 44.40
C GLY C 106 6.72 -34.74 45.35
N ARG C 107 6.99 -34.50 46.67
CA ARG C 107 6.04 -34.44 47.79
C ARG C 107 5.22 -35.72 47.90
N PRO C 116 14.56 -46.41 47.15
CA PRO C 116 14.69 -46.43 45.69
C PRO C 116 13.34 -46.28 44.98
N GLU C 117 12.26 -46.81 45.59
CA GLU C 117 10.89 -46.75 45.06
C GLU C 117 10.39 -45.31 44.92
N TYR C 118 10.71 -44.45 45.92
CA TYR C 118 10.31 -43.03 45.95
C TYR C 118 10.95 -42.23 44.81
N GLU C 119 12.26 -42.46 44.54
CA GLU C 119 12.98 -41.78 43.48
C GLU C 119 12.49 -42.24 42.09
N ILE C 120 12.15 -43.53 41.96
CA ILE C 120 11.66 -44.14 40.71
C ILE C 120 10.25 -43.58 40.40
N THR C 121 9.41 -43.39 41.44
CA THR C 121 8.06 -42.83 41.32
C THR C 121 8.15 -41.36 40.91
N GLN C 122 9.07 -40.58 41.55
CA GLN C 122 9.33 -39.18 41.25
C GLN C 122 9.82 -39.05 39.80
N SER C 123 10.72 -39.96 39.38
CA SER C 123 11.25 -40.02 38.01
C SER C 123 10.14 -40.31 37.01
N LEU C 124 9.18 -41.17 37.40
CA LEU C 124 8.05 -41.60 36.57
C LEU C 124 7.06 -40.47 36.34
N VAL C 125 6.69 -39.72 37.40
CA VAL C 125 5.75 -38.59 37.29
C VAL C 125 6.44 -37.40 36.57
N PHE C 126 7.77 -37.18 36.80
CA PHE C 126 8.54 -36.13 36.12
C PHE C 126 8.49 -36.35 34.60
N LEU C 127 8.68 -37.62 34.17
CA LEU C 127 8.66 -38.07 32.78
C LEU C 127 7.29 -37.83 32.15
N LEU C 128 6.20 -38.19 32.87
CA LEU C 128 4.80 -38.02 32.46
C LEU C 128 4.48 -36.54 32.19
N LEU C 129 4.99 -35.64 33.06
CA LEU C 129 4.84 -34.18 32.97
C LEU C 129 5.73 -33.62 31.87
N ALA C 130 6.98 -34.12 31.77
CA ALA C 130 7.96 -33.71 30.78
C ALA C 130 7.44 -33.97 29.36
N THR C 131 6.90 -35.19 29.10
CA THR C 131 6.37 -35.58 27.78
C THR C 131 5.02 -34.89 27.49
N LEU C 132 4.26 -34.54 28.54
CA LEU C 132 2.98 -33.85 28.36
C LEU C 132 3.23 -32.44 27.81
N PHE C 133 4.21 -31.70 28.40
CA PHE C 133 4.54 -30.35 27.93
C PHE C 133 5.11 -30.43 26.51
N SER C 134 6.05 -31.36 26.27
CA SER C 134 6.69 -31.60 24.97
C SER C 134 5.64 -31.77 23.87
N ALA C 135 4.61 -32.61 24.12
CA ALA C 135 3.56 -32.92 23.17
C ALA C 135 2.70 -31.69 22.87
N LEU C 136 2.23 -30.98 23.93
CA LEU C 136 1.36 -29.81 23.81
C LEU C 136 2.04 -28.62 23.14
N ALA C 137 3.32 -28.34 23.45
CA ALA C 137 4.06 -27.20 22.90
C ALA C 137 4.37 -27.35 21.41
N GLY C 138 4.51 -28.59 20.96
CA GLY C 138 4.84 -28.92 19.56
C GLY C 138 3.66 -29.21 18.66
N LEU C 139 2.48 -29.46 19.27
CA LEU C 139 1.23 -29.74 18.57
C LEU C 139 0.79 -28.56 17.63
N PRO C 140 0.89 -27.24 17.98
CA PRO C 140 0.49 -26.20 17.02
C PRO C 140 1.38 -26.16 15.77
N TRP C 141 2.68 -26.47 15.93
CA TRP C 141 3.65 -26.50 14.84
C TRP C 141 3.32 -27.65 13.89
N SER C 142 3.00 -28.83 14.47
CA SER C 142 2.61 -30.07 13.79
C SER C 142 1.32 -29.86 12.99
N LEU C 143 0.35 -29.13 13.61
CA LEU C 143 -0.94 -28.79 13.03
C LEU C 143 -0.75 -27.85 11.84
N TYR C 144 0.25 -26.94 11.93
CA TYR C 144 0.57 -26.00 10.84
C TYR C 144 1.15 -26.73 9.65
N ASN C 145 2.11 -27.63 9.88
CA ASN C 145 2.75 -28.38 8.79
C ASN C 145 1.73 -29.16 7.96
N THR C 146 0.85 -29.95 8.60
CA THR C 146 -0.13 -30.78 7.88
C THR C 146 -1.25 -29.94 7.26
N PHE C 147 -1.82 -28.98 8.01
CA PHE C 147 -2.98 -28.22 7.52
C PHE C 147 -2.64 -26.91 6.78
N VAL C 148 -1.36 -26.51 6.71
CA VAL C 148 -1.04 -25.30 5.96
C VAL C 148 -0.05 -25.65 4.85
N ILE C 149 1.12 -26.26 5.17
CA ILE C 149 2.12 -26.61 4.14
C ILE C 149 1.63 -27.80 3.28
N GLU C 150 1.35 -28.96 3.90
CA GLU C 150 0.89 -30.16 3.16
C GLU C 150 -0.47 -29.95 2.52
N GLU C 151 -1.30 -29.04 3.06
CA GLU C 151 -2.61 -28.76 2.50
C GLU C 151 -2.52 -27.78 1.33
N LYS C 152 -1.65 -26.74 1.40
CA LYS C 152 -1.44 -25.74 0.34
C LYS C 152 -0.91 -26.40 -0.94
N HIS C 153 0.00 -27.38 -0.78
CA HIS C 153 0.63 -28.08 -1.90
C HIS C 153 -0.09 -29.42 -2.22
N GLY C 154 -1.36 -29.51 -1.79
CA GLY C 154 -2.28 -30.61 -2.02
C GLY C 154 -1.87 -32.02 -1.68
N PHE C 155 -0.99 -32.20 -0.69
CA PHE C 155 -0.54 -33.52 -0.27
C PHE C 155 -1.48 -34.11 0.77
N ASN C 156 -1.80 -33.33 1.83
CA ASN C 156 -2.64 -33.73 2.97
C ASN C 156 -4.05 -34.15 2.55
N GLN C 157 -4.51 -35.25 3.15
CA GLN C 157 -5.82 -35.88 2.96
C GLN C 157 -6.53 -36.03 4.33
N GLN C 158 -5.80 -35.66 5.40
CA GLN C 158 -6.26 -35.71 6.79
C GLN C 158 -7.30 -34.65 7.10
N THR C 159 -8.21 -34.99 8.03
CA THR C 159 -9.20 -34.08 8.59
C THR C 159 -8.69 -33.67 9.97
N LEU C 160 -9.20 -32.55 10.54
CA LEU C 160 -8.76 -32.07 11.85
C LEU C 160 -9.06 -33.10 12.95
N GLY C 161 -10.15 -33.84 12.78
CA GLY C 161 -10.57 -34.89 13.70
C GLY C 161 -9.63 -36.05 13.73
N PHE C 162 -9.20 -36.53 12.53
CA PHE C 162 -8.26 -37.64 12.37
C PHE C 162 -6.92 -37.27 12.97
N PHE C 163 -6.45 -36.03 12.70
CA PHE C 163 -5.19 -35.50 13.22
C PHE C 163 -5.20 -35.51 14.75
N MET C 164 -6.29 -34.98 15.35
CA MET C 164 -6.47 -34.91 16.80
C MET C 164 -6.57 -36.29 17.43
N LYS C 165 -7.45 -37.17 16.89
CA LYS C 165 -7.65 -38.54 17.39
C LYS C 165 -6.35 -39.34 17.33
N ASP C 166 -5.55 -39.14 16.27
CA ASP C 166 -4.28 -39.83 16.08
C ASP C 166 -3.21 -39.31 17.07
N ALA C 167 -3.18 -37.99 17.34
CA ALA C 167 -2.24 -37.36 18.26
C ALA C 167 -2.38 -37.92 19.67
N ILE C 168 -3.64 -38.09 20.14
CA ILE C 168 -3.98 -38.66 21.45
C ILE C 168 -3.63 -40.15 21.44
N LYS C 169 -4.06 -40.88 20.38
CA LYS C 169 -3.79 -42.31 20.16
C LYS C 169 -2.30 -42.61 20.34
N LYS C 170 -1.45 -41.85 19.61
CA LYS C 170 0.00 -41.97 19.63
C LYS C 170 0.58 -41.63 21.02
N PHE C 171 0.17 -40.48 21.60
CA PHE C 171 0.62 -40.04 22.93
C PHE C 171 0.31 -41.08 24.00
N VAL C 172 -0.90 -41.69 23.97
CA VAL C 172 -1.35 -42.72 24.92
C VAL C 172 -0.45 -43.95 24.80
N VAL C 173 -0.31 -44.48 23.57
CA VAL C 173 0.51 -45.66 23.23
C VAL C 173 1.98 -45.44 23.67
N THR C 174 2.51 -44.22 23.47
CA THR C 174 3.89 -43.85 23.83
C THR C 174 4.11 -44.00 25.34
N GLN C 175 3.23 -43.39 26.17
CA GLN C 175 3.29 -43.42 27.65
C GLN C 175 3.21 -44.85 28.20
N CYS C 176 2.36 -45.71 27.59
CA CYS C 176 2.16 -47.11 27.96
C CYS C 176 3.39 -47.98 27.66
N ILE C 177 4.32 -47.49 26.82
CA ILE C 177 5.56 -48.18 26.46
C ILE C 177 6.70 -47.55 27.29
N LEU C 178 6.71 -46.20 27.37
CA LEU C 178 7.70 -45.38 28.07
C LEU C 178 7.79 -45.74 29.56
N LEU C 179 6.69 -45.55 30.32
CA LEU C 179 6.63 -45.77 31.77
C LEU C 179 7.12 -47.16 32.25
N PRO C 180 6.66 -48.32 31.71
CA PRO C 180 7.19 -49.61 32.22
C PRO C 180 8.66 -49.84 31.87
N VAL C 181 9.11 -49.44 30.66
CA VAL C 181 10.49 -49.58 30.20
C VAL C 181 11.41 -48.69 31.07
N SER C 182 10.99 -47.44 31.33
CA SER C 182 11.74 -46.47 32.13
C SER C 182 11.85 -46.93 33.59
N SER C 183 10.74 -47.42 34.19
CA SER C 183 10.70 -47.89 35.58
C SER C 183 11.66 -49.08 35.79
N LEU C 184 11.66 -50.06 34.85
CA LEU C 184 12.52 -51.24 34.92
C LEU C 184 14.00 -50.86 34.68
N LEU C 185 14.28 -49.93 33.74
CA LEU C 185 15.65 -49.47 33.44
C LEU C 185 16.25 -48.76 34.66
N LEU C 186 15.47 -47.85 35.29
CA LEU C 186 15.90 -47.10 36.49
C LEU C 186 16.17 -48.07 37.66
N TYR C 187 15.36 -49.15 37.76
CA TYR C 187 15.46 -50.20 38.76
C TYR C 187 16.81 -50.93 38.65
N ILE C 188 17.21 -51.31 37.41
CA ILE C 188 18.44 -52.03 37.10
C ILE C 188 19.68 -51.17 37.47
N ILE C 189 19.65 -49.86 37.18
CA ILE C 189 20.77 -48.95 37.46
C ILE C 189 20.92 -48.74 39.00
N LYS C 190 19.80 -48.50 39.70
CA LYS C 190 19.77 -48.26 41.15
C LYS C 190 20.09 -49.53 41.97
N ILE C 191 19.48 -50.69 41.62
CA ILE C 191 19.67 -51.95 42.34
C ILE C 191 21.02 -52.60 41.96
N GLY C 192 21.24 -52.86 40.67
CA GLY C 192 22.44 -53.49 40.14
C GLY C 192 23.73 -52.69 40.34
N GLY C 193 24.86 -53.39 40.29
CA GLY C 193 26.17 -52.79 40.48
C GLY C 193 27.26 -53.80 40.86
N ASP C 194 28.56 -53.41 40.78
CA ASP C 194 29.06 -52.10 40.36
C ASP C 194 29.12 -51.98 38.83
N TYR C 195 28.85 -53.10 38.12
CA TYR C 195 28.83 -53.20 36.67
C TYR C 195 27.38 -53.18 36.16
N PHE C 196 26.58 -52.22 36.66
CA PHE C 196 25.16 -52.01 36.35
C PHE C 196 24.90 -51.68 34.88
N PHE C 197 25.86 -51.06 34.20
CA PHE C 197 25.73 -50.63 32.81
C PHE C 197 25.57 -51.80 31.83
N ILE C 198 26.14 -52.99 32.15
CA ILE C 198 26.06 -54.19 31.31
C ILE C 198 24.64 -54.78 31.35
N TYR C 199 24.00 -54.84 32.54
CA TYR C 199 22.63 -55.35 32.67
C TYR C 199 21.63 -54.33 32.09
N ALA C 200 21.91 -53.02 32.23
CA ALA C 200 21.11 -51.92 31.70
C ALA C 200 21.18 -51.87 30.16
N TRP C 201 22.35 -52.23 29.60
CA TRP C 201 22.57 -52.28 28.16
C TRP C 201 21.90 -53.53 27.57
N LEU C 202 21.97 -54.67 28.31
CA LEU C 202 21.34 -55.92 27.90
C LEU C 202 19.82 -55.82 27.99
N PHE C 203 19.29 -55.00 28.92
CA PHE C 203 17.85 -54.76 29.08
C PHE C 203 17.32 -54.00 27.86
N THR C 204 18.04 -52.93 27.45
CA THR C 204 17.70 -52.11 26.27
C THR C 204 17.84 -52.95 25.00
N LEU C 205 18.80 -53.91 24.99
CA LEU C 205 19.04 -54.84 23.88
C LEU C 205 17.82 -55.75 23.67
N VAL C 206 17.22 -56.25 24.78
CA VAL C 206 16.04 -57.12 24.77
C VAL C 206 14.81 -56.29 24.36
N VAL C 207 14.60 -55.15 25.04
CA VAL C 207 13.49 -54.20 24.81
C VAL C 207 13.48 -53.74 23.32
N SER C 208 14.67 -53.53 22.72
CA SER C 208 14.80 -53.12 21.31
C SER C 208 14.27 -54.20 20.37
N LEU C 209 14.79 -55.44 20.47
CA LEU C 209 14.40 -56.58 19.63
C LEU C 209 12.94 -56.99 19.82
N VAL C 210 12.39 -56.82 21.06
CA VAL C 210 10.99 -57.16 21.37
C VAL C 210 10.06 -56.14 20.69
N LEU C 211 10.31 -54.83 20.88
CA LEU C 211 9.52 -53.74 20.30
C LEU C 211 9.60 -53.71 18.76
N VAL C 212 10.70 -54.21 18.17
CA VAL C 212 10.90 -54.26 16.71
C VAL C 212 9.91 -55.28 16.11
N THR C 213 9.76 -56.46 16.74
CA THR C 213 8.87 -57.54 16.29
C THR C 213 7.39 -57.20 16.58
N ILE C 214 7.10 -56.56 17.73
CA ILE C 214 5.74 -56.23 18.15
C ILE C 214 5.12 -55.09 17.29
N TYR C 215 5.87 -53.97 17.09
CA TYR C 215 5.46 -52.73 16.40
C TYR C 215 4.54 -52.96 15.18
N ALA C 216 5.09 -53.48 14.06
CA ALA C 216 4.37 -53.67 12.79
C ALA C 216 3.16 -54.62 12.90
N ASP C 217 3.18 -55.54 13.86
CA ASP C 217 2.12 -56.52 14.06
C ASP C 217 1.01 -56.07 15.03
N TYR C 218 1.34 -55.21 16.04
CA TYR C 218 0.35 -54.81 17.03
C TYR C 218 0.21 -53.29 17.22
N ILE C 219 1.33 -52.55 17.37
CA ILE C 219 1.33 -51.10 17.60
C ILE C 219 0.93 -50.32 16.33
N ALA C 220 1.65 -50.53 15.20
CA ALA C 220 1.44 -49.85 13.91
C ALA C 220 0.00 -49.96 13.34
N PRO C 221 -0.71 -51.13 13.35
CA PRO C 221 -2.06 -51.16 12.78
C PRO C 221 -3.12 -50.33 13.53
N LEU C 222 -2.80 -49.84 14.75
CA LEU C 222 -3.71 -49.03 15.57
C LEU C 222 -3.87 -47.60 15.01
N PHE C 223 -2.86 -47.10 14.28
CA PHE C 223 -2.86 -45.76 13.73
C PHE C 223 -3.16 -45.73 12.23
N ASP C 224 -2.74 -46.78 11.48
CA ASP C 224 -2.98 -46.89 10.04
C ASP C 224 -3.62 -48.23 9.67
N LYS C 225 -4.53 -48.20 8.68
CA LYS C 225 -5.25 -49.40 8.22
C LYS C 225 -4.32 -50.30 7.39
N PHE C 226 -3.99 -51.47 7.95
CA PHE C 226 -3.13 -52.48 7.33
C PHE C 226 -3.98 -53.59 6.72
N THR C 227 -3.82 -53.83 5.42
CA THR C 227 -4.55 -54.88 4.68
C THR C 227 -3.60 -55.64 3.77
N PRO C 228 -3.71 -56.99 3.67
CA PRO C 228 -2.80 -57.73 2.77
C PRO C 228 -3.09 -57.42 1.30
N LEU C 229 -2.04 -57.45 0.46
CA LEU C 229 -2.10 -57.17 -0.97
C LEU C 229 -3.08 -58.10 -1.69
N PRO C 230 -4.06 -57.55 -2.47
CA PRO C 230 -5.03 -58.42 -3.16
C PRO C 230 -4.39 -59.22 -4.29
N GLU C 231 -4.91 -60.43 -4.54
CA GLU C 231 -4.42 -61.36 -5.57
C GLU C 231 -4.61 -60.76 -6.98
N GLY C 232 -3.53 -60.75 -7.75
CA GLY C 232 -3.51 -60.23 -9.10
C GLY C 232 -2.18 -60.46 -9.81
N LYS C 233 -1.90 -59.65 -10.85
CA LYS C 233 -0.68 -59.72 -11.65
C LYS C 233 0.54 -59.28 -10.84
N LEU C 234 0.35 -58.29 -9.96
CA LEU C 234 1.39 -57.76 -9.08
C LEU C 234 1.69 -58.74 -7.94
N LYS C 235 0.64 -59.32 -7.33
CA LYS C 235 0.74 -60.27 -6.21
C LYS C 235 1.41 -61.58 -6.63
N GLU C 236 1.15 -62.05 -7.87
CA GLU C 236 1.73 -63.29 -8.41
C GLU C 236 3.21 -63.11 -8.76
N GLU C 237 3.56 -61.98 -9.42
CA GLU C 237 4.93 -61.65 -9.83
C GLU C 237 5.86 -61.41 -8.63
N ILE C 238 5.30 -60.90 -7.50
CA ILE C 238 6.03 -60.65 -6.25
C ILE C 238 6.44 -61.97 -5.60
N GLU C 239 5.55 -62.98 -5.62
CA GLU C 239 5.79 -64.32 -5.08
C GLU C 239 6.87 -65.06 -5.89
N VAL C 240 6.89 -64.82 -7.22
CA VAL C 240 7.87 -65.38 -8.17
C VAL C 240 9.25 -64.78 -7.83
N MET C 241 9.30 -63.46 -7.57
CA MET C 241 10.51 -62.72 -7.20
C MET C 241 10.98 -63.12 -5.79
N ALA C 242 10.03 -63.34 -4.85
CA ALA C 242 10.30 -63.75 -3.46
C ALA C 242 10.94 -65.14 -3.39
N LYS C 243 10.45 -66.08 -4.24
CA LYS C 243 10.96 -67.45 -4.33
C LYS C 243 12.35 -67.45 -5.00
N SER C 244 12.57 -66.52 -5.96
CA SER C 244 13.81 -66.36 -6.71
C SER C 244 14.97 -65.90 -5.81
N ILE C 245 14.71 -64.94 -4.89
CA ILE C 245 15.70 -64.40 -3.97
C ILE C 245 15.76 -65.21 -2.65
N ASP C 246 14.90 -66.25 -2.53
CA ASP C 246 14.75 -67.15 -1.38
C ASP C 246 14.31 -66.37 -0.11
N PHE C 247 13.52 -65.29 -0.32
CA PHE C 247 12.99 -64.45 0.76
C PHE C 247 11.81 -65.16 1.43
N PRO C 248 11.85 -65.44 2.76
CA PRO C 248 10.73 -66.15 3.39
C PRO C 248 9.51 -65.23 3.58
N LEU C 249 8.78 -65.01 2.48
CA LEU C 249 7.60 -64.15 2.43
C LEU C 249 6.38 -64.86 3.04
N THR C 250 5.71 -64.17 3.97
CA THR C 250 4.49 -64.63 4.64
C THR C 250 3.30 -63.98 3.91
N LYS C 251 3.36 -62.64 3.73
CA LYS C 251 2.36 -61.84 3.04
C LYS C 251 2.93 -60.46 2.64
N VAL C 252 2.30 -59.82 1.64
CA VAL C 252 2.63 -58.46 1.18
C VAL C 252 1.52 -57.54 1.68
N TYR C 253 1.87 -56.40 2.30
CA TYR C 253 0.88 -55.48 2.86
C TYR C 253 0.73 -54.19 2.05
N VAL C 254 -0.53 -53.73 1.92
CA VAL C 254 -0.89 -52.49 1.24
C VAL C 254 -1.45 -51.53 2.31
N VAL C 255 -0.56 -50.68 2.87
CA VAL C 255 -0.87 -49.70 3.93
C VAL C 255 -1.69 -48.56 3.35
N GLU C 256 -2.85 -48.28 3.97
CA GLU C 256 -3.77 -47.21 3.58
C GLU C 256 -3.18 -45.84 3.97
N GLY C 257 -2.17 -45.43 3.21
CA GLY C 257 -1.46 -44.16 3.38
C GLY C 257 -2.14 -43.00 2.68
N SER C 258 -3.18 -43.30 1.87
CA SER C 258 -3.98 -42.31 1.14
C SER C 258 -4.92 -41.56 2.08
N LYS C 259 -5.18 -42.12 3.28
CA LYS C 259 -6.04 -41.51 4.32
C LYS C 259 -5.34 -40.32 4.97
N ARG C 260 -3.99 -40.29 4.91
CA ARG C 260 -3.15 -39.24 5.49
C ARG C 260 -2.63 -38.26 4.42
N SER C 261 -1.88 -38.75 3.41
CA SER C 261 -1.27 -37.90 2.38
C SER C 261 -1.06 -38.62 1.03
N SER C 262 -0.76 -37.82 -0.02
CA SER C 262 -0.51 -38.27 -1.39
C SER C 262 0.94 -38.78 -1.59
N HIS C 263 1.77 -38.74 -0.53
CA HIS C 263 3.17 -39.18 -0.55
C HIS C 263 3.27 -40.71 -0.69
N SER C 264 4.27 -41.17 -1.49
CA SER C 264 4.51 -42.59 -1.79
C SER C 264 5.88 -43.07 -1.25
N ASN C 265 5.92 -44.30 -0.68
CA ASN C 265 7.12 -44.96 -0.13
C ASN C 265 6.88 -46.48 0.07
N ALA C 266 7.92 -47.23 0.53
CA ALA C 266 7.86 -48.68 0.80
C ALA C 266 8.92 -49.11 1.82
N TYR C 267 8.62 -50.18 2.59
CA TYR C 267 9.50 -50.75 3.63
C TYR C 267 9.33 -52.29 3.77
N PHE C 268 10.10 -52.94 4.66
CA PHE C 268 10.02 -54.38 4.91
C PHE C 268 10.33 -54.72 6.38
N TYR C 269 9.71 -55.79 6.91
CA TYR C 269 9.89 -56.21 8.30
C TYR C 269 9.83 -57.74 8.45
N GLY C 270 10.21 -58.24 9.63
CA GLY C 270 10.18 -59.67 9.96
C GLY C 270 11.04 -60.07 11.15
N PHE C 271 11.23 -61.39 11.31
CA PHE C 271 12.02 -61.98 12.40
C PHE C 271 12.99 -63.03 11.84
N LYS C 275 8.68 -63.05 7.80
CA LYS C 275 9.01 -61.81 7.10
C LYS C 275 7.84 -61.37 6.20
N ARG C 276 7.54 -60.05 6.19
CA ARG C 276 6.45 -59.45 5.41
C ARG C 276 6.85 -58.08 4.80
N ILE C 277 6.42 -57.84 3.55
CA ILE C 277 6.68 -56.60 2.79
C ILE C 277 5.59 -55.55 3.08
N VAL C 278 5.98 -54.25 3.08
CA VAL C 278 5.08 -53.11 3.33
C VAL C 278 5.18 -52.09 2.17
N LEU C 279 4.07 -51.87 1.46
CA LEU C 279 3.99 -50.94 0.33
C LEU C 279 2.77 -50.03 0.46
N PHE C 280 2.96 -48.72 0.18
CA PHE C 280 1.91 -47.70 0.23
C PHE C 280 0.88 -47.89 -0.87
N ASP C 281 -0.40 -47.56 -0.60
CA ASP C 281 -1.46 -47.67 -1.59
C ASP C 281 -1.34 -46.56 -2.64
N THR C 282 -0.62 -45.46 -2.28
CA THR C 282 -0.35 -44.32 -3.15
C THR C 282 0.73 -44.68 -4.18
N LEU C 283 1.62 -45.63 -3.83
CA LEU C 283 2.70 -46.13 -4.69
C LEU C 283 2.14 -47.13 -5.73
N LEU C 284 1.13 -47.93 -5.34
CA LEU C 284 0.52 -48.97 -6.18
C LEU C 284 -0.53 -48.43 -7.17
N GLU C 285 -1.32 -47.43 -6.76
CA GLU C 285 -2.40 -46.84 -7.59
C GLU C 285 -1.84 -46.16 -8.85
N GLN C 322 -0.51 -41.05 -10.86
CA GLN C 322 -1.18 -41.55 -9.67
C GLN C 322 -0.18 -42.21 -8.70
N GLY C 323 0.63 -43.13 -9.23
CA GLY C 323 1.65 -43.85 -8.46
C GLY C 323 2.71 -44.46 -9.35
N CYS C 324 2.89 -45.80 -9.27
CA CYS C 324 3.85 -46.57 -10.06
C CYS C 324 3.18 -47.81 -10.66
N LYS C 325 3.59 -48.17 -11.90
CA LYS C 325 3.10 -49.37 -12.61
C LYS C 325 3.68 -50.63 -11.95
N ASN C 326 3.01 -51.79 -12.13
CA ASN C 326 3.40 -53.07 -11.54
C ASN C 326 4.88 -53.43 -11.81
N GLU C 327 5.40 -53.09 -13.01
CA GLU C 327 6.79 -53.31 -13.41
C GLU C 327 7.75 -52.45 -12.57
N GLU C 328 7.35 -51.21 -12.26
CA GLU C 328 8.13 -50.26 -11.45
C GLU C 328 8.09 -50.64 -9.97
N VAL C 329 6.93 -51.15 -9.49
CA VAL C 329 6.70 -51.59 -8.10
C VAL C 329 7.66 -52.75 -7.77
N LEU C 330 7.76 -53.74 -8.68
CA LEU C 330 8.65 -54.91 -8.53
C LEU C 330 10.13 -54.49 -8.44
N ALA C 331 10.52 -53.45 -9.19
CA ALA C 331 11.87 -52.89 -9.20
C ALA C 331 12.17 -52.21 -7.86
N VAL C 332 11.16 -51.52 -7.28
CA VAL C 332 11.22 -50.84 -5.98
C VAL C 332 11.37 -51.92 -4.90
N LEU C 333 10.69 -53.08 -5.08
CA LEU C 333 10.77 -54.23 -4.17
C LEU C 333 12.17 -54.84 -4.22
N GLY C 334 12.72 -54.99 -5.43
CA GLY C 334 14.06 -55.50 -5.67
C GLY C 334 15.15 -54.72 -4.95
N HIS C 335 14.94 -53.40 -4.79
CA HIS C 335 15.82 -52.49 -4.07
C HIS C 335 15.72 -52.78 -2.57
N ALA C 336 14.46 -52.83 -2.04
CA ALA C 336 14.15 -53.11 -0.63
C ALA C 336 14.61 -54.51 -0.22
N LEU C 337 14.49 -55.50 -1.12
CA LEU C 337 14.95 -56.87 -0.90
C LEU C 337 16.48 -56.91 -0.81
N GLY C 338 17.12 -55.90 -1.39
CA GLY C 338 18.56 -55.72 -1.39
C GLY C 338 19.13 -55.49 -0.01
N HIS C 339 18.42 -54.70 0.83
CA HIS C 339 18.82 -54.40 2.22
C HIS C 339 18.80 -55.67 3.09
N TRP C 340 17.90 -56.62 2.76
CA TRP C 340 17.77 -57.91 3.42
C TRP C 340 18.94 -58.83 3.00
N LYS C 341 19.16 -58.99 1.67
CA LYS C 341 20.20 -59.84 1.09
C LYS C 341 21.63 -59.34 1.36
N LEU C 342 21.86 -58.02 1.31
CA LEU C 342 23.19 -57.42 1.56
C LEU C 342 23.47 -57.26 3.07
N GLY C 343 22.49 -57.63 3.90
CA GLY C 343 22.57 -57.58 5.35
C GLY C 343 22.69 -56.19 5.95
N HIS C 344 22.07 -55.19 5.28
CA HIS C 344 22.06 -53.79 5.74
C HIS C 344 21.27 -53.66 7.03
N THR C 345 20.20 -54.47 7.17
CA THR C 345 19.31 -54.53 8.33
C THR C 345 20.11 -54.99 9.57
N VAL C 346 20.81 -56.14 9.46
CA VAL C 346 21.60 -56.76 10.52
C VAL C 346 22.79 -55.88 10.92
N LYS C 347 23.47 -55.24 9.93
CA LYS C 347 24.61 -54.35 10.17
C LYS C 347 24.21 -53.13 10.99
N ASN C 348 23.01 -52.56 10.71
CA ASN C 348 22.46 -51.39 11.41
C ASN C 348 22.16 -51.69 12.90
N ILE C 349 21.74 -52.94 13.22
CA ILE C 349 21.45 -53.36 14.60
C ILE C 349 22.77 -53.51 15.37
N ILE C 350 23.80 -54.10 14.72
CA ILE C 350 25.14 -54.32 15.28
C ILE C 350 25.78 -52.97 15.66
N ILE C 351 25.55 -51.91 14.84
CA ILE C 351 26.07 -50.57 15.11
C ILE C 351 25.33 -49.95 16.31
N SER C 352 23.97 -50.03 16.31
CA SER C 352 23.10 -49.47 17.35
C SER C 352 23.38 -50.06 18.74
N GLN C 353 23.69 -51.37 18.83
CA GLN C 353 23.97 -52.03 20.12
C GLN C 353 25.42 -51.80 20.56
N MET C 354 26.31 -51.51 19.60
CA MET C 354 27.71 -51.20 19.87
C MET C 354 27.81 -49.78 20.43
N ASN C 355 26.94 -48.87 19.93
CA ASN C 355 26.82 -47.48 20.32
C ASN C 355 26.29 -47.36 21.76
N SER C 356 25.21 -48.12 22.09
CA SER C 356 24.59 -48.11 23.42
C SER C 356 25.51 -48.70 24.49
N PHE C 357 26.37 -49.68 24.11
CA PHE C 357 27.34 -50.27 25.06
C PHE C 357 28.40 -49.24 25.42
N LEU C 358 28.93 -48.53 24.40
CA LEU C 358 29.93 -47.47 24.56
C LEU C 358 29.36 -46.32 25.39
N CYS C 359 28.07 -45.99 25.17
CA CYS C 359 27.33 -44.93 25.87
C CYS C 359 27.11 -45.29 27.34
N PHE C 360 26.58 -46.50 27.63
CA PHE C 360 26.32 -46.95 29.00
C PHE C 360 27.61 -47.09 29.81
N PHE C 361 28.73 -47.45 29.15
CA PHE C 361 30.04 -47.57 29.78
C PHE C 361 30.52 -46.20 30.25
N LEU C 362 30.50 -45.18 29.34
CA LEU C 362 30.91 -43.81 29.63
C LEU C 362 29.95 -43.14 30.64
N PHE C 363 28.68 -43.60 30.67
CA PHE C 363 27.66 -43.13 31.61
C PHE C 363 28.03 -43.58 33.02
N ALA C 364 28.39 -44.88 33.17
CA ALA C 364 28.81 -45.49 34.43
C ALA C 364 30.07 -44.81 34.99
N VAL C 365 30.93 -44.30 34.08
CA VAL C 365 32.17 -43.59 34.40
C VAL C 365 31.86 -42.15 34.85
N LEU C 366 30.88 -41.48 34.20
CA LEU C 366 30.53 -40.08 34.47
C LEU C 366 29.38 -39.87 35.48
N ILE C 367 28.60 -40.93 35.83
CA ILE C 367 27.45 -40.81 36.77
C ILE C 367 27.93 -40.40 38.20
N GLY C 368 29.13 -40.84 38.57
CA GLY C 368 29.75 -40.54 39.86
C GLY C 368 30.15 -39.09 40.05
N ARG C 369 30.38 -38.36 38.94
CA ARG C 369 30.77 -36.94 38.96
C ARG C 369 29.57 -36.07 39.33
N LYS C 370 29.69 -35.34 40.46
CA LYS C 370 28.64 -34.45 40.97
C LYS C 370 28.71 -33.06 40.31
N GLU C 371 29.82 -32.77 39.59
CA GLU C 371 30.06 -31.50 38.90
C GLU C 371 29.10 -31.30 37.72
N LEU C 372 28.77 -32.38 36.98
CA LEU C 372 27.86 -32.34 35.82
C LEU C 372 26.40 -32.09 36.25
N PHE C 373 26.00 -32.53 37.46
CA PHE C 373 24.65 -32.31 38.01
C PHE C 373 24.49 -30.86 38.46
N ALA C 374 25.50 -30.34 39.20
CA ALA C 374 25.57 -28.97 39.72
C ALA C 374 25.56 -27.93 38.59
N ALA C 375 26.09 -28.32 37.42
CA ALA C 375 26.15 -27.49 36.21
C ALA C 375 24.76 -27.10 35.74
N PHE C 376 23.81 -28.05 35.75
CA PHE C 376 22.43 -27.86 35.29
C PHE C 376 21.45 -27.44 36.40
N GLY C 377 21.95 -27.24 37.62
CA GLY C 377 21.14 -26.78 38.75
C GLY C 377 20.78 -27.79 39.82
N PHE C 378 21.31 -29.02 39.74
CA PHE C 378 21.04 -30.08 40.72
C PHE C 378 22.17 -30.11 41.75
N TYR C 379 21.92 -29.55 42.94
CA TYR C 379 22.93 -29.46 44.00
C TYR C 379 22.63 -30.39 45.18
N ASP C 380 21.37 -30.40 45.66
CA ASP C 380 20.91 -31.18 46.80
C ASP C 380 20.90 -32.70 46.54
N SER C 381 20.62 -33.12 45.29
CA SER C 381 20.55 -34.54 44.94
C SER C 381 21.07 -34.82 43.52
N GLN C 382 21.46 -36.09 43.29
CA GLN C 382 21.94 -36.58 41.99
C GLN C 382 20.97 -37.67 41.50
N PRO C 383 19.81 -37.29 40.89
CA PRO C 383 18.84 -38.31 40.46
C PRO C 383 19.31 -39.13 39.26
N THR C 384 18.88 -40.40 39.20
CA THR C 384 19.25 -41.37 38.16
C THR C 384 18.71 -40.94 36.77
N LEU C 385 17.41 -40.64 36.66
CA LEU C 385 16.77 -40.22 35.41
C LEU C 385 17.41 -38.93 34.87
N ILE C 386 17.75 -37.99 35.78
CA ILE C 386 18.38 -36.71 35.48
C ILE C 386 19.81 -36.96 34.98
N GLY C 387 20.48 -37.96 35.54
CA GLY C 387 21.81 -38.38 35.14
C GLY C 387 21.82 -38.90 33.71
N LEU C 388 20.75 -39.66 33.35
CA LEU C 388 20.54 -40.21 32.02
C LEU C 388 20.32 -39.08 31.02
N LEU C 389 19.60 -38.01 31.42
CA LEU C 389 19.32 -36.86 30.56
C LEU C 389 20.58 -36.01 30.33
N ILE C 390 21.29 -35.63 31.43
CA ILE C 390 22.49 -34.77 31.36
C ILE C 390 23.62 -35.42 30.55
N ILE C 391 23.99 -36.67 30.86
CA ILE C 391 25.10 -37.36 30.18
C ILE C 391 24.73 -37.77 28.75
N PHE C 392 23.57 -38.45 28.54
CA PHE C 392 23.17 -38.93 27.21
C PHE C 392 22.73 -37.82 26.25
N GLN C 393 22.00 -36.79 26.72
CA GLN C 393 21.50 -35.76 25.82
C GLN C 393 22.35 -34.46 25.78
N PHE C 394 23.29 -34.25 26.73
CA PHE C 394 24.08 -33.01 26.70
C PHE C 394 25.59 -33.25 26.61
N ILE C 395 26.15 -34.13 27.48
CA ILE C 395 27.59 -34.42 27.52
C ILE C 395 28.01 -35.21 26.26
N PHE C 396 27.16 -36.16 25.82
CA PHE C 396 27.42 -36.99 24.64
C PHE C 396 27.09 -36.28 23.32
N SER C 397 26.50 -35.05 23.38
CA SER C 397 26.12 -34.25 22.20
C SER C 397 27.21 -34.23 21.10
N PRO C 398 28.52 -33.95 21.39
CA PRO C 398 29.51 -33.98 20.29
C PRO C 398 29.62 -35.37 19.62
N TYR C 399 29.64 -36.46 20.42
CA TYR C 399 29.72 -37.85 19.94
C TYR C 399 28.47 -38.20 19.14
N ASN C 400 27.29 -37.89 19.69
CA ASN C 400 25.99 -38.17 19.09
C ASN C 400 25.86 -37.50 17.71
N GLU C 401 26.43 -36.28 17.55
CA GLU C 401 26.41 -35.52 16.29
C GLU C 401 27.33 -36.14 15.25
N VAL C 402 28.53 -36.61 15.67
CA VAL C 402 29.52 -37.24 14.78
C VAL C 402 28.97 -38.60 14.32
N LEU C 403 28.49 -39.44 15.27
CA LEU C 403 27.91 -40.76 14.99
C LEU C 403 26.73 -40.67 14.01
N SER C 404 25.85 -39.65 14.19
CA SER C 404 24.69 -39.41 13.32
C SER C 404 25.13 -39.06 11.91
N PHE C 405 26.22 -38.26 11.77
CA PHE C 405 26.77 -37.88 10.47
C PHE C 405 27.36 -39.11 9.78
N CYS C 406 28.07 -39.96 10.54
CA CYS C 406 28.70 -41.19 10.05
C CYS C 406 27.62 -42.19 9.60
N LEU C 407 26.51 -42.28 10.33
CA LEU C 407 25.41 -43.17 10.00
C LEU C 407 24.60 -42.67 8.79
N THR C 408 24.61 -41.34 8.53
CA THR C 408 23.95 -40.71 7.38
C THR C 408 24.78 -41.03 6.12
N VAL C 409 26.14 -40.99 6.26
CA VAL C 409 27.10 -41.32 5.19
C VAL C 409 26.91 -42.80 4.82
N LEU C 410 26.79 -43.67 5.84
CA LEU C 410 26.59 -45.11 5.70
C LEU C 410 25.25 -45.41 5.01
N SER C 411 24.17 -44.69 5.41
CA SER C 411 22.82 -44.83 4.84
C SER C 411 22.82 -44.60 3.32
N ARG C 412 23.59 -43.58 2.84
CA ARG C 412 23.71 -43.24 1.43
C ARG C 412 24.42 -44.36 0.68
N ARG C 413 25.49 -44.93 1.26
CA ARG C 413 26.27 -46.03 0.70
C ARG C 413 25.44 -47.32 0.66
N PHE C 414 24.58 -47.51 1.68
CA PHE C 414 23.67 -48.65 1.80
C PHE C 414 22.56 -48.59 0.76
N GLU C 415 22.14 -47.36 0.37
CA GLU C 415 21.10 -47.14 -0.63
C GLU C 415 21.63 -47.42 -2.03
N PHE C 416 22.90 -47.02 -2.31
CA PHE C 416 23.58 -47.26 -3.59
C PHE C 416 23.78 -48.76 -3.82
N GLN C 417 24.09 -49.51 -2.73
CA GLN C 417 24.30 -50.95 -2.75
C GLN C 417 23.00 -51.68 -3.07
N ALA C 418 21.86 -51.20 -2.52
CA ALA C 418 20.53 -51.76 -2.75
C ALA C 418 20.05 -51.44 -4.17
N ASP C 419 20.51 -50.30 -4.75
CA ASP C 419 20.18 -49.90 -6.13
C ASP C 419 20.98 -50.75 -7.11
N ALA C 420 22.23 -51.08 -6.75
CA ALA C 420 23.14 -51.93 -7.53
C ALA C 420 22.62 -53.38 -7.55
N PHE C 421 21.96 -53.81 -6.45
CA PHE C 421 21.36 -55.13 -6.30
C PHE C 421 20.12 -55.24 -7.20
N ALA C 422 19.36 -54.13 -7.35
CA ALA C 422 18.17 -54.05 -8.21
C ALA C 422 18.58 -54.16 -9.68
N LYS C 423 19.76 -53.60 -10.04
CA LYS C 423 20.35 -53.66 -11.38
C LYS C 423 20.85 -55.07 -11.65
N LYS C 424 21.36 -55.75 -10.59
CA LYS C 424 21.86 -57.12 -10.63
C LYS C 424 20.70 -58.11 -10.85
N LEU C 425 19.45 -57.70 -10.49
CA LEU C 425 18.23 -58.50 -10.69
C LEU C 425 17.68 -58.31 -12.10
N GLY C 426 18.14 -57.26 -12.78
CA GLY C 426 17.74 -56.92 -14.14
C GLY C 426 16.68 -55.83 -14.26
N LYS C 427 16.11 -55.42 -13.11
CA LYS C 427 15.06 -54.39 -13.05
C LYS C 427 15.65 -52.97 -12.92
N ALA C 428 16.80 -52.72 -13.57
CA ALA C 428 17.52 -51.43 -13.56
C ALA C 428 16.74 -50.36 -14.33
N LYS C 429 16.19 -50.70 -15.51
CA LYS C 429 15.41 -49.80 -16.37
C LYS C 429 14.08 -49.42 -15.71
N ASP C 430 13.48 -50.37 -14.99
CA ASP C 430 12.20 -50.18 -14.29
C ASP C 430 12.38 -49.31 -13.03
N LEU C 431 13.52 -49.47 -12.32
CA LEU C 431 13.84 -48.69 -11.11
C LEU C 431 14.18 -47.24 -11.48
N TYR C 432 14.85 -47.04 -12.65
CA TYR C 432 15.22 -45.73 -13.21
C TYR C 432 13.95 -44.90 -13.45
N SER C 433 12.91 -45.53 -14.03
CA SER C 433 11.62 -44.92 -14.30
C SER C 433 10.84 -44.68 -13.00
N ALA C 434 10.94 -45.63 -12.04
CA ALA C 434 10.26 -45.58 -10.74
C ALA C 434 10.76 -44.41 -9.88
N LEU C 435 12.10 -44.26 -9.72
CA LEU C 435 12.75 -43.21 -8.94
C LEU C 435 12.35 -41.81 -9.41
N ILE C 436 12.22 -41.61 -10.73
CA ILE C 436 11.79 -40.36 -11.36
C ILE C 436 10.30 -40.11 -11.07
N LYS C 437 9.46 -41.15 -11.25
CA LYS C 437 8.01 -41.11 -11.01
C LYS C 437 7.67 -40.84 -9.53
N LEU C 438 8.45 -41.44 -8.59
CA LEU C 438 8.27 -41.25 -7.15
C LEU C 438 8.71 -39.84 -6.72
N ASN C 439 9.70 -39.26 -7.45
CA ASN C 439 10.20 -37.92 -7.21
C ASN C 439 9.13 -36.88 -7.58
N LYS C 440 8.42 -37.12 -8.69
CA LYS C 440 7.33 -36.26 -9.17
C LYS C 440 6.13 -36.36 -8.23
N ASP C 441 5.85 -37.57 -7.72
CA ASP C 441 4.77 -37.89 -6.78
C ASP C 441 4.93 -37.14 -5.45
N ASN C 442 6.18 -37.03 -4.95
CA ASN C 442 6.51 -36.39 -3.67
C ASN C 442 7.12 -34.99 -3.84
N LEU C 443 7.06 -34.43 -5.08
CA LEU C 443 7.57 -33.11 -5.47
C LEU C 443 8.98 -32.84 -4.92
N GLY C 444 9.90 -33.77 -5.18
CA GLY C 444 11.28 -33.67 -4.76
C GLY C 444 12.09 -32.84 -5.72
N PHE C 445 12.78 -31.80 -5.20
CA PHE C 445 13.64 -30.92 -5.99
C PHE C 445 14.93 -31.66 -6.39
N PRO C 446 15.22 -31.78 -7.71
CA PRO C 446 16.42 -32.54 -8.12
C PRO C 446 17.75 -31.87 -7.75
N VAL C 447 17.81 -30.53 -7.76
CA VAL C 447 19.01 -29.76 -7.42
C VAL C 447 19.11 -29.61 -5.90
N SER C 448 20.32 -29.76 -5.34
CA SER C 448 20.56 -29.64 -3.91
C SER C 448 22.00 -29.22 -3.63
N ASP C 449 22.21 -28.38 -2.60
CA ASP C 449 23.54 -27.94 -2.18
C ASP C 449 24.31 -29.13 -1.63
N TRP C 450 25.53 -29.36 -2.17
CA TRP C 450 26.39 -30.49 -1.82
C TRP C 450 26.68 -30.59 -0.33
N LEU C 451 26.96 -29.45 0.34
CA LEU C 451 27.27 -29.39 1.76
C LEU C 451 26.03 -29.74 2.62
N PHE C 452 24.82 -29.42 2.13
CA PHE C 452 23.55 -29.69 2.79
C PHE C 452 23.19 -31.19 2.70
N SER C 453 23.22 -31.76 1.48
CA SER C 453 22.90 -33.16 1.20
C SER C 453 23.91 -34.12 1.85
N MET C 454 25.18 -33.70 1.98
CA MET C 454 26.23 -34.51 2.60
C MET C 454 25.99 -34.68 4.11
N TRP C 455 25.45 -33.64 4.77
CA TRP C 455 25.21 -33.60 6.20
C TRP C 455 23.84 -34.15 6.59
N HIS C 456 22.77 -33.84 5.81
CA HIS C 456 21.40 -34.22 6.15
C HIS C 456 20.85 -35.44 5.40
N TYR C 457 20.90 -35.44 4.05
CA TYR C 457 20.32 -36.47 3.17
C TYR C 457 20.81 -37.88 3.49
N SER C 458 19.88 -38.73 3.98
CA SER C 458 20.14 -40.15 4.29
C SER C 458 20.15 -40.96 2.99
N HIS C 459 19.42 -40.46 1.98
CA HIS C 459 19.32 -41.01 0.62
C HIS C 459 20.12 -40.11 -0.34
N PRO C 460 20.98 -40.68 -1.22
CA PRO C 460 21.74 -39.82 -2.15
C PRO C 460 20.84 -39.10 -3.16
N PRO C 461 21.30 -37.98 -3.78
CA PRO C 461 20.43 -37.26 -4.75
C PRO C 461 19.98 -38.12 -5.92
N LEU C 462 18.79 -37.80 -6.47
CA LEU C 462 18.15 -38.51 -7.58
C LEU C 462 19.09 -38.67 -8.77
N LEU C 463 19.77 -37.57 -9.20
CA LEU C 463 20.72 -37.54 -10.33
C LEU C 463 21.90 -38.51 -10.11
N GLU C 464 22.37 -38.63 -8.85
CA GLU C 464 23.48 -39.53 -8.47
C GLU C 464 23.04 -41.00 -8.57
N ARG C 465 21.82 -41.33 -8.09
CA ARG C 465 21.23 -42.67 -8.10
C ARG C 465 20.87 -43.12 -9.51
N LEU C 466 20.37 -42.18 -10.36
CA LEU C 466 19.99 -42.48 -11.74
C LEU C 466 21.21 -42.78 -12.62
N GLN C 467 22.31 -42.04 -12.42
CA GLN C 467 23.56 -42.20 -13.16
C GLN C 467 24.23 -43.55 -12.85
N ALA C 468 24.13 -44.02 -11.59
CA ALA C 468 24.67 -45.31 -11.15
C ALA C 468 23.90 -46.47 -11.80
N LEU C 469 22.58 -46.28 -12.02
CA LEU C 469 21.68 -47.26 -12.64
C LEU C 469 21.89 -47.30 -14.17
N LYS C 470 22.15 -46.12 -14.78
CA LYS C 470 22.40 -45.97 -16.22
C LYS C 470 23.71 -46.66 -16.62
N THR C 471 24.72 -46.62 -15.72
CA THR C 471 26.04 -47.23 -15.90
C THR C 471 25.92 -48.75 -15.84
N LEU D 10 -32.96 -34.39 23.94
CA LEU D 10 -32.78 -34.49 22.50
C LEU D 10 -32.21 -35.85 22.11
N TRP D 11 -32.86 -36.53 21.15
CA TRP D 11 -32.44 -37.84 20.61
C TRP D 11 -31.60 -37.65 19.32
N GLU D 12 -31.07 -36.42 19.13
CA GLU D 12 -30.26 -36.03 17.97
C GLU D 12 -29.00 -35.24 18.38
N MET D 13 -29.02 -34.58 19.56
CA MET D 13 -27.89 -33.76 20.04
C MET D 13 -27.42 -34.11 21.48
N PRO D 14 -26.10 -34.04 21.80
CA PRO D 14 -25.66 -34.35 23.19
C PRO D 14 -25.78 -33.13 24.12
N ALA D 15 -25.57 -33.34 25.44
CA ALA D 15 -25.72 -32.29 26.45
C ALA D 15 -24.38 -31.66 26.84
N GLU D 16 -23.48 -32.43 27.47
CA GLU D 16 -22.16 -31.97 27.92
C GLU D 16 -21.25 -31.60 26.75
N LYS D 17 -21.35 -32.33 25.63
CA LYS D 17 -20.54 -32.09 24.43
C LYS D 17 -20.96 -30.80 23.72
N ARG D 18 -22.25 -30.42 23.84
CA ARG D 18 -22.82 -29.20 23.23
C ARG D 18 -22.31 -27.91 23.91
N ILE D 19 -22.23 -27.89 25.26
CA ILE D 19 -21.77 -26.71 26.03
C ILE D 19 -20.25 -26.52 25.87
N PHE D 20 -19.49 -27.62 25.68
CA PHE D 20 -18.04 -27.56 25.46
C PHE D 20 -17.75 -26.91 24.10
N GLY D 21 -18.48 -27.34 23.08
CA GLY D 21 -18.38 -26.84 21.71
C GLY D 21 -18.75 -25.38 21.61
N ALA D 22 -19.78 -24.96 22.39
CA ALA D 22 -20.28 -23.59 22.48
C ALA D 22 -19.18 -22.63 22.96
N VAL D 23 -18.37 -23.10 23.94
CA VAL D 23 -17.24 -22.36 24.54
C VAL D 23 -16.18 -22.09 23.46
N LEU D 24 -15.77 -23.16 22.73
CA LEU D 24 -14.77 -23.11 21.67
C LEU D 24 -15.26 -22.34 20.45
N LEU D 25 -16.56 -22.46 20.10
CA LEU D 25 -17.15 -21.75 18.96
C LEU D 25 -17.14 -20.24 19.22
N PHE D 26 -17.37 -19.83 20.48
CA PHE D 26 -17.37 -18.42 20.86
C PHE D 26 -15.94 -17.89 20.89
N SER D 27 -15.01 -18.66 21.47
CA SER D 27 -13.59 -18.31 21.59
C SER D 27 -12.96 -18.06 20.22
N TRP D 28 -13.44 -18.78 19.17
CA TRP D 28 -12.92 -18.65 17.82
C TRP D 28 -13.59 -17.52 17.04
N THR D 29 -14.90 -17.27 17.25
CA THR D 29 -15.61 -16.18 16.57
C THR D 29 -15.08 -14.83 17.07
N VAL D 30 -14.81 -14.71 18.39
CA VAL D 30 -14.25 -13.53 19.03
C VAL D 30 -12.86 -13.31 18.46
N TYR D 31 -12.06 -14.39 18.34
CA TYR D 31 -10.72 -14.37 17.76
C TYR D 31 -10.77 -13.89 16.31
N LEU D 32 -11.68 -14.47 15.48
CA LEU D 32 -11.85 -14.13 14.06
C LEU D 32 -12.34 -12.68 13.89
N TRP D 33 -13.15 -12.18 14.85
CA TRP D 33 -13.63 -10.79 14.86
C TRP D 33 -12.45 -9.84 15.10
N GLU D 34 -11.60 -10.18 16.08
CA GLU D 34 -10.41 -9.42 16.46
C GLU D 34 -9.34 -9.50 15.35
N THR D 35 -9.27 -10.64 14.63
CA THR D 35 -8.32 -10.86 13.53
C THR D 35 -8.77 -10.04 12.31
N PHE D 36 -10.11 -9.96 12.07
CA PHE D 36 -10.68 -9.16 10.98
C PHE D 36 -10.33 -7.68 11.22
N LEU D 37 -10.45 -7.24 12.49
CA LEU D 37 -10.12 -5.90 12.97
C LEU D 37 -8.63 -5.63 12.80
N ALA D 38 -7.78 -6.64 13.15
CA ALA D 38 -6.33 -6.57 13.03
C ALA D 38 -5.91 -6.46 11.57
N GLN D 39 -6.61 -7.20 10.67
CA GLN D 39 -6.40 -7.17 9.21
C GLN D 39 -6.79 -5.81 8.64
N ARG D 40 -7.91 -5.24 9.14
CA ARG D 40 -8.45 -3.94 8.76
C ARG D 40 -7.48 -2.81 9.08
N GLN D 41 -6.83 -2.87 10.25
CA GLN D 41 -5.86 -1.86 10.68
C GLN D 41 -4.48 -2.09 10.04
N ARG D 42 -4.13 -3.36 9.72
CA ARG D 42 -2.86 -3.69 9.07
C ARG D 42 -2.83 -3.10 7.67
N ARG D 43 -4.01 -3.03 7.02
CA ARG D 43 -4.20 -2.45 5.69
C ARG D 43 -3.90 -0.95 5.72
N ILE D 44 -4.31 -0.26 6.81
CA ILE D 44 -4.09 1.18 7.02
C ILE D 44 -2.58 1.48 7.03
N TYR D 45 -1.78 0.66 7.75
CA TYR D 45 -0.32 0.79 7.84
C TYR D 45 0.35 0.60 6.49
N LYS D 46 -0.16 -0.34 5.66
CA LYS D 46 0.38 -0.67 4.34
C LYS D 46 -0.07 0.33 3.25
N THR D 47 -1.30 0.86 3.36
CA THR D 47 -1.86 1.81 2.38
C THR D 47 -1.35 3.23 2.62
N THR D 48 -1.58 3.80 3.83
CA THR D 48 -1.18 5.18 4.15
C THR D 48 0.35 5.27 4.30
N THR D 49 1.04 5.42 3.15
CA THR D 49 2.50 5.54 3.06
C THR D 49 2.90 7.04 3.06
N HIS D 50 1.98 7.92 2.60
CA HIS D 50 2.15 9.38 2.56
C HIS D 50 1.53 10.01 3.81
N VAL D 51 2.17 11.07 4.35
CA VAL D 51 1.71 11.78 5.55
C VAL D 51 0.40 12.55 5.27
N PRO D 52 -0.66 12.39 6.11
CA PRO D 52 -1.92 13.10 5.86
C PRO D 52 -1.81 14.62 6.06
N PRO D 53 -2.66 15.46 5.39
CA PRO D 53 -2.56 16.91 5.58
C PRO D 53 -2.95 17.38 6.99
N GLU D 54 -3.87 16.65 7.65
CA GLU D 54 -4.33 16.95 9.01
C GLU D 54 -3.22 16.69 10.02
N LEU D 55 -2.53 15.53 9.86
CA LEU D 55 -1.41 15.07 10.69
C LEU D 55 -0.05 15.51 10.11
N GLY D 56 -0.07 16.58 9.30
CA GLY D 56 1.11 17.15 8.67
C GLY D 56 2.03 17.88 9.63
N GLN D 57 1.44 18.67 10.53
CA GLN D 57 2.15 19.44 11.54
C GLN D 57 2.52 18.58 12.76
N ILE D 58 1.80 17.46 12.97
CA ILE D 58 1.97 16.53 14.08
C ILE D 58 3.27 15.71 13.93
N MET D 59 3.51 15.08 12.76
CA MET D 59 4.71 14.26 12.52
C MET D 59 5.27 14.45 11.11
N ASP D 60 6.61 14.52 10.99
CA ASP D 60 7.32 14.67 9.72
C ASP D 60 7.43 13.32 9.00
N SER D 61 7.74 13.35 7.68
CA SER D 61 7.85 12.16 6.82
C SER D 61 8.82 11.10 7.35
N GLU D 62 9.95 11.53 7.96
CA GLU D 62 10.96 10.62 8.53
C GLU D 62 10.41 9.90 9.75
N THR D 63 9.78 10.65 10.69
CA THR D 63 9.18 10.12 11.93
C THR D 63 7.97 9.25 11.59
N PHE D 64 7.16 9.65 10.57
CA PHE D 64 5.97 8.93 10.11
C PHE D 64 6.34 7.56 9.52
N GLU D 65 7.39 7.48 8.66
CA GLU D 65 7.83 6.23 8.05
C GLU D 65 8.50 5.32 9.10
N LYS D 66 9.18 5.93 10.10
CA LYS D 66 9.80 5.21 11.21
C LYS D 66 8.71 4.56 12.06
N SER D 67 7.58 5.26 12.22
CA SER D 67 6.39 4.81 12.96
C SER D 67 5.61 3.78 12.15
N ARG D 68 5.52 3.97 10.82
CA ARG D 68 4.83 3.08 9.88
C ARG D 68 5.44 1.68 9.89
N LEU D 69 6.78 1.59 9.78
CA LEU D 69 7.52 0.32 9.76
C LEU D 69 7.51 -0.36 11.12
N TYR D 70 7.49 0.42 12.23
CA TYR D 70 7.45 -0.08 13.60
C TYR D 70 6.09 -0.73 13.91
N GLN D 71 4.99 -0.06 13.56
CA GLN D 71 3.63 -0.57 13.79
C GLN D 71 3.31 -1.73 12.86
N LEU D 72 3.97 -1.80 11.69
CA LEU D 72 3.79 -2.88 10.71
C LEU D 72 4.44 -4.17 11.25
N ASP D 73 5.66 -4.08 11.80
CA ASP D 73 6.41 -5.19 12.40
C ASP D 73 5.70 -5.71 13.65
N LYS D 74 5.07 -4.78 14.41
CA LYS D 74 4.32 -5.08 15.63
C LYS D 74 3.04 -5.83 15.28
N SER D 75 2.36 -5.44 14.16
CA SER D 75 1.13 -6.06 13.68
C SER D 75 1.37 -7.51 13.22
N THR D 76 2.48 -7.75 12.49
CA THR D 76 2.87 -9.08 11.98
C THR D 76 3.09 -10.03 13.15
N PHE D 77 3.88 -9.59 14.18
CA PHE D 77 4.17 -10.36 15.39
C PHE D 77 2.89 -10.63 16.17
N SER D 78 2.06 -9.58 16.33
CA SER D 78 0.78 -9.62 17.05
C SER D 78 -0.12 -10.74 16.52
N PHE D 79 -0.11 -10.98 15.19
CA PHE D 79 -0.91 -12.01 14.55
C PHE D 79 -0.43 -13.41 14.93
N TRP D 80 0.83 -13.75 14.60
CA TRP D 80 1.43 -15.07 14.83
C TRP D 80 1.53 -15.44 16.31
N SER D 81 1.85 -14.46 17.19
CA SER D 81 1.90 -14.70 18.64
C SER D 81 0.48 -14.93 19.16
N GLY D 82 -0.49 -14.23 18.57
CA GLY D 82 -1.91 -14.34 18.89
C GLY D 82 -2.52 -15.63 18.36
N LEU D 83 -2.10 -16.04 17.15
CA LEU D 83 -2.56 -17.26 16.49
C LEU D 83 -2.07 -18.49 17.25
N TYR D 84 -0.80 -18.48 17.70
CA TYR D 84 -0.19 -19.57 18.47
C TYR D 84 -0.96 -19.78 19.77
N SER D 85 -1.33 -18.68 20.45
CA SER D 85 -2.10 -18.69 21.70
C SER D 85 -3.47 -19.33 21.50
N GLU D 86 -4.23 -18.85 20.49
CA GLU D 86 -5.57 -19.35 20.17
C GLU D 86 -5.51 -20.82 19.76
N THR D 87 -4.45 -21.24 19.03
CA THR D 87 -4.28 -22.64 18.63
C THR D 87 -3.97 -23.47 19.87
N GLU D 88 -3.05 -22.98 20.73
CA GLU D 88 -2.65 -23.67 21.96
C GLU D 88 -3.82 -23.92 22.89
N GLY D 89 -4.62 -22.89 23.13
CA GLY D 89 -5.81 -22.97 23.98
C GLY D 89 -6.77 -24.04 23.50
N THR D 90 -7.09 -23.99 22.19
CA THR D 90 -7.98 -24.93 21.51
C THR D 90 -7.41 -26.35 21.62
N LEU D 91 -6.11 -26.56 21.30
CA LEU D 91 -5.46 -27.87 21.34
C LEU D 91 -5.41 -28.48 22.74
N ILE D 92 -5.08 -27.67 23.78
CA ILE D 92 -5.03 -28.14 25.17
C ILE D 92 -6.42 -28.65 25.60
N LEU D 93 -7.48 -27.89 25.27
CA LEU D 93 -8.88 -28.23 25.59
C LEU D 93 -9.33 -29.53 24.87
N LEU D 94 -9.06 -29.62 23.55
CA LEU D 94 -9.43 -30.78 22.71
C LEU D 94 -8.64 -32.02 23.09
N PHE D 95 -7.32 -31.88 23.33
CA PHE D 95 -6.43 -32.97 23.71
C PHE D 95 -6.72 -33.45 25.15
N GLY D 96 -7.35 -32.59 25.95
CA GLY D 96 -7.69 -32.87 27.34
C GLY D 96 -6.50 -32.74 28.26
N GLY D 97 -5.79 -31.61 28.15
CA GLY D 97 -4.61 -31.30 28.93
C GLY D 97 -4.88 -31.06 30.40
N ILE D 98 -5.81 -30.12 30.70
CA ILE D 98 -6.21 -29.71 32.05
C ILE D 98 -6.64 -30.92 32.95
N PRO D 99 -7.55 -31.86 32.54
CA PRO D 99 -7.89 -32.98 33.43
C PRO D 99 -6.72 -33.93 33.69
N TYR D 100 -5.87 -34.16 32.67
CA TYR D 100 -4.71 -35.03 32.76
C TYR D 100 -3.63 -34.39 33.63
N LEU D 101 -3.47 -33.05 33.55
CA LEU D 101 -2.51 -32.31 34.38
C LEU D 101 -2.97 -32.36 35.84
N TRP D 102 -4.30 -32.37 36.06
CA TRP D 102 -4.91 -32.47 37.38
C TRP D 102 -4.59 -33.82 38.01
N ARG D 103 -4.61 -34.90 37.20
CA ARG D 103 -4.30 -36.26 37.63
C ARG D 103 -2.84 -36.39 38.05
N LEU D 104 -1.92 -35.78 37.26
CA LEU D 104 -0.47 -35.79 37.49
C LEU D 104 -0.04 -34.96 38.70
N SER D 105 -0.87 -33.97 39.10
CA SER D 105 -0.61 -33.13 40.27
C SER D 105 -1.27 -33.74 41.55
N GLY D 106 -1.43 -35.07 41.55
CA GLY D 106 -1.99 -35.84 42.65
C GLY D 106 -0.93 -36.56 43.46
N ARG D 107 -1.24 -37.81 43.88
CA ARG D 107 -0.41 -38.73 44.68
C ARG D 107 0.05 -38.08 45.99
N PRO D 116 -10.31 -31.79 52.91
CA PRO D 116 -10.24 -30.55 52.14
C PRO D 116 -8.80 -30.09 51.88
N GLU D 117 -7.88 -30.39 52.81
CA GLU D 117 -6.46 -30.03 52.74
C GLU D 117 -5.78 -30.68 51.53
N TYR D 118 -6.13 -31.96 51.22
CA TYR D 118 -5.60 -32.74 50.12
C TYR D 118 -5.98 -32.15 48.75
N GLU D 119 -7.23 -31.63 48.62
CA GLU D 119 -7.73 -31.03 47.38
C GLU D 119 -7.07 -29.66 47.15
N ILE D 120 -6.88 -28.86 48.22
CA ILE D 120 -6.27 -27.53 48.14
C ILE D 120 -4.75 -27.68 47.79
N THR D 121 -4.07 -28.71 48.35
CA THR D 121 -2.66 -28.98 48.07
C THR D 121 -2.50 -29.39 46.59
N GLN D 122 -3.43 -30.24 46.07
CA GLN D 122 -3.47 -30.68 44.66
C GLN D 122 -3.72 -29.46 43.76
N SER D 123 -4.64 -28.56 44.19
CA SER D 123 -4.96 -27.32 43.49
C SER D 123 -3.75 -26.39 43.46
N LEU D 124 -2.93 -26.40 44.55
CA LEU D 124 -1.73 -25.57 44.67
C LEU D 124 -0.59 -26.08 43.77
N VAL D 125 -0.31 -27.40 43.80
CA VAL D 125 0.77 -27.99 43.00
C VAL D 125 0.36 -28.01 41.49
N PHE D 126 -0.96 -28.05 41.16
CA PHE D 126 -1.45 -27.98 39.77
C PHE D 126 -1.22 -26.57 39.23
N LEU D 127 -1.49 -25.54 40.04
CA LEU D 127 -1.32 -24.13 39.72
C LEU D 127 0.15 -23.80 39.47
N LEU D 128 1.07 -24.39 40.28
CA LEU D 128 2.52 -24.23 40.16
C LEU D 128 3.03 -24.77 38.82
N LEU D 129 2.54 -25.95 38.41
CA LEU D 129 2.89 -26.61 37.15
C LEU D 129 2.30 -25.83 35.97
N ALA D 130 1.02 -25.40 36.09
CA ALA D 130 0.31 -24.66 35.07
C ALA D 130 1.03 -23.35 34.75
N THR D 131 1.43 -22.58 35.78
CA THR D 131 2.16 -21.31 35.65
C THR D 131 3.58 -21.55 35.10
N LEU D 132 4.19 -22.71 35.41
CA LEU D 132 5.53 -23.07 34.94
C LEU D 132 5.50 -23.26 33.42
N PHE D 133 4.55 -24.08 32.91
CA PHE D 133 4.41 -24.33 31.48
C PHE D 133 4.06 -23.02 30.76
N SER D 134 3.13 -22.23 31.33
CA SER D 134 2.68 -20.94 30.80
C SER D 134 3.85 -19.97 30.61
N ALA D 135 4.74 -19.85 31.62
CA ALA D 135 5.91 -18.97 31.58
C ALA D 135 6.93 -19.41 30.52
N LEU D 136 7.27 -20.72 30.50
CA LEU D 136 8.25 -21.29 29.57
C LEU D 136 7.80 -21.24 28.11
N ALA D 137 6.52 -21.52 27.82
CA ALA D 137 5.98 -21.54 26.45
C ALA D 137 5.90 -20.16 25.81
N GLY D 138 5.72 -19.14 26.64
CA GLY D 138 5.60 -17.75 26.20
C GLY D 138 6.88 -16.94 26.21
N LEU D 139 7.92 -17.45 26.89
CA LEU D 139 9.24 -16.83 27.01
C LEU D 139 9.92 -16.64 25.62
N PRO D 140 9.89 -17.59 24.63
CA PRO D 140 10.55 -17.31 23.33
C PRO D 140 9.88 -16.17 22.56
N TRP D 141 8.55 -16.03 22.68
CA TRP D 141 7.76 -14.98 22.03
C TRP D 141 8.12 -13.62 22.63
N SER D 142 8.21 -13.58 23.98
CA SER D 142 8.59 -12.40 24.78
C SER D 142 10.01 -11.95 24.45
N LEU D 143 10.94 -12.92 24.27
CA LEU D 143 12.33 -12.71 23.92
C LEU D 143 12.43 -12.13 22.51
N TYR D 144 11.54 -12.57 21.59
CA TYR D 144 11.50 -12.07 20.22
C TYR D 144 11.06 -10.62 20.18
N ASN D 145 9.97 -10.28 20.90
CA ASN D 145 9.44 -8.93 20.92
C ASN D 145 10.49 -7.91 21.38
N THR D 146 11.16 -8.16 22.51
CA THR D 146 12.13 -7.22 23.05
C THR D 146 13.44 -7.19 22.24
N PHE D 147 13.98 -8.36 21.86
CA PHE D 147 15.28 -8.41 21.18
C PHE D 147 15.21 -8.39 19.65
N VAL D 148 14.01 -8.40 19.04
CA VAL D 148 13.95 -8.32 17.58
C VAL D 148 13.12 -7.11 17.19
N ILE D 149 11.86 -6.98 17.66
CA ILE D 149 11.00 -5.83 17.29
C ILE D 149 11.49 -4.54 18.00
N GLU D 150 11.53 -4.53 19.35
CA GLU D 150 11.96 -3.35 20.12
C GLU D 150 13.44 -3.01 19.86
N GLU D 151 14.26 -4.00 19.48
CA GLU D 151 15.67 -3.77 19.21
C GLU D 151 15.88 -3.22 17.80
N LYS D 152 15.14 -3.73 16.79
CA LYS D 152 15.22 -3.28 15.39
C LYS D 152 14.84 -1.81 15.25
N HIS D 153 13.80 -1.39 16.00
CA HIS D 153 13.29 -0.02 15.96
C HIS D 153 13.86 0.85 17.10
N GLY D 154 15.02 0.42 17.61
CA GLY D 154 15.85 1.09 18.62
C GLY D 154 15.22 1.53 19.92
N PHE D 155 14.18 0.83 20.39
CA PHE D 155 13.53 1.16 21.65
C PHE D 155 14.22 0.47 22.82
N ASN D 156 14.44 -0.86 22.70
CA ASN D 156 15.05 -1.71 23.73
C ASN D 156 16.44 -1.26 24.14
N GLN D 157 16.68 -1.28 25.46
CA GLN D 157 17.92 -0.92 26.14
C GLN D 157 18.38 -2.09 27.04
N GLN D 158 17.53 -3.15 27.11
CA GLN D 158 17.75 -4.36 27.89
C GLN D 158 18.85 -5.25 27.30
N THR D 159 19.55 -5.96 28.19
CA THR D 159 20.55 -6.96 27.83
C THR D 159 19.89 -8.33 28.05
N LEU D 160 20.42 -9.40 27.45
CA LEU D 160 19.84 -10.75 27.58
C LEU D 160 19.84 -11.21 29.05
N GLY D 161 20.87 -10.78 29.79
CA GLY D 161 21.02 -11.09 31.21
C GLY D 161 19.95 -10.46 32.06
N PHE D 162 19.67 -9.16 31.82
CA PHE D 162 18.64 -8.40 32.54
C PHE D 162 17.27 -8.99 32.27
N PHE D 163 16.99 -9.34 31.00
CA PHE D 163 15.73 -9.94 30.57
C PHE D 163 15.50 -11.27 31.30
N MET D 164 16.53 -12.13 31.34
CA MET D 164 16.50 -13.43 31.99
C MET D 164 16.35 -13.30 33.51
N LYS D 165 17.19 -12.48 34.16
CA LYS D 165 17.16 -12.25 35.60
C LYS D 165 15.81 -11.69 36.04
N ASP D 166 15.20 -10.80 35.23
CA ASP D 166 13.91 -10.20 35.51
C ASP D 166 12.77 -11.21 35.36
N ALA D 167 12.85 -12.11 34.36
CA ALA D 167 11.84 -13.15 34.10
C ALA D 167 11.70 -14.09 35.29
N ILE D 168 12.84 -14.51 35.88
CA ILE D 168 12.90 -15.39 37.07
C ILE D 168 12.39 -14.60 38.28
N LYS D 169 12.92 -13.37 38.48
CA LYS D 169 12.56 -12.45 39.56
C LYS D 169 11.04 -12.26 39.64
N LYS D 170 10.40 -11.98 38.48
CA LYS D 170 8.95 -11.79 38.36
C LYS D 170 8.20 -13.09 38.63
N PHE D 171 8.62 -14.21 38.00
CA PHE D 171 8.00 -15.53 38.17
C PHE D 171 8.00 -15.97 39.64
N VAL D 172 9.13 -15.74 40.37
CA VAL D 172 9.28 -16.08 41.79
C VAL D 172 8.27 -15.28 42.64
N VAL D 173 8.24 -13.95 42.45
CA VAL D 173 7.34 -13.02 43.15
C VAL D 173 5.86 -13.36 42.84
N THR D 174 5.56 -13.79 41.58
CA THR D 174 4.21 -14.18 41.14
C THR D 174 3.68 -15.34 42.00
N GLN D 175 4.47 -16.42 42.16
CA GLN D 175 4.09 -17.61 42.94
C GLN D 175 3.91 -17.28 44.44
N CYS D 176 4.77 -16.39 44.98
CA CYS D 176 4.74 -15.94 46.38
C CYS D 176 3.46 -15.15 46.71
N ILE D 177 2.74 -14.67 45.67
CA ILE D 177 1.48 -13.93 45.82
C ILE D 177 0.34 -14.90 45.50
N LEU D 178 0.48 -15.68 44.41
CA LEU D 178 -0.50 -16.65 43.92
C LEU D 178 -0.83 -17.72 44.95
N LEU D 179 0.18 -18.54 45.37
CA LEU D 179 0.05 -19.65 46.30
C LEU D 179 -0.72 -19.29 47.62
N PRO D 180 -0.39 -18.23 48.40
CA PRO D 180 -1.17 -17.96 49.63
C PRO D 180 -2.60 -17.48 49.35
N VAL D 181 -2.78 -16.58 48.35
CA VAL D 181 -4.09 -16.01 47.98
C VAL D 181 -5.03 -17.13 47.45
N SER D 182 -4.50 -18.01 46.57
CA SER D 182 -5.28 -19.11 45.97
C SER D 182 -5.69 -20.16 47.01
N SER D 183 -4.75 -20.58 47.89
CA SER D 183 -4.99 -21.57 48.96
C SER D 183 -6.09 -21.12 49.93
N LEU D 184 -6.09 -19.83 50.32
CA LEU D 184 -7.09 -19.27 51.24
C LEU D 184 -8.46 -19.16 50.57
N LEU D 185 -8.51 -18.75 49.28
CA LEU D 185 -9.74 -18.61 48.49
C LEU D 185 -10.49 -19.94 48.36
N LEU D 186 -9.73 -21.05 48.18
CA LEU D 186 -10.28 -22.40 48.07
C LEU D 186 -10.85 -22.89 49.41
N TYR D 187 -10.20 -22.50 50.51
CA TYR D 187 -10.59 -22.85 51.88
C TYR D 187 -11.96 -22.23 52.22
N ILE D 188 -12.16 -20.94 51.85
CA ILE D 188 -13.40 -20.18 52.09
C ILE D 188 -14.59 -20.80 51.33
N ILE D 189 -14.38 -21.23 50.07
CA ILE D 189 -15.43 -21.84 49.23
C ILE D 189 -15.81 -23.23 49.76
N LYS D 190 -14.81 -24.08 50.10
CA LYS D 190 -15.00 -25.44 50.61
C LYS D 190 -15.58 -25.48 52.04
N ILE D 191 -15.06 -24.65 52.97
CA ILE D 191 -15.50 -24.62 54.37
C ILE D 191 -16.83 -23.83 54.50
N GLY D 192 -16.83 -22.57 54.06
CA GLY D 192 -17.98 -21.68 54.14
C GLY D 192 -19.17 -22.11 53.31
N GLY D 193 -20.35 -21.62 53.69
CA GLY D 193 -21.60 -21.92 53.02
C GLY D 193 -22.83 -21.69 53.89
N ASP D 194 -24.06 -21.67 53.30
CA ASP D 194 -24.34 -21.84 51.87
C ASP D 194 -24.14 -20.51 51.10
N TYR D 195 -23.84 -19.43 51.83
CA TYR D 195 -23.61 -18.09 51.28
C TYR D 195 -22.08 -17.82 51.21
N PHE D 196 -21.32 -18.81 50.70
CA PHE D 196 -19.86 -18.78 50.54
C PHE D 196 -19.39 -17.72 49.53
N PHE D 197 -20.27 -17.34 48.55
CA PHE D 197 -19.99 -16.36 47.49
C PHE D 197 -19.88 -14.91 48.01
N ILE D 198 -20.15 -14.68 49.31
CA ILE D 198 -20.06 -13.37 49.95
C ILE D 198 -18.70 -13.26 50.64
N TYR D 199 -18.29 -14.30 51.41
CA TYR D 199 -17.00 -14.31 52.10
C TYR D 199 -15.84 -14.38 51.10
N ALA D 200 -16.01 -15.15 49.99
CA ALA D 200 -15.00 -15.30 48.92
C ALA D 200 -14.85 -14.00 48.12
N TRP D 201 -15.97 -13.24 47.97
CA TRP D 201 -15.98 -11.95 47.27
C TRP D 201 -15.35 -10.89 48.18
N LEU D 202 -15.65 -10.93 49.49
CA LEU D 202 -15.11 -10.00 50.48
C LEU D 202 -13.61 -10.25 50.70
N PHE D 203 -13.16 -11.52 50.54
CA PHE D 203 -11.73 -11.89 50.66
C PHE D 203 -10.95 -11.27 49.51
N THR D 204 -11.47 -11.41 48.27
CA THR D 204 -10.86 -10.84 47.05
C THR D 204 -10.88 -9.31 47.12
N LEU D 205 -11.92 -8.73 47.78
CA LEU D 205 -12.08 -7.29 47.99
C LEU D 205 -10.96 -6.75 48.89
N VAL D 206 -10.61 -7.50 49.96
CA VAL D 206 -9.54 -7.14 50.90
C VAL D 206 -8.18 -7.33 50.22
N VAL D 207 -7.95 -8.51 49.60
CA VAL D 207 -6.72 -8.88 48.89
C VAL D 207 -6.42 -7.84 47.77
N SER D 208 -7.46 -7.34 47.07
CA SER D 208 -7.31 -6.33 46.01
C SER D 208 -6.74 -5.02 46.58
N LEU D 209 -7.41 -4.43 47.58
CA LEU D 209 -7.02 -3.17 48.22
C LEU D 209 -5.66 -3.26 48.95
N VAL D 210 -5.31 -4.44 49.50
CA VAL D 210 -4.04 -4.67 50.19
C VAL D 210 -2.89 -4.68 49.17
N LEU D 211 -3.02 -5.49 48.09
CA LEU D 211 -2.03 -5.60 47.02
C LEU D 211 -1.83 -4.29 46.24
N VAL D 212 -2.87 -3.44 46.18
CA VAL D 212 -2.83 -2.13 45.49
C VAL D 212 -1.86 -1.19 46.25
N THR D 213 -1.96 -1.16 47.59
CA THR D 213 -1.13 -0.32 48.46
C THR D 213 0.30 -0.87 48.59
N ILE D 214 0.47 -2.21 48.63
CA ILE D 214 1.77 -2.87 48.79
C ILE D 214 2.64 -2.75 47.52
N TYR D 215 2.07 -3.08 46.33
CA TYR D 215 2.74 -3.13 45.01
C TYR D 215 3.81 -2.05 44.77
N ALA D 216 3.41 -0.78 44.59
CA ALA D 216 4.30 0.36 44.29
C ALA D 216 5.36 0.63 45.37
N ASP D 217 5.07 0.25 46.63
CA ASP D 217 5.97 0.48 47.76
C ASP D 217 6.93 -0.68 48.04
N TYR D 218 6.55 -1.94 47.71
CA TYR D 218 7.40 -3.09 48.03
C TYR D 218 7.68 -4.02 46.83
N ILE D 219 6.64 -4.42 46.06
CA ILE D 219 6.77 -5.34 44.93
C ILE D 219 7.47 -4.67 43.72
N ALA D 220 6.92 -3.53 43.24
CA ALA D 220 7.42 -2.77 42.08
C ALA D 220 8.92 -2.35 42.17
N PRO D 221 9.47 -1.85 43.30
CA PRO D 221 10.90 -1.45 43.31
C PRO D 221 11.90 -2.60 43.15
N LEU D 222 11.44 -3.87 43.26
CA LEU D 222 12.29 -5.07 43.11
C LEU D 222 12.73 -5.31 41.66
N PHE D 223 11.90 -4.85 40.70
CA PHE D 223 12.15 -5.04 39.26
C PHE D 223 12.72 -3.78 38.60
N ASP D 224 12.29 -2.59 39.05
CA ASP D 224 12.74 -1.31 38.50
C ASP D 224 13.28 -0.38 39.59
N LYS D 225 14.34 0.39 39.28
CA LYS D 225 14.97 1.32 40.22
C LYS D 225 14.10 2.56 40.43
N PHE D 226 13.55 2.69 41.65
CA PHE D 226 12.69 3.81 42.07
C PHE D 226 13.51 4.81 42.89
N THR D 227 13.53 6.07 42.44
CA THR D 227 14.24 7.16 43.11
C THR D 227 13.36 8.42 43.16
N PRO D 228 13.33 9.17 44.30
CA PRO D 228 12.51 10.39 44.34
C PRO D 228 13.06 11.48 43.42
N LEU D 229 12.16 12.32 42.86
CA LEU D 229 12.48 13.40 41.93
C LEU D 229 13.45 14.41 42.56
N PRO D 230 14.58 14.72 41.88
CA PRO D 230 15.55 15.67 42.46
C PRO D 230 15.01 17.10 42.48
N GLU D 231 15.43 17.89 43.50
CA GLU D 231 15.01 19.28 43.69
C GLU D 231 15.48 20.16 42.54
N GLY D 232 14.53 20.91 41.98
CA GLY D 232 14.77 21.82 40.85
C GLY D 232 13.56 22.65 40.50
N LYS D 233 13.54 23.18 39.25
CA LYS D 233 12.45 23.99 38.71
C LYS D 233 11.17 23.16 38.51
N LEU D 234 11.34 21.89 38.13
CA LEU D 234 10.24 20.95 37.92
C LEU D 234 9.66 20.48 39.25
N LYS D 235 10.54 20.16 40.23
CA LYS D 235 10.16 19.68 41.57
C LYS D 235 9.41 20.75 42.36
N GLU D 236 9.80 22.04 42.23
CA GLU D 236 9.18 23.16 42.93
C GLU D 236 7.81 23.49 42.33
N GLU D 237 7.69 23.52 40.98
CA GLU D 237 6.45 23.83 40.26
C GLU D 237 5.38 22.74 40.47
N ILE D 238 5.81 21.48 40.68
CA ILE D 238 4.91 20.34 40.93
C ILE D 238 4.26 20.47 42.30
N GLU D 239 5.02 20.93 43.33
CA GLU D 239 4.55 21.14 44.69
C GLU D 239 3.54 22.30 44.74
N VAL D 240 3.75 23.33 43.90
CA VAL D 240 2.89 24.51 43.74
C VAL D 240 1.54 24.03 43.16
N MET D 241 1.60 23.16 42.13
CA MET D 241 0.43 22.57 41.47
C MET D 241 -0.31 21.59 42.42
N ALA D 242 0.45 20.81 43.22
CA ALA D 242 -0.08 19.85 44.19
C ALA D 242 -0.86 20.53 45.30
N LYS D 243 -0.35 21.69 45.79
CA LYS D 243 -0.98 22.49 46.84
C LYS D 243 -2.24 23.19 46.28
N SER D 244 -2.20 23.57 44.99
CA SER D 244 -3.28 24.25 44.27
C SER D 244 -4.51 23.35 44.11
N ILE D 245 -4.30 22.05 43.76
CA ILE D 245 -5.37 21.08 43.56
C ILE D 245 -5.72 20.35 44.87
N ASP D 246 -5.01 20.69 45.99
CA ASP D 246 -5.14 20.11 47.34
C ASP D 246 -4.83 18.60 47.33
N PHE D 247 -3.90 18.18 46.45
CA PHE D 247 -3.47 16.78 46.33
C PHE D 247 -2.50 16.46 47.48
N PRO D 248 -2.79 15.44 48.32
CA PRO D 248 -1.86 15.14 49.43
C PRO D 248 -0.59 14.43 48.96
N LEU D 249 0.33 15.21 48.37
CA LEU D 249 1.60 14.74 47.84
C LEU D 249 2.61 14.48 48.94
N THR D 250 3.20 13.27 48.92
CA THR D 250 4.25 12.83 49.86
C THR D 250 5.60 13.06 49.16
N LYS D 251 5.73 12.55 47.92
CA LYS D 251 6.92 12.65 47.07
C LYS D 251 6.59 12.35 45.61
N VAL D 252 7.44 12.83 44.68
CA VAL D 252 7.34 12.58 43.23
C VAL D 252 8.47 11.59 42.88
N TYR D 253 8.15 10.52 42.13
CA TYR D 253 9.14 9.49 41.79
C TYR D 253 9.56 9.52 40.32
N VAL D 254 10.87 9.30 40.08
CA VAL D 254 11.47 9.24 38.75
C VAL D 254 11.96 7.80 38.55
N VAL D 255 11.11 6.96 37.92
CA VAL D 255 11.35 5.54 37.65
C VAL D 255 12.38 5.40 36.53
N GLU D 256 13.46 4.63 36.79
CA GLU D 256 14.54 4.36 35.84
C GLU D 256 14.05 3.39 34.75
N GLY D 257 13.22 3.92 33.85
CA GLY D 257 12.64 3.20 32.72
C GLY D 257 13.55 3.16 31.51
N SER D 258 14.66 3.92 31.55
CA SER D 258 15.67 4.00 30.49
C SER D 258 16.54 2.73 30.46
N LYS D 259 16.54 1.94 31.56
CA LYS D 259 17.28 0.68 31.69
C LYS D 259 16.63 -0.42 30.85
N ARG D 260 15.32 -0.27 30.55
CA ARG D 260 14.53 -1.22 29.77
C ARG D 260 14.30 -0.75 28.33
N SER D 261 13.66 0.43 28.14
CA SER D 261 13.32 0.95 26.81
C SER D 261 13.24 2.50 26.75
N SER D 262 13.20 3.04 25.52
CA SER D 262 13.11 4.47 25.22
C SER D 262 11.67 5.00 25.30
N HIS D 263 10.69 4.13 25.64
CA HIS D 263 9.28 4.49 25.75
C HIS D 263 9.02 5.37 26.98
N SER D 264 8.12 6.37 26.82
CA SER D 264 7.76 7.34 27.85
C SER D 264 6.29 7.23 28.28
N ASN D 265 6.02 7.36 29.60
CA ASN D 265 4.69 7.30 30.22
C ASN D 265 4.72 7.87 31.67
N ALA D 266 3.54 7.94 32.35
CA ALA D 266 3.40 8.43 33.72
C ALA D 266 2.15 7.87 34.40
N TYR D 267 2.18 7.72 35.75
CA TYR D 267 1.07 7.20 36.57
C TYR D 267 1.06 7.84 37.99
N PHE D 268 0.08 7.46 38.83
CA PHE D 268 -0.05 7.97 40.21
C PHE D 268 -0.64 6.89 41.13
N TYR D 269 -0.23 6.89 42.42
CA TYR D 269 -0.69 5.92 43.42
C TYR D 269 -0.79 6.54 44.83
N GLY D 270 -1.42 5.81 45.75
CA GLY D 270 -1.61 6.22 47.14
C GLY D 270 -2.71 5.52 47.88
N PHE D 271 -3.04 6.03 49.08
CA PHE D 271 -4.08 5.52 49.97
C PHE D 271 -5.01 6.63 50.43
N LYS D 275 -0.16 9.65 49.28
CA LYS D 275 -0.22 9.66 47.82
C LYS D 275 1.11 10.11 47.21
N ARG D 276 1.56 9.43 46.13
CA ARG D 276 2.81 9.72 45.43
C ARG D 276 2.68 9.60 43.90
N ILE D 277 3.33 10.51 43.17
CA ILE D 277 3.34 10.59 41.70
C ILE D 277 4.47 9.71 41.11
N VAL D 278 4.23 9.09 39.93
CA VAL D 278 5.21 8.24 39.23
C VAL D 278 5.42 8.75 37.79
N LEU D 279 6.65 9.15 37.46
CA LEU D 279 7.01 9.66 36.13
C LEU D 279 8.29 8.99 35.62
N PHE D 280 8.29 8.59 34.34
CA PHE D 280 9.43 7.95 33.66
C PHE D 280 10.59 8.91 33.49
N ASP D 281 11.84 8.41 33.56
CA ASP D 281 13.03 9.24 33.35
C ASP D 281 13.20 9.59 31.87
N THR D 282 12.57 8.79 30.98
CA THR D 282 12.55 8.99 29.53
C THR D 282 11.63 10.15 29.17
N LEU D 283 10.59 10.40 29.98
CA LEU D 283 9.62 11.48 29.81
C LEU D 283 10.19 12.83 30.27
N LEU D 284 11.04 12.81 31.32
CA LEU D 284 11.64 14.00 31.93
C LEU D 284 12.88 14.51 31.17
N GLU D 285 13.73 13.60 30.65
CA GLU D 285 14.97 13.93 29.93
C GLU D 285 14.70 14.71 28.65
N GLY D 323 12.68 13.71 25.43
CA GLY D 323 11.49 13.51 26.23
C GLY D 323 10.52 14.67 26.13
N CYS D 324 10.18 15.27 27.29
CA CYS D 324 9.27 16.41 27.40
C CYS D 324 9.87 17.50 28.31
N LYS D 325 9.63 18.77 27.95
CA LYS D 325 10.07 19.93 28.73
C LYS D 325 9.27 20.03 30.02
N ASN D 326 9.82 20.71 31.06
CA ASN D 326 9.19 20.87 32.38
C ASN D 326 7.75 21.40 32.30
N GLU D 327 7.47 22.30 31.33
CA GLU D 327 6.15 22.88 31.09
C GLU D 327 5.16 21.81 30.57
N GLU D 328 5.66 20.89 29.72
CA GLU D 328 4.86 19.79 29.15
C GLU D 328 4.62 18.70 30.19
N VAL D 329 5.62 18.43 31.07
CA VAL D 329 5.56 17.43 32.14
C VAL D 329 4.44 17.80 33.14
N LEU D 330 4.37 19.08 33.53
CA LEU D 330 3.35 19.61 34.45
C LEU D 330 1.93 19.46 33.88
N ALA D 331 1.80 19.63 32.54
CA ALA D 331 0.53 19.47 31.83
C ALA D 331 0.08 18.02 31.82
N VAL D 332 1.06 17.08 31.68
CA VAL D 332 0.85 15.63 31.71
C VAL D 332 0.41 15.25 33.13
N LEU D 333 0.98 15.92 34.17
CA LEU D 333 0.63 15.72 35.57
C LEU D 333 -0.81 16.19 35.83
N GLY D 334 -1.16 17.36 35.28
CA GLY D 334 -2.49 17.94 35.37
C GLY D 334 -3.60 17.04 34.85
N HIS D 335 -3.26 16.22 33.83
CA HIS D 335 -4.15 15.23 33.23
C HIS D 335 -4.34 14.07 34.23
N ALA D 336 -3.21 13.52 34.75
CA ALA D 336 -3.16 12.41 35.72
C ALA D 336 -3.84 12.79 37.04
N LEU D 337 -3.68 14.07 37.47
CA LEU D 337 -4.31 14.61 38.68
C LEU D 337 -5.83 14.70 38.49
N GLY D 338 -6.25 14.76 37.22
CA GLY D 338 -7.65 14.80 36.81
C GLY D 338 -8.42 13.56 37.17
N HIS D 339 -7.79 12.37 37.02
CA HIS D 339 -8.37 11.07 37.36
C HIS D 339 -8.65 10.96 38.87
N TRP D 340 -7.81 11.63 39.68
CA TRP D 340 -7.95 11.68 41.14
C TRP D 340 -9.11 12.62 41.52
N LYS D 341 -9.12 13.85 40.98
CA LYS D 341 -10.12 14.89 41.24
C LYS D 341 -11.52 14.54 40.69
N LEU D 342 -11.60 13.96 39.48
CA LEU D 342 -12.87 13.56 38.85
C LEU D 342 -13.38 12.20 39.38
N GLY D 343 -12.61 11.58 40.28
CA GLY D 343 -12.94 10.31 40.91
C GLY D 343 -13.00 9.12 39.98
N HIS D 344 -12.18 9.14 38.91
CA HIS D 344 -12.09 8.05 37.93
C HIS D 344 -11.51 6.79 38.59
N THR D 345 -10.57 6.98 39.53
CA THR D 345 -9.91 5.93 40.30
C THR D 345 -10.94 5.17 41.14
N VAL D 346 -11.74 5.90 41.95
CA VAL D 346 -12.77 5.36 42.85
C VAL D 346 -13.89 4.68 42.06
N LYS D 347 -14.33 5.27 40.93
CA LYS D 347 -15.38 4.74 40.07
C LYS D 347 -14.98 3.37 39.48
N ASN D 348 -13.70 3.23 39.07
CA ASN D 348 -13.14 2.00 38.49
C ASN D 348 -13.13 0.85 39.51
N ILE D 349 -12.90 1.15 40.80
CA ILE D 349 -12.87 0.13 41.87
C ILE D 349 -14.31 -0.34 42.13
N ILE D 350 -15.28 0.60 42.17
CA ILE D 350 -16.70 0.34 42.38
C ILE D 350 -17.26 -0.59 41.30
N ILE D 351 -16.80 -0.43 40.04
CA ILE D 351 -17.20 -1.28 38.92
C ILE D 351 -16.60 -2.68 39.07
N SER D 352 -15.28 -2.76 39.38
CA SER D 352 -14.53 -4.02 39.53
C SER D 352 -15.06 -4.90 40.66
N GLN D 353 -15.52 -4.31 41.78
CA GLN D 353 -16.06 -5.06 42.92
C GLN D 353 -17.52 -5.44 42.69
N MET D 354 -18.23 -4.69 41.84
CA MET D 354 -19.62 -4.94 41.46
C MET D 354 -19.66 -6.13 40.50
N ASN D 355 -18.64 -6.21 39.62
CA ASN D 355 -18.44 -7.26 38.62
C ASN D 355 -18.14 -8.61 39.31
N SER D 356 -17.20 -8.61 40.29
CA SER D 356 -16.80 -9.81 41.04
C SER D 356 -17.93 -10.35 41.92
N PHE D 357 -18.83 -9.47 42.43
CA PHE D 357 -19.98 -9.92 43.23
C PHE D 357 -20.98 -10.65 42.33
N LEU D 358 -21.26 -10.08 41.14
CA LEU D 358 -22.16 -10.65 40.14
C LEU D 358 -21.61 -12.00 39.65
N CYS D 359 -20.27 -12.08 39.47
CA CYS D 359 -19.54 -13.26 39.02
C CYS D 359 -19.58 -14.38 40.08
N PHE D 360 -19.25 -14.06 41.35
CA PHE D 360 -19.25 -15.04 42.45
C PHE D 360 -20.66 -15.57 42.73
N PHE D 361 -21.69 -14.74 42.52
CA PHE D 361 -23.09 -15.12 42.70
C PHE D 361 -23.48 -16.17 41.66
N LEU D 362 -23.21 -15.89 40.35
CA LEU D 362 -23.50 -16.80 39.24
C LEU D 362 -22.64 -18.07 39.32
N PHE D 363 -21.45 -17.96 39.95
CA PHE D 363 -20.53 -19.09 40.18
C PHE D 363 -21.17 -20.06 41.18
N ALA D 364 -21.69 -19.51 42.30
CA ALA D 364 -22.36 -20.26 43.37
C ALA D 364 -23.61 -20.98 42.83
N VAL D 365 -24.25 -20.39 41.79
CA VAL D 365 -25.45 -20.92 41.13
C VAL D 365 -25.04 -22.06 40.15
N LEU D 366 -23.91 -21.90 39.44
CA LEU D 366 -23.45 -22.87 38.43
C LEU D 366 -22.44 -23.93 38.94
N ILE D 367 -21.85 -23.77 40.15
CA ILE D 367 -20.86 -24.71 40.71
C ILE D 367 -21.50 -26.11 40.96
N GLY D 368 -22.79 -26.13 41.30
CA GLY D 368 -23.55 -27.35 41.56
C GLY D 368 -23.80 -28.21 40.35
N ARG D 369 -23.80 -27.60 39.14
CA ARG D 369 -24.02 -28.29 37.87
C ARG D 369 -22.79 -29.13 37.49
N LYS D 370 -22.99 -30.45 37.37
CA LYS D 370 -21.95 -31.42 37.03
C LYS D 370 -21.75 -31.53 35.51
N GLU D 371 -22.69 -30.95 34.72
CA GLU D 371 -22.67 -30.95 33.26
C GLU D 371 -21.52 -30.11 32.70
N LEU D 372 -21.20 -28.97 33.34
CA LEU D 372 -20.13 -28.06 32.91
C LEU D 372 -18.74 -28.67 33.15
N PHE D 373 -18.59 -29.53 34.18
CA PHE D 373 -17.33 -30.22 34.50
C PHE D 373 -17.06 -31.34 33.50
N ALA D 374 -18.11 -32.16 33.22
CA ALA D 374 -18.10 -33.28 32.28
C ALA D 374 -17.80 -32.82 30.85
N ALA D 375 -18.18 -31.57 30.52
CA ALA D 375 -17.96 -30.93 29.23
C ALA D 375 -16.47 -30.83 28.91
N PHE D 376 -15.65 -30.44 29.90
CA PHE D 376 -14.20 -30.24 29.77
C PHE D 376 -13.37 -31.48 30.12
N GLY D 377 -14.02 -32.61 30.43
CA GLY D 377 -13.34 -33.87 30.71
C GLY D 377 -13.28 -34.33 32.16
N PHE D 378 -13.93 -33.60 33.09
CA PHE D 378 -13.95 -33.96 34.51
C PHE D 378 -15.21 -34.74 34.83
N TYR D 379 -15.07 -36.08 34.94
CA TYR D 379 -16.20 -36.97 35.21
C TYR D 379 -16.15 -37.57 36.62
N ASP D 380 -14.96 -38.04 37.06
CA ASP D 380 -14.72 -38.67 38.36
C ASP D 380 -14.89 -37.71 39.54
N SER D 381 -14.53 -36.42 39.37
CA SER D 381 -14.62 -35.43 40.45
C SER D 381 -14.95 -34.03 39.93
N GLN D 382 -15.45 -33.16 40.83
CA GLN D 382 -15.78 -31.76 40.55
C GLN D 382 -14.87 -30.87 41.43
N PRO D 383 -13.60 -30.61 41.02
CA PRO D 383 -12.70 -29.81 41.86
C PRO D 383 -13.07 -28.33 41.91
N THR D 384 -12.78 -27.67 43.04
CA THR D 384 -13.09 -26.27 43.31
C THR D 384 -12.30 -25.32 42.37
N LEU D 385 -10.96 -25.47 42.30
CA LEU D 385 -10.10 -24.63 41.44
C LEU D 385 -10.49 -24.77 39.97
N ILE D 386 -10.84 -26.00 39.54
CA ILE D 386 -11.27 -26.34 38.18
C ILE D 386 -12.63 -25.67 37.88
N GLY D 387 -13.50 -25.61 38.90
CA GLY D 387 -14.79 -24.94 38.82
C GLY D 387 -14.64 -23.45 38.59
N LEU D 388 -13.62 -22.85 39.26
CA LEU D 388 -13.28 -21.43 39.13
C LEU D 388 -12.76 -21.15 37.72
N LEU D 389 -12.00 -22.09 37.12
CA LEU D 389 -11.47 -21.93 35.78
C LEU D 389 -12.57 -22.06 34.71
N ILE D 390 -13.38 -23.14 34.78
CA ILE D 390 -14.44 -23.42 33.80
C ILE D 390 -15.49 -22.31 33.76
N ILE D 391 -16.07 -21.93 34.92
CA ILE D 391 -17.14 -20.92 34.99
C ILE D 391 -16.60 -19.50 34.72
N PHE D 392 -15.52 -19.08 35.41
CA PHE D 392 -14.97 -17.72 35.26
C PHE D 392 -14.26 -17.47 33.92
N GLN D 393 -13.49 -18.44 33.39
CA GLN D 393 -12.74 -18.22 32.16
C GLN D 393 -13.41 -18.76 30.90
N PHE D 394 -14.45 -19.62 30.99
CA PHE D 394 -15.07 -20.15 29.77
C PHE D 394 -16.57 -19.84 29.67
N ILE D 395 -17.36 -20.11 30.72
CA ILE D 395 -18.82 -19.89 30.73
C ILE D 395 -19.12 -18.38 30.73
N PHE D 396 -18.33 -17.58 31.49
CA PHE D 396 -18.50 -16.13 31.59
C PHE D 396 -17.87 -15.37 30.40
N SER D 397 -17.16 -16.08 29.48
CA SER D 397 -16.50 -15.50 28.30
C SER D 397 -17.39 -14.48 27.55
N PRO D 398 -18.69 -14.76 27.21
CA PRO D 398 -19.48 -13.72 26.54
C PRO D 398 -19.65 -12.45 27.38
N TYR D 399 -19.92 -12.60 28.70
CA TYR D 399 -20.10 -11.48 29.64
C TYR D 399 -18.79 -10.70 29.80
N ASN D 400 -17.66 -11.42 30.00
CA ASN D 400 -16.34 -10.83 30.16
C ASN D 400 -15.94 -9.99 28.94
N GLU D 401 -16.32 -10.46 27.73
CA GLU D 401 -16.02 -9.75 26.48
C GLU D 401 -16.82 -8.46 26.32
N VAL D 402 -18.11 -8.50 26.72
CA VAL D 402 -19.01 -7.35 26.66
C VAL D 402 -18.55 -6.30 27.70
N LEU D 403 -18.34 -6.74 28.97
CA LEU D 403 -17.88 -5.89 30.08
C LEU D 403 -16.55 -5.20 29.73
N SER D 404 -15.61 -5.93 29.10
CA SER D 404 -14.30 -5.40 28.69
C SER D 404 -14.46 -4.33 27.63
N PHE D 405 -15.41 -4.51 26.68
CA PHE D 405 -15.68 -3.53 25.64
C PHE D 405 -16.30 -2.28 26.24
N CYS D 406 -17.22 -2.44 27.21
CA CYS D 406 -17.89 -1.35 27.91
C CYS D 406 -16.89 -0.55 28.74
N LEU D 407 -15.93 -1.24 29.39
CA LEU D 407 -14.89 -0.60 30.21
C LEU D 407 -13.85 0.12 29.34
N THR D 408 -13.65 -0.32 28.07
CA THR D 408 -12.75 0.30 27.10
C THR D 408 -13.38 1.62 26.62
N VAL D 409 -14.73 1.60 26.40
CA VAL D 409 -15.52 2.77 25.99
C VAL D 409 -15.46 3.81 27.13
N LEU D 410 -15.62 3.35 28.38
CA LEU D 410 -15.56 4.17 29.60
C LEU D 410 -14.17 4.80 29.77
N SER D 411 -13.10 4.00 29.55
CA SER D 411 -11.70 4.44 29.64
C SER D 411 -11.41 5.63 28.72
N ARG D 412 -11.96 5.60 27.48
CA ARG D 412 -11.81 6.67 26.49
C ARG D 412 -12.51 7.94 26.96
N ARG D 413 -13.73 7.80 27.53
CA ARG D 413 -14.52 8.92 28.07
C ARG D 413 -13.83 9.52 29.31
N PHE D 414 -13.19 8.66 30.13
CA PHE D 414 -12.45 9.04 31.34
C PHE D 414 -11.17 9.79 30.99
N GLU D 415 -10.56 9.47 29.83
CA GLU D 415 -9.34 10.13 29.34
C GLU D 415 -9.67 11.53 28.83
N PHE D 416 -10.80 11.68 28.11
CA PHE D 416 -11.29 12.96 27.58
C PHE D 416 -11.61 13.93 28.71
N GLN D 417 -12.19 13.40 29.83
CA GLN D 417 -12.55 14.16 31.03
C GLN D 417 -11.28 14.66 31.72
N ALA D 418 -10.23 13.83 31.76
CA ALA D 418 -8.93 14.14 32.35
C ALA D 418 -8.17 15.18 31.51
N ASP D 419 -8.39 15.18 30.18
CA ASP D 419 -7.79 16.13 29.24
C ASP D 419 -8.50 17.48 29.36
N ALA D 420 -9.83 17.46 29.59
CA ALA D 420 -10.67 18.63 29.80
C ALA D 420 -10.32 19.32 31.12
N PHE D 421 -9.91 18.53 32.13
CA PHE D 421 -9.48 19.00 33.45
C PHE D 421 -8.13 19.72 33.33
N ALA D 422 -7.24 19.22 32.44
CA ALA D 422 -5.92 19.81 32.17
C ALA D 422 -6.08 21.17 31.48
N LYS D 423 -7.11 21.30 30.63
CA LYS D 423 -7.47 22.55 29.93
C LYS D 423 -8.07 23.53 30.92
N LYS D 424 -8.82 23.01 31.93
CA LYS D 424 -9.44 23.78 33.01
C LYS D 424 -8.37 24.34 33.95
N LEU D 425 -7.17 23.72 34.00
CA LEU D 425 -6.04 24.16 34.80
C LEU D 425 -5.23 25.24 34.06
N GLY D 426 -5.45 25.35 32.74
CA GLY D 426 -4.80 26.31 31.87
C GLY D 426 -3.63 25.76 31.07
N LYS D 427 -3.22 24.51 31.35
CA LYS D 427 -2.09 23.85 30.68
C LYS D 427 -2.54 23.08 29.42
N ALA D 428 -3.54 23.63 28.69
CA ALA D 428 -4.09 23.03 27.47
C ALA D 428 -3.10 23.08 26.30
N LYS D 429 -2.39 24.23 26.14
CA LYS D 429 -1.39 24.45 25.09
C LYS D 429 -0.15 23.58 25.31
N ASP D 430 0.21 23.37 26.59
CA ASP D 430 1.36 22.56 26.98
C ASP D 430 1.08 21.06 26.81
N LEU D 431 -0.18 20.61 27.08
CA LEU D 431 -0.60 19.21 26.93
C LEU D 431 -0.71 18.85 25.44
N TYR D 432 -1.14 19.81 24.59
CA TYR D 432 -1.26 19.68 23.14
C TYR D 432 0.11 19.35 22.54
N SER D 433 1.15 20.08 22.99
CA SER D 433 2.53 19.90 22.56
C SER D 433 3.11 18.59 23.12
N ALA D 434 2.75 18.24 24.38
CA ALA D 434 3.20 17.04 25.08
C ALA D 434 2.71 15.76 24.40
N LEU D 435 1.39 15.66 24.10
CA LEU D 435 0.74 14.51 23.46
C LEU D 435 1.37 14.19 22.10
N ILE D 436 1.73 15.22 21.32
CA ILE D 436 2.40 15.11 20.01
C ILE D 436 3.83 14.60 20.21
N LYS D 437 4.57 15.19 21.17
CA LYS D 437 5.95 14.85 21.50
C LYS D 437 6.08 13.43 22.05
N LEU D 438 5.11 12.98 22.87
CA LEU D 438 5.07 11.63 23.44
C LEU D 438 4.73 10.59 22.36
N ASN D 439 3.93 11.01 21.35
CA ASN D 439 3.55 10.16 20.22
C ASN D 439 4.78 9.89 19.34
N LYS D 440 5.64 10.91 19.13
CA LYS D 440 6.88 10.80 18.36
C LYS D 440 7.90 9.94 19.12
N ASP D 441 7.94 10.09 20.45
CA ASP D 441 8.82 9.35 21.37
C ASP D 441 8.54 7.85 21.35
N ASN D 442 7.26 7.46 21.25
CA ASN D 442 6.79 6.06 21.26
C ASN D 442 6.40 5.56 19.86
N LEU D 443 6.71 6.34 18.80
CA LEU D 443 6.43 6.07 17.39
C LEU D 443 4.99 5.57 17.16
N GLY D 444 4.03 6.33 17.68
CA GLY D 444 2.61 6.02 17.54
C GLY D 444 2.07 6.52 16.22
N PHE D 445 1.42 5.62 15.45
CA PHE D 445 0.86 5.95 14.14
C PHE D 445 -0.40 6.81 14.34
N PRO D 446 -0.47 8.02 13.73
CA PRO D 446 -1.65 8.89 13.93
C PRO D 446 -2.94 8.35 13.30
N VAL D 447 -2.84 7.66 12.14
CA VAL D 447 -3.98 7.08 11.43
C VAL D 447 -4.33 5.71 12.04
N SER D 448 -5.63 5.45 12.22
CA SER D 448 -6.12 4.20 12.79
C SER D 448 -7.53 3.89 12.30
N ASP D 449 -7.82 2.60 12.05
CA ASP D 449 -9.14 2.13 11.61
C ASP D 449 -10.14 2.34 12.75
N TRP D 450 -11.25 3.03 12.46
CA TRP D 450 -12.30 3.37 13.44
C TRP D 450 -12.86 2.16 14.17
N LEU D 451 -13.10 1.04 13.45
CA LEU D 451 -13.65 -0.19 14.03
C LEU D 451 -12.64 -0.86 14.98
N PHE D 452 -11.32 -0.71 14.70
CA PHE D 452 -10.22 -1.25 15.51
C PHE D 452 -10.05 -0.46 16.81
N SER D 453 -9.95 0.89 16.71
CA SER D 453 -9.76 1.79 17.84
C SER D 453 -10.97 1.81 18.78
N MET D 454 -12.19 1.59 18.24
CA MET D 454 -13.42 1.55 19.03
C MET D 454 -13.46 0.31 19.96
N TRP D 455 -12.93 -0.81 19.47
CA TRP D 455 -12.92 -2.10 20.16
C TRP D 455 -11.72 -2.28 21.08
N HIS D 456 -10.51 -1.86 20.64
CA HIS D 456 -9.28 -2.08 21.39
C HIS D 456 -8.75 -0.88 22.18
N TYR D 457 -8.57 0.29 21.53
CA TYR D 457 -7.97 1.50 22.11
C TYR D 457 -8.67 1.98 23.38
N SER D 458 -7.97 1.88 24.53
CA SER D 458 -8.44 2.33 25.84
C SER D 458 -8.32 3.86 25.92
N HIS D 459 -7.37 4.42 25.15
CA HIS D 459 -7.11 5.85 25.01
C HIS D 459 -7.61 6.31 23.63
N PRO D 460 -8.37 7.42 23.54
CA PRO D 460 -8.85 7.87 22.22
C PRO D 460 -7.72 8.30 21.28
N PRO D 461 -7.92 8.29 19.92
CA PRO D 461 -6.82 8.66 19.00
C PRO D 461 -6.25 10.06 19.24
N LEU D 462 -4.96 10.24 18.89
CA LEU D 462 -4.22 11.49 19.06
C LEU D 462 -4.96 12.69 18.45
N LEU D 463 -5.44 12.56 17.19
CA LEU D 463 -6.18 13.61 16.47
C LEU D 463 -7.49 13.99 17.18
N GLU D 464 -8.18 13.01 17.81
CA GLU D 464 -9.42 13.23 18.55
C GLU D 464 -9.14 13.98 19.85
N ARG D 465 -8.05 13.61 20.55
CA ARG D 465 -7.62 14.21 21.82
C ARG D 465 -7.10 15.64 21.61
N LEU D 466 -6.35 15.89 20.51
CA LEU D 466 -5.80 17.20 20.17
C LEU D 466 -6.88 18.22 19.80
N GLN D 467 -7.91 17.77 19.05
CA GLN D 467 -9.03 18.61 18.61
C GLN D 467 -9.89 19.07 19.79
N ALA D 468 -10.05 18.21 20.82
CA ALA D 468 -10.80 18.52 22.04
C ALA D 468 -10.07 19.58 22.88
N LEU D 469 -8.72 19.55 22.85
CA LEU D 469 -7.85 20.51 23.56
C LEU D 469 -7.80 21.85 22.83
N LYS D 470 -7.84 21.83 21.48
CA LYS D 470 -7.82 23.01 20.62
C LYS D 470 -9.12 23.82 20.79
N THR D 471 -10.26 23.11 20.98
CA THR D 471 -11.59 23.68 21.18
C THR D 471 -11.66 24.37 22.55
N CYS E 1 11.88 -2.50 -34.69
CA CYS E 1 11.28 -3.02 -33.46
C CYS E 1 12.24 -2.87 -32.27
N SER E 2 11.72 -3.07 -31.04
CA SER E 2 12.48 -2.90 -29.80
C SER E 2 12.46 -4.16 -28.89
N ILE E 3 12.67 -3.96 -27.56
CA ILE E 3 12.69 -4.99 -26.51
C ILE E 3 11.52 -4.74 -25.56
N CYS F 1 -21.91 47.80 -6.88
CA CYS F 1 -21.33 46.78 -6.01
C CYS F 1 -22.33 45.63 -5.75
N SER F 2 -21.88 44.58 -5.04
CA SER F 2 -22.67 43.39 -4.72
C SER F 2 -23.00 43.30 -3.21
N ILE F 3 -23.40 42.09 -2.75
CA ILE F 3 -23.77 41.79 -1.36
C ILE F 3 -22.81 40.73 -0.78
N MET F 4 -22.45 39.71 -1.58
CA MET F 4 -21.54 38.62 -1.19
C MET F 4 -20.28 38.62 -2.06
N CYS G 1 15.03 -50.73 5.68
CA CYS G 1 15.23 -49.40 5.13
C CYS G 1 14.08 -48.99 4.21
N SER G 2 14.13 -47.75 3.65
CA SER G 2 13.09 -47.20 2.77
C SER G 2 13.56 -47.08 1.31
N ILE G 3 12.82 -46.28 0.49
CA ILE G 3 13.09 -46.03 -0.94
C ILE G 3 13.37 -44.54 -1.16
N MET G 4 12.61 -43.65 -0.48
CA MET G 4 12.76 -42.19 -0.57
C MET G 4 13.18 -41.57 0.77
N CYS H 1 -4.57 4.90 36.47
CA CYS H 1 -4.62 5.18 35.04
C CYS H 1 -3.31 5.85 34.57
N SER H 2 -3.12 5.90 33.23
CA SER H 2 -1.92 6.46 32.61
C SER H 2 -2.21 7.64 31.65
N ILE H 3 -1.21 7.99 30.82
CA ILE H 3 -1.26 9.08 29.83
C ILE H 3 -1.70 8.52 28.48
#